data_3U7L
# 
_entry.id   3U7L 
# 
_audit_conform.dict_name       mmcif_pdbx.dic 
_audit_conform.dict_version    5.399 
_audit_conform.dict_location   http://mmcif.pdb.org/dictionaries/ascii/mmcif_pdbx.dic 
# 
loop_
_database_2.database_id 
_database_2.database_code 
_database_2.pdbx_database_accession 
_database_2.pdbx_DOI 
PDB   3U7L         pdb_00003u7l 10.2210/pdb3u7l/pdb 
RCSB  RCSB068406   ?            ?                   
WWPDB D_1000068406 ?            ?                   
# 
loop_
_pdbx_audit_revision_history.ordinal 
_pdbx_audit_revision_history.data_content_type 
_pdbx_audit_revision_history.major_revision 
_pdbx_audit_revision_history.minor_revision 
_pdbx_audit_revision_history.revision_date 
1 'Structure model' 1 0 2012-06-27 
2 'Structure model' 1 1 2017-03-01 
3 'Structure model' 1 2 2023-11-01 
4 'Structure model' 1 3 2024-11-20 
# 
_pdbx_audit_revision_details.ordinal             1 
_pdbx_audit_revision_details.revision_ordinal    1 
_pdbx_audit_revision_details.data_content_type   'Structure model' 
_pdbx_audit_revision_details.provider            repository 
_pdbx_audit_revision_details.type                'Initial release' 
_pdbx_audit_revision_details.description         ? 
_pdbx_audit_revision_details.details             ? 
# 
loop_
_pdbx_audit_revision_group.ordinal 
_pdbx_audit_revision_group.revision_ordinal 
_pdbx_audit_revision_group.data_content_type 
_pdbx_audit_revision_group.group 
1 2 'Structure model' 'Database references'    
2 3 'Structure model' 'Data collection'        
3 3 'Structure model' 'Database references'    
4 3 'Structure model' 'Derived calculations'   
5 3 'Structure model' 'Refinement description' 
6 4 'Structure model' 'Structure summary'      
# 
loop_
_pdbx_audit_revision_category.ordinal 
_pdbx_audit_revision_category.revision_ordinal 
_pdbx_audit_revision_category.data_content_type 
_pdbx_audit_revision_category.category 
1  3 'Structure model' chem_comp_atom                
2  3 'Structure model' chem_comp_bond                
3  3 'Structure model' database_2                    
4  3 'Structure model' pdbx_initial_refinement_model 
5  3 'Structure model' pdbx_struct_conn_angle        
6  3 'Structure model' struct_conn                   
7  3 'Structure model' struct_ref_seq_dif            
8  3 'Structure model' struct_site                   
9  4 'Structure model' pdbx_entry_details            
10 4 'Structure model' pdbx_modification_feature     
# 
loop_
_pdbx_audit_revision_item.ordinal 
_pdbx_audit_revision_item.revision_ordinal 
_pdbx_audit_revision_item.data_content_type 
_pdbx_audit_revision_item.item 
1  3 'Structure model' '_database_2.pdbx_DOI'                        
2  3 'Structure model' '_database_2.pdbx_database_accession'         
3  3 'Structure model' '_pdbx_struct_conn_angle.ptnr1_auth_comp_id'  
4  3 'Structure model' '_pdbx_struct_conn_angle.ptnr1_auth_seq_id'   
5  3 'Structure model' '_pdbx_struct_conn_angle.ptnr1_label_atom_id' 
6  3 'Structure model' '_pdbx_struct_conn_angle.ptnr1_label_comp_id' 
7  3 'Structure model' '_pdbx_struct_conn_angle.ptnr1_label_seq_id'  
8  3 'Structure model' '_pdbx_struct_conn_angle.ptnr3_auth_comp_id'  
9  3 'Structure model' '_pdbx_struct_conn_angle.ptnr3_auth_seq_id'   
10 3 'Structure model' '_pdbx_struct_conn_angle.ptnr3_label_atom_id' 
11 3 'Structure model' '_pdbx_struct_conn_angle.ptnr3_label_comp_id' 
12 3 'Structure model' '_pdbx_struct_conn_angle.ptnr3_label_seq_id'  
13 3 'Structure model' '_pdbx_struct_conn_angle.value'               
14 3 'Structure model' '_struct_conn.pdbx_dist_value'                
15 3 'Structure model' '_struct_conn.pdbx_leaving_atom_flag'         
16 3 'Structure model' '_struct_conn.ptnr1_auth_comp_id'             
17 3 'Structure model' '_struct_conn.ptnr1_auth_seq_id'              
18 3 'Structure model' '_struct_conn.ptnr1_label_asym_id'            
19 3 'Structure model' '_struct_conn.ptnr1_label_atom_id'            
20 3 'Structure model' '_struct_conn.ptnr1_label_comp_id'            
21 3 'Structure model' '_struct_conn.ptnr1_label_seq_id'             
22 3 'Structure model' '_struct_conn.ptnr2_auth_comp_id'             
23 3 'Structure model' '_struct_conn.ptnr2_auth_seq_id'              
24 3 'Structure model' '_struct_conn.ptnr2_label_asym_id'            
25 3 'Structure model' '_struct_conn.ptnr2_label_atom_id'            
26 3 'Structure model' '_struct_conn.ptnr2_label_comp_id'            
27 3 'Structure model' '_struct_ref_seq_dif.details'                 
28 3 'Structure model' '_struct_site.pdbx_auth_asym_id'              
29 3 'Structure model' '_struct_site.pdbx_auth_comp_id'              
30 3 'Structure model' '_struct_site.pdbx_auth_seq_id'               
# 
_pdbx_database_status.status_code                     REL 
_pdbx_database_status.entry_id                        3U7L 
_pdbx_database_status.recvd_initial_deposition_date   2011-10-14 
_pdbx_database_status.deposit_site                    RCSB 
_pdbx_database_status.process_site                    PDBJ 
_pdbx_database_status.status_code_sf                  REL 
_pdbx_database_status.status_code_mr                  ? 
_pdbx_database_status.SG_entry                        ? 
_pdbx_database_status.status_code_cs                  ? 
_pdbx_database_status.methods_development_category    ? 
_pdbx_database_status.pdb_format_compatible           Y 
_pdbx_database_status.status_code_nmr_data            ? 
# 
loop_
_pdbx_database_related.db_name 
_pdbx_database_related.db_id 
_pdbx_database_related.details 
_pdbx_database_related.content_type 
PDB 3U7K . unspecified 
PDB 3U7M . unspecified 
PDB 3U7N . unspecified 
# 
loop_
_audit_author.name 
_audit_author.pdbx_ordinal 
'Lee, S.J.'   1 
'Lee, S.-J.'  2 
'Lee, S.K.'   3 
'Yoon, H.-J.' 4 
'Lee, H.H.'   5 
'Kim, K.K.'   6 
'Lee, B.J.'   7 
'Suh, S.W.'   8 
# 
_citation.id                        primary 
_citation.title                     
'Structures of Staphylococcus aureus peptide deformylase in complex with two classes of new inhibitors' 
_citation.journal_abbrev            'Acta Crystallogr.,Sect.D' 
_citation.journal_volume            68 
_citation.page_first                784 
_citation.page_last                 793 
_citation.year                      2012 
_citation.journal_id_ASTM           ABCRE6 
_citation.country                   DK 
_citation.journal_id_ISSN           0907-4449 
_citation.journal_id_CSD            0766 
_citation.book_publisher            ? 
_citation.pdbx_database_id_PubMed   22751663 
_citation.pdbx_database_id_DOI      10.1107/S0907444912011912 
# 
loop_
_citation_author.citation_id 
_citation_author.name 
_citation_author.ordinal 
_citation_author.identifier_ORCID 
primary 'Lee, S.J.'   1 ? 
primary 'Lee, S.-J.'  2 ? 
primary 'Lee, S.K.'   3 ? 
primary 'Yoon, H.-J.' 4 ? 
primary 'Lee, H.H.'   5 ? 
primary 'Kim, K.K.'   6 ? 
primary 'Lee, B.J.'   7 ? 
primary 'Lee, B.I.'   8 ? 
primary 'Suh, S.W.'   9 ? 
# 
loop_
_entity.id 
_entity.type 
_entity.src_method 
_entity.pdbx_description 
_entity.formula_weight 
_entity.pdbx_number_of_molecules 
_entity.pdbx_ec 
_entity.pdbx_mutation 
_entity.pdbx_fragment 
_entity.details 
1 polymer     man 'Peptide deformylase' 21692.713 1   3.5.1.88 ? ? ? 
2 non-polymer syn 'ZINC ION' 65.409    1   ?        ? ? ? 
3 non-polymer syn 
'(S)-N-(cyclopentylmethyl)-2-(3-(3,5-difluorophenyl)ureido)-N-(2-(hydroxyamino)-2-oxoethyl)-3,3-dimethylbutanamide' 440.484   1   
?        ? ? ? 
4 water       nat water 18.015    121 ?        ? ? ? 
# 
_entity_name_com.entity_id   1 
_entity_name_com.name        'PDF, Polypeptide deformylase' 
# 
_entity_poly.entity_id                      1 
_entity_poly.type                           'polypeptide(L)' 
_entity_poly.nstd_linkage                   no 
_entity_poly.nstd_monomer                   yes 
_entity_poly.pdbx_seq_one_letter_code       
;MLTMKDIIRDGHPTLRQKAAELELPLTKEEKETLIAMREFLVNSQDEEIAKRYGLRSGVGLAAPQINISKRMIAVLIPDD
GSGKSYDYMLVNPKIVSHSVQEAYLPTGEG(CSD)LSVDDNVAGLVHRHNRITIKAKDIEGNDIQLRLKGYPAIVFQHEI
DHLNGVMFYDHIDKDHPLQPHTDAVEVLEHHHHHH
;
_entity_poly.pdbx_seq_one_letter_code_can   
;MLTMKDIIRDGHPTLRQKAAELELPLTKEEKETLIAMREFLVNSQDEEIAKRYGLRSGVGLAAPQINISKRMIAVLIPDD
GSGKSYDYMLVNPKIVSHSVQEAYLPTGEGCLSVDDNVAGLVHRHNRITIKAKDIEGNDIQLRLKGYPAIVFQHEIDHLN
GVMFYDHIDKDHPLQPHTDAVEVLEHHHHHH
;
_entity_poly.pdbx_strand_id                 A 
_entity_poly.pdbx_target_identifier         ? 
# 
loop_
_pdbx_entity_nonpoly.entity_id 
_pdbx_entity_nonpoly.name 
_pdbx_entity_nonpoly.comp_id 
2 'ZINC ION'                                                                                                          ZN  
3 '(S)-N-(cyclopentylmethyl)-2-(3-(3,5-difluorophenyl)ureido)-N-(2-(hydroxyamino)-2-oxoethyl)-3,3-dimethylbutanamide' UDB 
4 water                                                                                                               HOH 
# 
loop_
_entity_poly_seq.entity_id 
_entity_poly_seq.num 
_entity_poly_seq.mon_id 
_entity_poly_seq.hetero 
1 1   MET n 
1 2   LEU n 
1 3   THR n 
1 4   MET n 
1 5   LYS n 
1 6   ASP n 
1 7   ILE n 
1 8   ILE n 
1 9   ARG n 
1 10  ASP n 
1 11  GLY n 
1 12  HIS n 
1 13  PRO n 
1 14  THR n 
1 15  LEU n 
1 16  ARG n 
1 17  GLN n 
1 18  LYS n 
1 19  ALA n 
1 20  ALA n 
1 21  GLU n 
1 22  LEU n 
1 23  GLU n 
1 24  LEU n 
1 25  PRO n 
1 26  LEU n 
1 27  THR n 
1 28  LYS n 
1 29  GLU n 
1 30  GLU n 
1 31  LYS n 
1 32  GLU n 
1 33  THR n 
1 34  LEU n 
1 35  ILE n 
1 36  ALA n 
1 37  MET n 
1 38  ARG n 
1 39  GLU n 
1 40  PHE n 
1 41  LEU n 
1 42  VAL n 
1 43  ASN n 
1 44  SER n 
1 45  GLN n 
1 46  ASP n 
1 47  GLU n 
1 48  GLU n 
1 49  ILE n 
1 50  ALA n 
1 51  LYS n 
1 52  ARG n 
1 53  TYR n 
1 54  GLY n 
1 55  LEU n 
1 56  ARG n 
1 57  SER n 
1 58  GLY n 
1 59  VAL n 
1 60  GLY n 
1 61  LEU n 
1 62  ALA n 
1 63  ALA n 
1 64  PRO n 
1 65  GLN n 
1 66  ILE n 
1 67  ASN n 
1 68  ILE n 
1 69  SER n 
1 70  LYS n 
1 71  ARG n 
1 72  MET n 
1 73  ILE n 
1 74  ALA n 
1 75  VAL n 
1 76  LEU n 
1 77  ILE n 
1 78  PRO n 
1 79  ASP n 
1 80  ASP n 
1 81  GLY n 
1 82  SER n 
1 83  GLY n 
1 84  LYS n 
1 85  SER n 
1 86  TYR n 
1 87  ASP n 
1 88  TYR n 
1 89  MET n 
1 90  LEU n 
1 91  VAL n 
1 92  ASN n 
1 93  PRO n 
1 94  LYS n 
1 95  ILE n 
1 96  VAL n 
1 97  SER n 
1 98  HIS n 
1 99  SER n 
1 100 VAL n 
1 101 GLN n 
1 102 GLU n 
1 103 ALA n 
1 104 TYR n 
1 105 LEU n 
1 106 PRO n 
1 107 THR n 
1 108 GLY n 
1 109 GLU n 
1 110 GLY n 
1 111 CSD n 
1 112 LEU n 
1 113 SER n 
1 114 VAL n 
1 115 ASP n 
1 116 ASP n 
1 117 ASN n 
1 118 VAL n 
1 119 ALA n 
1 120 GLY n 
1 121 LEU n 
1 122 VAL n 
1 123 HIS n 
1 124 ARG n 
1 125 HIS n 
1 126 ASN n 
1 127 ARG n 
1 128 ILE n 
1 129 THR n 
1 130 ILE n 
1 131 LYS n 
1 132 ALA n 
1 133 LYS n 
1 134 ASP n 
1 135 ILE n 
1 136 GLU n 
1 137 GLY n 
1 138 ASN n 
1 139 ASP n 
1 140 ILE n 
1 141 GLN n 
1 142 LEU n 
1 143 ARG n 
1 144 LEU n 
1 145 LYS n 
1 146 GLY n 
1 147 TYR n 
1 148 PRO n 
1 149 ALA n 
1 150 ILE n 
1 151 VAL n 
1 152 PHE n 
1 153 GLN n 
1 154 HIS n 
1 155 GLU n 
1 156 ILE n 
1 157 ASP n 
1 158 HIS n 
1 159 LEU n 
1 160 ASN n 
1 161 GLY n 
1 162 VAL n 
1 163 MET n 
1 164 PHE n 
1 165 TYR n 
1 166 ASP n 
1 167 HIS n 
1 168 ILE n 
1 169 ASP n 
1 170 LYS n 
1 171 ASP n 
1 172 HIS n 
1 173 PRO n 
1 174 LEU n 
1 175 GLN n 
1 176 PRO n 
1 177 HIS n 
1 178 THR n 
1 179 ASP n 
1 180 ALA n 
1 181 VAL n 
1 182 GLU n 
1 183 VAL n 
1 184 LEU n 
1 185 GLU n 
1 186 HIS n 
1 187 HIS n 
1 188 HIS n 
1 189 HIS n 
1 190 HIS n 
1 191 HIS n 
# 
_entity_src_gen.entity_id                          1 
_entity_src_gen.pdbx_src_id                        1 
_entity_src_gen.pdbx_alt_source_flag               sample 
_entity_src_gen.pdbx_seq_type                      ? 
_entity_src_gen.pdbx_beg_seq_num                   ? 
_entity_src_gen.pdbx_end_seq_num                   ? 
_entity_src_gen.gene_src_common_name               ? 
_entity_src_gen.gene_src_genus                     ? 
_entity_src_gen.pdbx_gene_src_gene                 sacol1100 
_entity_src_gen.gene_src_species                   ? 
_entity_src_gen.gene_src_strain                    COL 
_entity_src_gen.gene_src_tissue                    ? 
_entity_src_gen.gene_src_tissue_fraction           ? 
_entity_src_gen.gene_src_details                   ? 
_entity_src_gen.pdbx_gene_src_fragment             ? 
_entity_src_gen.pdbx_gene_src_scientific_name      'Staphylococcus aureus' 
_entity_src_gen.pdbx_gene_src_ncbi_taxonomy_id     93062 
_entity_src_gen.pdbx_gene_src_variant              ? 
_entity_src_gen.pdbx_gene_src_cell_line            ? 
_entity_src_gen.pdbx_gene_src_atcc                 ? 
_entity_src_gen.pdbx_gene_src_organ                ? 
_entity_src_gen.pdbx_gene_src_organelle            ? 
_entity_src_gen.pdbx_gene_src_cell                 ? 
_entity_src_gen.pdbx_gene_src_cellular_location    ? 
_entity_src_gen.host_org_common_name               ? 
_entity_src_gen.pdbx_host_org_scientific_name      'Escherichia coli' 
_entity_src_gen.pdbx_host_org_ncbi_taxonomy_id     562 
_entity_src_gen.host_org_genus                     ? 
_entity_src_gen.pdbx_host_org_gene                 ? 
_entity_src_gen.pdbx_host_org_organ                ? 
_entity_src_gen.host_org_species                   ? 
_entity_src_gen.pdbx_host_org_tissue               ? 
_entity_src_gen.pdbx_host_org_tissue_fraction      ? 
_entity_src_gen.pdbx_host_org_strain               'C41(DE3)' 
_entity_src_gen.pdbx_host_org_variant              ? 
_entity_src_gen.pdbx_host_org_cell_line            ? 
_entity_src_gen.pdbx_host_org_atcc                 ? 
_entity_src_gen.pdbx_host_org_culture_collection   ? 
_entity_src_gen.pdbx_host_org_cell                 ? 
_entity_src_gen.pdbx_host_org_organelle            ? 
_entity_src_gen.pdbx_host_org_cellular_location    ? 
_entity_src_gen.pdbx_host_org_vector_type          plasmid 
_entity_src_gen.pdbx_host_org_vector               ? 
_entity_src_gen.host_org_details                   ? 
_entity_src_gen.expression_system_id               ? 
_entity_src_gen.plasmid_name                       'pET-21a(+)' 
_entity_src_gen.plasmid_details                    ? 
_entity_src_gen.pdbx_description                   ? 
# 
loop_
_chem_comp.id 
_chem_comp.type 
_chem_comp.mon_nstd_flag 
_chem_comp.name 
_chem_comp.pdbx_synonyms 
_chem_comp.formula 
_chem_comp.formula_weight 
ALA 'L-peptide linking' y ALANINE ?                                            'C3 H7 N O2'       89.093  
ARG 'L-peptide linking' y ARGININE ?                                            'C6 H15 N4 O2 1'   175.209 
ASN 'L-peptide linking' y ASPARAGINE ?                                            'C4 H8 N2 O3'      132.118 
ASP 'L-peptide linking' y 'ASPARTIC ACID' ?                                            'C4 H7 N O4'       133.103 
CSD 'L-peptide linking' n 3-SULFINOALANINE 'S-CYSTEINESULFINIC ACID; S-SULFINOCYSTEINE' 'C3 H7 N O4 S'     153.157 
GLN 'L-peptide linking' y GLUTAMINE ?                                            'C5 H10 N2 O3'     146.144 
GLU 'L-peptide linking' y 'GLUTAMIC ACID' ?                                            'C5 H9 N O4'       147.129 
GLY 'peptide linking'   y GLYCINE ?                                            'C2 H5 N O2'       75.067  
HIS 'L-peptide linking' y HISTIDINE ?                                            'C6 H10 N3 O2 1'   156.162 
HOH non-polymer         . WATER ?                                            'H2 O'             18.015  
ILE 'L-peptide linking' y ISOLEUCINE ?                                            'C6 H13 N O2'      131.173 
LEU 'L-peptide linking' y LEUCINE ?                                            'C6 H13 N O2'      131.173 
LYS 'L-peptide linking' y LYSINE ?                                            'C6 H15 N2 O2 1'   147.195 
MET 'L-peptide linking' y METHIONINE ?                                            'C5 H11 N O2 S'    149.211 
PHE 'L-peptide linking' y PHENYLALANINE ?                                            'C9 H11 N O2'      165.189 
PRO 'L-peptide linking' y PROLINE ?                                            'C5 H9 N O2'       115.130 
SER 'L-peptide linking' y SERINE ?                                            'C3 H7 N O3'       105.093 
THR 'L-peptide linking' y THREONINE ?                                            'C4 H9 N O3'       119.119 
TYR 'L-peptide linking' y TYROSINE ?                                            'C9 H11 N O3'      181.189 
UDB non-polymer         . 
'(S)-N-(cyclopentylmethyl)-2-(3-(3,5-difluorophenyl)ureido)-N-(2-(hydroxyamino)-2-oxoethyl)-3,3-dimethylbutanamide' ? 
'C21 H30 F2 N4 O4' 440.484 
VAL 'L-peptide linking' y VALINE ?                                            'C5 H11 N O2'      117.146 
ZN  non-polymer         . 'ZINC ION' ?                                            'Zn 2'             65.409  
# 
loop_
_pdbx_poly_seq_scheme.asym_id 
_pdbx_poly_seq_scheme.entity_id 
_pdbx_poly_seq_scheme.seq_id 
_pdbx_poly_seq_scheme.mon_id 
_pdbx_poly_seq_scheme.ndb_seq_num 
_pdbx_poly_seq_scheme.pdb_seq_num 
_pdbx_poly_seq_scheme.auth_seq_num 
_pdbx_poly_seq_scheme.pdb_mon_id 
_pdbx_poly_seq_scheme.auth_mon_id 
_pdbx_poly_seq_scheme.pdb_strand_id 
_pdbx_poly_seq_scheme.pdb_ins_code 
_pdbx_poly_seq_scheme.hetero 
A 1 1   MET 1   1   1   MET MET A . n 
A 1 2   LEU 2   2   2   LEU LEU A . n 
A 1 3   THR 3   3   3   THR THR A . n 
A 1 4   MET 4   4   4   MET MET A . n 
A 1 5   LYS 5   5   5   LYS LYS A . n 
A 1 6   ASP 6   6   6   ASP ASP A . n 
A 1 7   ILE 7   7   7   ILE ILE A . n 
A 1 8   ILE 8   8   8   ILE ILE A . n 
A 1 9   ARG 9   9   9   ARG ARG A . n 
A 1 10  ASP 10  10  10  ASP ASP A . n 
A 1 11  GLY 11  11  11  GLY GLY A . n 
A 1 12  HIS 12  12  12  HIS HIS A . n 
A 1 13  PRO 13  13  13  PRO PRO A . n 
A 1 14  THR 14  14  14  THR THR A . n 
A 1 15  LEU 15  15  15  LEU LEU A . n 
A 1 16  ARG 16  16  16  ARG ARG A . n 
A 1 17  GLN 17  17  17  GLN GLN A . n 
A 1 18  LYS 18  18  18  LYS LYS A . n 
A 1 19  ALA 19  19  19  ALA ALA A . n 
A 1 20  ALA 20  20  20  ALA ALA A . n 
A 1 21  GLU 21  21  21  GLU GLU A . n 
A 1 22  LEU 22  22  22  LEU LEU A . n 
A 1 23  GLU 23  23  23  GLU GLU A . n 
A 1 24  LEU 24  24  24  LEU LEU A . n 
A 1 25  PRO 25  25  25  PRO PRO A . n 
A 1 26  LEU 26  26  26  LEU LEU A . n 
A 1 27  THR 27  27  27  THR THR A . n 
A 1 28  LYS 28  28  28  LYS LYS A . n 
A 1 29  GLU 29  29  29  GLU GLU A . n 
A 1 30  GLU 30  30  30  GLU GLU A . n 
A 1 31  LYS 31  31  31  LYS LYS A . n 
A 1 32  GLU 32  32  32  GLU GLU A . n 
A 1 33  THR 33  33  33  THR THR A . n 
A 1 34  LEU 34  34  34  LEU LEU A . n 
A 1 35  ILE 35  35  35  ILE ILE A . n 
A 1 36  ALA 36  36  36  ALA ALA A . n 
A 1 37  MET 37  37  37  MET MET A . n 
A 1 38  ARG 38  38  38  ARG ARG A . n 
A 1 39  GLU 39  39  39  GLU GLU A . n 
A 1 40  PHE 40  40  40  PHE PHE A . n 
A 1 41  LEU 41  41  41  LEU LEU A . n 
A 1 42  VAL 42  42  42  VAL VAL A . n 
A 1 43  ASN 43  43  43  ASN ASN A . n 
A 1 44  SER 44  44  44  SER SER A . n 
A 1 45  GLN 45  45  45  GLN GLN A . n 
A 1 46  ASP 46  46  46  ASP ASP A . n 
A 1 47  GLU 47  47  47  GLU GLU A . n 
A 1 48  GLU 48  48  48  GLU GLU A . n 
A 1 49  ILE 49  49  49  ILE ILE A . n 
A 1 50  ALA 50  50  50  ALA ALA A . n 
A 1 51  LYS 51  51  51  LYS LYS A . n 
A 1 52  ARG 52  52  52  ARG ARG A . n 
A 1 53  TYR 53  53  53  TYR TYR A . n 
A 1 54  GLY 54  54  54  GLY GLY A . n 
A 1 55  LEU 55  55  55  LEU LEU A . n 
A 1 56  ARG 56  56  56  ARG ARG A . n 
A 1 57  SER 57  57  57  SER SER A . n 
A 1 58  GLY 58  58  58  GLY GLY A . n 
A 1 59  VAL 59  59  59  VAL VAL A . n 
A 1 60  GLY 60  60  60  GLY GLY A . n 
A 1 61  LEU 61  61  61  LEU LEU A . n 
A 1 62  ALA 62  62  62  ALA ALA A . n 
A 1 63  ALA 63  63  63  ALA ALA A . n 
A 1 64  PRO 64  64  64  PRO PRO A . n 
A 1 65  GLN 65  65  65  GLN GLN A . n 
A 1 66  ILE 66  66  66  ILE ILE A . n 
A 1 67  ASN 67  67  67  ASN ASN A . n 
A 1 68  ILE 68  68  68  ILE ILE A . n 
A 1 69  SER 69  69  69  SER SER A . n 
A 1 70  LYS 70  70  70  LYS LYS A . n 
A 1 71  ARG 71  71  71  ARG ARG A . n 
A 1 72  MET 72  72  72  MET MET A . n 
A 1 73  ILE 73  73  73  ILE ILE A . n 
A 1 74  ALA 74  74  74  ALA ALA A . n 
A 1 75  VAL 75  75  75  VAL VAL A . n 
A 1 76  LEU 76  76  76  LEU LEU A . n 
A 1 77  ILE 77  77  77  ILE ILE A . n 
A 1 78  PRO 78  78  78  PRO PRO A . n 
A 1 79  ASP 79  79  79  ASP ASP A . n 
A 1 80  ASP 80  80  80  ASP ASP A . n 
A 1 81  GLY 81  81  81  GLY GLY A . n 
A 1 82  SER 82  82  82  SER SER A . n 
A 1 83  GLY 83  83  83  GLY GLY A . n 
A 1 84  LYS 84  84  84  LYS LYS A . n 
A 1 85  SER 85  85  85  SER SER A . n 
A 1 86  TYR 86  86  86  TYR TYR A . n 
A 1 87  ASP 87  87  87  ASP ASP A . n 
A 1 88  TYR 88  88  88  TYR TYR A . n 
A 1 89  MET 89  89  89  MET MET A . n 
A 1 90  LEU 90  90  90  LEU LEU A . n 
A 1 91  VAL 91  91  91  VAL VAL A . n 
A 1 92  ASN 92  92  92  ASN ASN A . n 
A 1 93  PRO 93  93  93  PRO PRO A . n 
A 1 94  LYS 94  94  94  LYS LYS A . n 
A 1 95  ILE 95  95  95  ILE ILE A . n 
A 1 96  VAL 96  96  96  VAL VAL A . n 
A 1 97  SER 97  97  97  SER SER A . n 
A 1 98  HIS 98  98  98  HIS HIS A . n 
A 1 99  SER 99  99  99  SER SER A . n 
A 1 100 VAL 100 100 100 VAL VAL A . n 
A 1 101 GLN 101 101 101 GLN GLN A . n 
A 1 102 GLU 102 102 102 GLU GLU A . n 
A 1 103 ALA 103 103 103 ALA ALA A . n 
A 1 104 TYR 104 104 104 TYR TYR A . n 
A 1 105 LEU 105 105 105 LEU LEU A . n 
A 1 106 PRO 106 106 106 PRO PRO A . n 
A 1 107 THR 107 107 107 THR THR A . n 
A 1 108 GLY 108 108 108 GLY GLY A . n 
A 1 109 GLU 109 109 109 GLU GLU A . n 
A 1 110 GLY 110 110 110 GLY GLY A . n 
A 1 111 CSD 111 111 111 CSD CSD A . n 
A 1 112 LEU 112 112 112 LEU LEU A . n 
A 1 113 SER 113 113 113 SER SER A . n 
A 1 114 VAL 114 114 114 VAL VAL A . n 
A 1 115 ASP 115 115 115 ASP ASP A . n 
A 1 116 ASP 116 116 116 ASP ASP A . n 
A 1 117 ASN 117 117 117 ASN ASN A . n 
A 1 118 VAL 118 118 118 VAL VAL A . n 
A 1 119 ALA 119 119 119 ALA ALA A . n 
A 1 120 GLY 120 120 120 GLY GLY A . n 
A 1 121 LEU 121 121 121 LEU LEU A . n 
A 1 122 VAL 122 122 122 VAL VAL A . n 
A 1 123 HIS 123 123 123 HIS HIS A . n 
A 1 124 ARG 124 124 124 ARG ARG A . n 
A 1 125 HIS 125 125 125 HIS HIS A . n 
A 1 126 ASN 126 126 126 ASN ASN A . n 
A 1 127 ARG 127 127 127 ARG ARG A . n 
A 1 128 ILE 128 128 128 ILE ILE A . n 
A 1 129 THR 129 129 129 THR THR A . n 
A 1 130 ILE 130 130 130 ILE ILE A . n 
A 1 131 LYS 131 131 131 LYS LYS A . n 
A 1 132 ALA 132 132 132 ALA ALA A . n 
A 1 133 LYS 133 133 133 LYS LYS A . n 
A 1 134 ASP 134 134 134 ASP ASP A . n 
A 1 135 ILE 135 135 135 ILE ILE A . n 
A 1 136 GLU 136 136 136 GLU GLU A . n 
A 1 137 GLY 137 137 137 GLY GLY A . n 
A 1 138 ASN 138 138 138 ASN ASN A . n 
A 1 139 ASP 139 139 139 ASP ASP A . n 
A 1 140 ILE 140 140 140 ILE ILE A . n 
A 1 141 GLN 141 141 141 GLN GLN A . n 
A 1 142 LEU 142 142 142 LEU LEU A . n 
A 1 143 ARG 143 143 143 ARG ARG A . n 
A 1 144 LEU 144 144 144 LEU LEU A . n 
A 1 145 LYS 145 145 145 LYS LYS A . n 
A 1 146 GLY 146 146 146 GLY GLY A . n 
A 1 147 TYR 147 147 147 TYR TYR A . n 
A 1 148 PRO 148 148 148 PRO PRO A . n 
A 1 149 ALA 149 149 149 ALA ALA A . n 
A 1 150 ILE 150 150 150 ILE ILE A . n 
A 1 151 VAL 151 151 151 VAL VAL A . n 
A 1 152 PHE 152 152 152 PHE PHE A . n 
A 1 153 GLN 153 153 153 GLN GLN A . n 
A 1 154 HIS 154 154 154 HIS HIS A . n 
A 1 155 GLU 155 155 155 GLU GLU A . n 
A 1 156 ILE 156 156 156 ILE ILE A . n 
A 1 157 ASP 157 157 157 ASP ASP A . n 
A 1 158 HIS 158 158 158 HIS HIS A . n 
A 1 159 LEU 159 159 159 LEU LEU A . n 
A 1 160 ASN 160 160 160 ASN ASN A . n 
A 1 161 GLY 161 161 161 GLY GLY A . n 
A 1 162 VAL 162 162 162 VAL VAL A . n 
A 1 163 MET 163 163 163 MET MET A . n 
A 1 164 PHE 164 164 164 PHE PHE A . n 
A 1 165 TYR 165 165 165 TYR TYR A . n 
A 1 166 ASP 166 166 166 ASP ASP A . n 
A 1 167 HIS 167 167 167 HIS HIS A . n 
A 1 168 ILE 168 168 168 ILE ILE A . n 
A 1 169 ASP 169 169 169 ASP ASP A . n 
A 1 170 LYS 170 170 170 LYS LYS A . n 
A 1 171 ASP 171 171 171 ASP ASP A . n 
A 1 172 HIS 172 172 172 HIS HIS A . n 
A 1 173 PRO 173 173 173 PRO PRO A . n 
A 1 174 LEU 174 174 174 LEU LEU A . n 
A 1 175 GLN 175 175 175 GLN GLN A . n 
A 1 176 PRO 176 176 176 PRO PRO A . n 
A 1 177 HIS 177 177 177 HIS HIS A . n 
A 1 178 THR 178 178 178 THR THR A . n 
A 1 179 ASP 179 179 179 ASP ASP A . n 
A 1 180 ALA 180 180 180 ALA ALA A . n 
A 1 181 VAL 181 181 181 VAL VAL A . n 
A 1 182 GLU 182 182 182 GLU GLU A . n 
A 1 183 VAL 183 183 183 VAL VAL A . n 
A 1 184 LEU 184 184 184 LEU LEU A . n 
A 1 185 GLU 185 185 185 GLU GLU A . n 
A 1 186 HIS 186 186 ?   ?   ?   A . n 
A 1 187 HIS 187 187 ?   ?   ?   A . n 
A 1 188 HIS 188 188 ?   ?   ?   A . n 
A 1 189 HIS 189 189 ?   ?   ?   A . n 
A 1 190 HIS 190 190 ?   ?   ?   A . n 
A 1 191 HIS 191 191 ?   ?   ?   A . n 
# 
loop_
_pdbx_nonpoly_scheme.asym_id 
_pdbx_nonpoly_scheme.entity_id 
_pdbx_nonpoly_scheme.mon_id 
_pdbx_nonpoly_scheme.ndb_seq_num 
_pdbx_nonpoly_scheme.pdb_seq_num 
_pdbx_nonpoly_scheme.auth_seq_num 
_pdbx_nonpoly_scheme.pdb_mon_id 
_pdbx_nonpoly_scheme.auth_mon_id 
_pdbx_nonpoly_scheme.pdb_strand_id 
_pdbx_nonpoly_scheme.pdb_ins_code 
B 2 ZN  1   350 350 ZN  ZN2 A . 
C 3 UDB 1   192 1   UDB DRG A . 
D 4 HOH 1   193 1   HOH HOH A . 
D 4 HOH 2   194 2   HOH HOH A . 
D 4 HOH 3   195 3   HOH HOH A . 
D 4 HOH 4   196 4   HOH HOH A . 
D 4 HOH 5   197 5   HOH HOH A . 
D 4 HOH 6   198 6   HOH HOH A . 
D 4 HOH 7   199 7   HOH HOH A . 
D 4 HOH 8   200 8   HOH HOH A . 
D 4 HOH 9   201 9   HOH HOH A . 
D 4 HOH 10  202 10  HOH HOH A . 
D 4 HOH 11  203 11  HOH HOH A . 
D 4 HOH 12  204 12  HOH HOH A . 
D 4 HOH 13  205 13  HOH HOH A . 
D 4 HOH 14  206 14  HOH HOH A . 
D 4 HOH 15  207 15  HOH HOH A . 
D 4 HOH 16  208 16  HOH HOH A . 
D 4 HOH 17  209 17  HOH HOH A . 
D 4 HOH 18  210 18  HOH HOH A . 
D 4 HOH 19  211 19  HOH HOH A . 
D 4 HOH 20  212 20  HOH HOH A . 
D 4 HOH 21  213 21  HOH HOH A . 
D 4 HOH 22  214 22  HOH HOH A . 
D 4 HOH 23  215 23  HOH HOH A . 
D 4 HOH 24  216 24  HOH HOH A . 
D 4 HOH 25  217 25  HOH HOH A . 
D 4 HOH 26  218 26  HOH HOH A . 
D 4 HOH 27  219 27  HOH HOH A . 
D 4 HOH 28  220 28  HOH HOH A . 
D 4 HOH 29  221 29  HOH HOH A . 
D 4 HOH 30  222 31  HOH HOH A . 
D 4 HOH 31  223 32  HOH HOH A . 
D 4 HOH 32  224 33  HOH HOH A . 
D 4 HOH 33  225 34  HOH HOH A . 
D 4 HOH 34  226 35  HOH HOH A . 
D 4 HOH 35  227 36  HOH HOH A . 
D 4 HOH 36  228 37  HOH HOH A . 
D 4 HOH 37  229 38  HOH HOH A . 
D 4 HOH 38  230 39  HOH HOH A . 
D 4 HOH 39  231 40  HOH HOH A . 
D 4 HOH 40  232 41  HOH HOH A . 
D 4 HOH 41  233 42  HOH HOH A . 
D 4 HOH 42  234 43  HOH HOH A . 
D 4 HOH 43  235 44  HOH HOH A . 
D 4 HOH 44  236 45  HOH HOH A . 
D 4 HOH 45  237 46  HOH HOH A . 
D 4 HOH 46  238 47  HOH HOH A . 
D 4 HOH 47  239 48  HOH HOH A . 
D 4 HOH 48  240 49  HOH HOH A . 
D 4 HOH 49  241 50  HOH HOH A . 
D 4 HOH 50  242 51  HOH HOH A . 
D 4 HOH 51  243 52  HOH HOH A . 
D 4 HOH 52  244 53  HOH HOH A . 
D 4 HOH 53  245 54  HOH HOH A . 
D 4 HOH 54  246 55  HOH HOH A . 
D 4 HOH 55  247 56  HOH HOH A . 
D 4 HOH 56  248 57  HOH HOH A . 
D 4 HOH 57  249 58  HOH HOH A . 
D 4 HOH 58  250 59  HOH HOH A . 
D 4 HOH 59  251 60  HOH HOH A . 
D 4 HOH 60  252 61  HOH HOH A . 
D 4 HOH 61  253 62  HOH HOH A . 
D 4 HOH 62  254 63  HOH HOH A . 
D 4 HOH 63  255 64  HOH HOH A . 
D 4 HOH 64  256 65  HOH HOH A . 
D 4 HOH 65  257 66  HOH HOH A . 
D 4 HOH 66  258 67  HOH HOH A . 
D 4 HOH 67  259 68  HOH HOH A . 
D 4 HOH 68  260 69  HOH HOH A . 
D 4 HOH 69  261 70  HOH HOH A . 
D 4 HOH 70  262 71  HOH HOH A . 
D 4 HOH 71  263 72  HOH HOH A . 
D 4 HOH 72  264 73  HOH HOH A . 
D 4 HOH 73  265 74  HOH HOH A . 
D 4 HOH 74  266 75  HOH HOH A . 
D 4 HOH 75  267 76  HOH HOH A . 
D 4 HOH 76  268 77  HOH HOH A . 
D 4 HOH 77  269 78  HOH HOH A . 
D 4 HOH 78  270 79  HOH HOH A . 
D 4 HOH 79  271 80  HOH HOH A . 
D 4 HOH 80  272 81  HOH HOH A . 
D 4 HOH 81  273 82  HOH HOH A . 
D 4 HOH 82  274 83  HOH HOH A . 
D 4 HOH 83  275 84  HOH HOH A . 
D 4 HOH 84  276 85  HOH HOH A . 
D 4 HOH 85  277 86  HOH HOH A . 
D 4 HOH 86  278 87  HOH HOH A . 
D 4 HOH 87  279 88  HOH HOH A . 
D 4 HOH 88  280 89  HOH HOH A . 
D 4 HOH 89  281 90  HOH HOH A . 
D 4 HOH 90  282 91  HOH HOH A . 
D 4 HOH 91  283 92  HOH HOH A . 
D 4 HOH 92  284 93  HOH HOH A . 
D 4 HOH 93  285 94  HOH HOH A . 
D 4 HOH 94  286 95  HOH HOH A . 
D 4 HOH 95  287 96  HOH HOH A . 
D 4 HOH 96  288 97  HOH HOH A . 
D 4 HOH 97  289 98  HOH HOH A . 
D 4 HOH 98  290 99  HOH HOH A . 
D 4 HOH 99  291 100 HOH HOH A . 
D 4 HOH 100 292 101 HOH HOH A . 
D 4 HOH 101 293 102 HOH HOH A . 
D 4 HOH 102 294 103 HOH HOH A . 
D 4 HOH 103 295 104 HOH HOH A . 
D 4 HOH 104 296 105 HOH HOH A . 
D 4 HOH 105 297 106 HOH HOH A . 
D 4 HOH 106 298 107 HOH HOH A . 
D 4 HOH 107 299 108 HOH HOH A . 
D 4 HOH 108 300 109 HOH HOH A . 
D 4 HOH 109 301 110 HOH HOH A . 
D 4 HOH 110 302 112 HOH HOH A . 
D 4 HOH 111 303 113 HOH HOH A . 
D 4 HOH 112 304 114 HOH HOH A . 
D 4 HOH 113 305 115 HOH HOH A . 
D 4 HOH 114 306 119 HOH HOH A . 
D 4 HOH 115 307 120 HOH HOH A . 
D 4 HOH 116 308 121 HOH HOH A . 
D 4 HOH 117 309 123 HOH HOH A . 
D 4 HOH 118 310 126 HOH HOH A . 
D 4 HOH 119 311 130 HOH HOH A . 
D 4 HOH 120 312 132 HOH HOH A . 
D 4 HOH 121 313 133 HOH HOH A . 
# 
loop_
_software.name 
_software.classification 
_software.version 
_software.citation_id 
_software.pdbx_ordinal 
HKL-2000 'data collection' .        ? 1 
MOLREP   phasing           .        ? 2 
REFMAC   refinement        5.5.0102 ? 3 
HKL-2000 'data reduction'  .        ? 4 
HKL-2000 'data scaling'    .        ? 5 
# 
_cell.entry_id           3U7L 
_cell.length_a           94.781 
_cell.length_b           120.209 
_cell.length_c           47.786 
_cell.angle_alpha        90.00 
_cell.angle_beta         90.00 
_cell.angle_gamma        90.00 
_cell.Z_PDB              8 
_cell.pdbx_unique_axis   ? 
_cell.length_a_esd       ? 
_cell.length_b_esd       ? 
_cell.length_c_esd       ? 
_cell.angle_alpha_esd    ? 
_cell.angle_beta_esd     ? 
_cell.angle_gamma_esd    ? 
# 
_symmetry.entry_id                         3U7L 
_symmetry.space_group_name_H-M             'C 2 2 21' 
_symmetry.pdbx_full_space_group_name_H-M   ? 
_symmetry.cell_setting                     ? 
_symmetry.Int_Tables_number                20 
_symmetry.space_group_name_Hall            ? 
# 
_exptl.entry_id          3U7L 
_exptl.method            'X-RAY DIFFRACTION' 
_exptl.crystals_number   1 
# 
_exptl_crystal.id                    1 
_exptl_crystal.density_meas          ? 
_exptl_crystal.density_Matthews      3.14 
_exptl_crystal.density_percent_sol   60.79 
_exptl_crystal.description           ? 
_exptl_crystal.F_000                 ? 
_exptl_crystal.preparation           ? 
# 
_exptl_crystal_grow.crystal_id      1 
_exptl_crystal_grow.method          'VAPOR DIFFUSION, HANGING DROP' 
_exptl_crystal_grow.temp            297 
_exptl_crystal_grow.temp_details    ? 
_exptl_crystal_grow.pH              8.5 
_exptl_crystal_grow.pdbx_details    
;23%(w/v) PEG 4000, 50mM Tris-HCl, 15%(v/v) glycerol, 100mM MgCl2, 20mM CaCl2, pH 8.5, VAPOR DIFFUSION, HANGING DROP, temperature 297K
;
_exptl_crystal_grow.pdbx_pH_range   . 
# 
_diffrn.id                     1 
_diffrn.ambient_temp           100 
_diffrn.ambient_temp_details   ? 
_diffrn.crystal_id             1 
# 
_diffrn_detector.diffrn_id              1 
_diffrn_detector.detector               CCD 
_diffrn_detector.type                   'ADSC QUANTUM 4r' 
_diffrn_detector.pdbx_collection_date   2003-06-26 
_diffrn_detector.details                ? 
# 
_diffrn_radiation.diffrn_id                        1 
_diffrn_radiation.wavelength_id                    1 
_diffrn_radiation.pdbx_monochromatic_or_laue_m_l   M 
_diffrn_radiation.monochromator                    ? 
_diffrn_radiation.pdbx_diffrn_protocol             'SINGLE WAVELENGTH' 
_diffrn_radiation.pdbx_scattering_type             x-ray 
# 
_diffrn_radiation_wavelength.id           1 
_diffrn_radiation_wavelength.wavelength   0.9722 
_diffrn_radiation_wavelength.wt           1.0 
# 
_diffrn_source.diffrn_id                   1 
_diffrn_source.source                      SYNCHROTRON 
_diffrn_source.type                        'SPRING-8 BEAMLINE BL38B1' 
_diffrn_source.pdbx_synchrotron_site       SPring-8 
_diffrn_source.pdbx_synchrotron_beamline   BL38B1 
_diffrn_source.pdbx_wavelength             ? 
_diffrn_source.pdbx_wavelength_list        0.9722 
# 
_reflns.entry_id                     3U7L 
_reflns.observed_criterion_sigma_I   ? 
_reflns.observed_criterion_sigma_F   ? 
_reflns.d_resolution_low             50 
_reflns.d_resolution_high            2.0 
_reflns.number_obs                   18445 
_reflns.number_all                   ? 
_reflns.percent_possible_obs         100 
_reflns.pdbx_Rmerge_I_obs            ? 
_reflns.pdbx_Rsym_value              ? 
_reflns.pdbx_netI_over_sigmaI        ? 
_reflns.B_iso_Wilson_estimate        ? 
_reflns.pdbx_redundancy              ? 
_reflns.R_free_details               ? 
_reflns.limit_h_max                  ? 
_reflns.limit_h_min                  ? 
_reflns.limit_k_max                  ? 
_reflns.limit_k_min                  ? 
_reflns.limit_l_max                  ? 
_reflns.limit_l_min                  ? 
_reflns.observed_criterion_F_max     ? 
_reflns.observed_criterion_F_min     ? 
_reflns.pdbx_chi_squared             ? 
_reflns.pdbx_scaling_rejects         ? 
_reflns.pdbx_ordinal                 1 
_reflns.pdbx_diffrn_id               1 
# 
_refine.entry_id                                 3U7L 
_refine.ls_number_reflns_obs                     17485 
_refine.ls_number_reflns_all                     ? 
_refine.pdbx_ls_sigma_I                          ? 
_refine.pdbx_ls_sigma_F                          ? 
_refine.pdbx_data_cutoff_high_absF               ? 
_refine.pdbx_data_cutoff_low_absF                ? 
_refine.pdbx_data_cutoff_high_rms_absF           ? 
_refine.ls_d_res_low                             50.00 
_refine.ls_d_res_high                            2.01 
_refine.ls_percent_reflns_obs                    99.20 
_refine.ls_R_factor_obs                          0.20828 
_refine.ls_R_factor_all                          ? 
_refine.ls_R_factor_R_work                       0.20679 
_refine.ls_R_factor_R_free                       0.23593 
_refine.ls_R_factor_R_free_error                 ? 
_refine.ls_R_factor_R_free_error_details         ? 
_refine.ls_percent_reflns_R_free                 5.1 
_refine.ls_number_reflns_R_free                  944 
_refine.ls_number_parameters                     ? 
_refine.ls_number_restraints                     ? 
_refine.occupancy_min                            ? 
_refine.occupancy_max                            ? 
_refine.correlation_coeff_Fo_to_Fc               0.934 
_refine.correlation_coeff_Fo_to_Fc_free          0.922 
_refine.B_iso_mean                               23.101 
_refine.aniso_B[1][1]                            0.81 
_refine.aniso_B[2][2]                            -1.06 
_refine.aniso_B[3][3]                            0.25 
_refine.aniso_B[1][2]                            0.00 
_refine.aniso_B[1][3]                            0.00 
_refine.aniso_B[2][3]                            0.00 
_refine.solvent_model_details                    MASK 
_refine.solvent_model_param_ksol                 ? 
_refine.solvent_model_param_bsol                 ? 
_refine.pdbx_solvent_vdw_probe_radii             1.40 
_refine.pdbx_solvent_ion_probe_radii             0.80 
_refine.pdbx_solvent_shrinkage_radii             0.80 
_refine.pdbx_ls_cross_valid_method               THROUGHOUT 
_refine.details                                  'HYDROGENS HAVE BEEN ADDED IN THE RIDING POSITIONS' 
_refine.pdbx_starting_model                      1Q1Y 
_refine.pdbx_method_to_determine_struct          'MOLECULAR REPLACEMENT' 
_refine.pdbx_isotropic_thermal_model             ? 
_refine.pdbx_stereochemistry_target_values       'MAXIMUM LIKELIHOOD' 
_refine.pdbx_stereochem_target_val_spec_case     ? 
_refine.pdbx_R_Free_selection_details            RANDOM 
_refine.pdbx_overall_ESU_R_Free                  0.147 
_refine.overall_SU_ML                            0.100 
_refine.pdbx_overall_phase_error                 ? 
_refine.overall_SU_B                             3.541 
_refine.overall_SU_R_Cruickshank_DPI             ? 
_refine.ls_redundancy_reflns_obs                 ? 
_refine.B_iso_min                                ? 
_refine.B_iso_max                                ? 
_refine.overall_SU_R_free                        ? 
_refine.ls_wR_factor_R_free                      ? 
_refine.ls_wR_factor_R_work                      ? 
_refine.overall_FOM_free_R_set                   ? 
_refine.overall_FOM_work_R_set                   ? 
_refine.pdbx_diffrn_id                           1 
_refine.pdbx_refine_id                           'X-RAY DIFFRACTION' 
_refine.pdbx_overall_ESU_R                       ? 
_refine.pdbx_TLS_residual_ADP_flag               ? 
_refine.pdbx_overall_SU_R_free_Cruickshank_DPI   ? 
_refine.pdbx_overall_SU_R_Blow_DPI               ? 
_refine.pdbx_overall_SU_R_free_Blow_DPI          ? 
# 
_refine_hist.pdbx_refine_id                   'X-RAY DIFFRACTION' 
_refine_hist.cycle_id                         LAST 
_refine_hist.pdbx_number_atoms_protein        1462 
_refine_hist.pdbx_number_atoms_nucleic_acid   0 
_refine_hist.pdbx_number_atoms_ligand         32 
_refine_hist.number_atoms_solvent             121 
_refine_hist.number_atoms_total               1615 
_refine_hist.d_res_high                       2.01 
_refine_hist.d_res_low                        50.00 
# 
loop_
_refine_ls_restr.type 
_refine_ls_restr.dev_ideal 
_refine_ls_restr.dev_ideal_target 
_refine_ls_restr.weight 
_refine_ls_restr.number 
_refine_ls_restr.pdbx_restraint_function 
_refine_ls_restr.pdbx_refine_id 
r_bond_refined_d             0.010  0.022  ? 1520 ? 'X-RAY DIFFRACTION' 
r_bond_other_d               ?      ?      ? ?    ? 'X-RAY DIFFRACTION' 
r_angle_refined_deg          1.357  2.001  ? 2057 ? 'X-RAY DIFFRACTION' 
r_angle_other_deg            ?      ?      ? ?    ? 'X-RAY DIFFRACTION' 
r_dihedral_angle_1_deg       5.444  5.000  ? 184  ? 'X-RAY DIFFRACTION' 
r_dihedral_angle_2_deg       35.420 24.857 ? 70   ? 'X-RAY DIFFRACTION' 
r_dihedral_angle_3_deg       13.886 15.000 ? 273  ? 'X-RAY DIFFRACTION' 
r_dihedral_angle_4_deg       13.177 15.000 ? 9    ? 'X-RAY DIFFRACTION' 
r_chiral_restr               0.080  0.200  ? 232  ? 'X-RAY DIFFRACTION' 
r_gen_planes_refined         0.005  0.021  ? 1138 ? 'X-RAY DIFFRACTION' 
r_gen_planes_other           ?      ?      ? ?    ? 'X-RAY DIFFRACTION' 
r_nbd_refined                ?      ?      ? ?    ? 'X-RAY DIFFRACTION' 
r_nbd_other                  ?      ?      ? ?    ? 'X-RAY DIFFRACTION' 
r_nbtor_refined              ?      ?      ? ?    ? 'X-RAY DIFFRACTION' 
r_nbtor_other                ?      ?      ? ?    ? 'X-RAY DIFFRACTION' 
r_xyhbond_nbd_refined        ?      ?      ? ?    ? 'X-RAY DIFFRACTION' 
r_xyhbond_nbd_other          ?      ?      ? ?    ? 'X-RAY DIFFRACTION' 
r_metal_ion_refined          ?      ?      ? ?    ? 'X-RAY DIFFRACTION' 
r_metal_ion_other            ?      ?      ? ?    ? 'X-RAY DIFFRACTION' 
r_symmetry_vdw_refined       ?      ?      ? ?    ? 'X-RAY DIFFRACTION' 
r_symmetry_vdw_other         ?      ?      ? ?    ? 'X-RAY DIFFRACTION' 
r_symmetry_hbond_refined     ?      ?      ? ?    ? 'X-RAY DIFFRACTION' 
r_symmetry_hbond_other       ?      ?      ? ?    ? 'X-RAY DIFFRACTION' 
r_symmetry_metal_ion_refined ?      ?      ? ?    ? 'X-RAY DIFFRACTION' 
r_symmetry_metal_ion_other   ?      ?      ? ?    ? 'X-RAY DIFFRACTION' 
r_mcbond_it                  0.632  1.500  ? 927  ? 'X-RAY DIFFRACTION' 
r_mcbond_other               ?      ?      ? ?    ? 'X-RAY DIFFRACTION' 
r_mcangle_it                 1.189  2.000  ? 1506 ? 'X-RAY DIFFRACTION' 
r_scbond_it                  1.918  3.000  ? 593  ? 'X-RAY DIFFRACTION' 
r_scangle_it                 3.314  4.500  ? 551  ? 'X-RAY DIFFRACTION' 
r_rigid_bond_restr           ?      ?      ? ?    ? 'X-RAY DIFFRACTION' 
r_sphericity_free            ?      ?      ? ?    ? 'X-RAY DIFFRACTION' 
r_sphericity_bonded          ?      ?      ? ?    ? 'X-RAY DIFFRACTION' 
# 
_refine_ls_shell.pdbx_refine_id                   'X-RAY DIFFRACTION' 
_refine_ls_shell.pdbx_total_number_of_bins_used   20 
_refine_ls_shell.d_res_high                       2.011 
_refine_ls_shell.d_res_low                        2.063 
_refine_ls_shell.number_reflns_R_work             1167 
_refine_ls_shell.R_factor_R_work                  0.223 
_refine_ls_shell.percent_reflns_obs               93.33 
_refine_ls_shell.R_factor_R_free                  0.238 
_refine_ls_shell.R_factor_R_free_error            ? 
_refine_ls_shell.percent_reflns_R_free            ? 
_refine_ls_shell.number_reflns_R_free             79 
_refine_ls_shell.number_reflns_all                ? 
_refine_ls_shell.R_factor_all                     ? 
_refine_ls_shell.number_reflns_obs                ? 
_refine_ls_shell.redundancy_reflns_obs            ? 
# 
_struct.entry_id                  3U7L 
_struct.title                     
'Crystal structures of the Staphylococcus aureus peptide deformylase in complex with two classes of new inhibitors' 
_struct.pdbx_model_details        ? 
_struct.pdbx_CASP_flag            ? 
_struct.pdbx_model_type_details   ? 
# 
_struct_keywords.entry_id        3U7L 
_struct_keywords.pdbx_keywords   'HYDROLASE/HYDROLASE INHIBITOR' 
_struct_keywords.text            'PDF-INHIBITOR, PDF, PEPTIDE DEFORMYLASE, HYDROLASE, HYDROLASE-HYDROLASE INHIBITOR complex' 
# 
loop_
_struct_asym.id 
_struct_asym.pdbx_blank_PDB_chainid_flag 
_struct_asym.pdbx_modified 
_struct_asym.entity_id 
_struct_asym.details 
A N N 1 ? 
B N N 2 ? 
C N N 3 ? 
D N N 4 ? 
# 
_struct_ref.id                         1 
_struct_ref.db_name                    UNP 
_struct_ref.db_code                    DEF_STAAC 
_struct_ref.pdbx_db_accession          Q5HGZ3 
_struct_ref.entity_id                  1 
_struct_ref.pdbx_seq_one_letter_code   
;MLTMKDIIRDGHPTLRQKAAELELPLTKEEKETLIAMREFLVNSQDEEIAKRYGLRSGVGLAAPQINISKRMIAVLIPDD
GSGKSYDYMLVNPKIVSHSVQEAYLPTGEGCLSVDDNVAGLVHRHNRITIKAKDIEGNDIQLRLKGYPAIVFQHEIDHLN
GVMFYDHIDKDHPLQPHTDAVEV
;
_struct_ref.pdbx_align_begin           1 
_struct_ref.pdbx_db_isoform            ? 
# 
_struct_ref_seq.align_id                      1 
_struct_ref_seq.ref_id                        1 
_struct_ref_seq.pdbx_PDB_id_code              3U7L 
_struct_ref_seq.pdbx_strand_id                A 
_struct_ref_seq.seq_align_beg                 1 
_struct_ref_seq.pdbx_seq_align_beg_ins_code   ? 
_struct_ref_seq.seq_align_end                 183 
_struct_ref_seq.pdbx_seq_align_end_ins_code   ? 
_struct_ref_seq.pdbx_db_accession             Q5HGZ3 
_struct_ref_seq.db_align_beg                  1 
_struct_ref_seq.pdbx_db_align_beg_ins_code    ? 
_struct_ref_seq.db_align_end                  183 
_struct_ref_seq.pdbx_db_align_end_ins_code    ? 
_struct_ref_seq.pdbx_auth_seq_align_beg       1 
_struct_ref_seq.pdbx_auth_seq_align_end       183 
# 
loop_
_struct_ref_seq_dif.align_id 
_struct_ref_seq_dif.pdbx_pdb_id_code 
_struct_ref_seq_dif.mon_id 
_struct_ref_seq_dif.pdbx_pdb_strand_id 
_struct_ref_seq_dif.seq_num 
_struct_ref_seq_dif.pdbx_pdb_ins_code 
_struct_ref_seq_dif.pdbx_seq_db_name 
_struct_ref_seq_dif.pdbx_seq_db_accession_code 
_struct_ref_seq_dif.db_mon_id 
_struct_ref_seq_dif.pdbx_seq_db_seq_num 
_struct_ref_seq_dif.details 
_struct_ref_seq_dif.pdbx_auth_seq_num 
_struct_ref_seq_dif.pdbx_ordinal 
1 3U7L LEU A 184 ? UNP Q5HGZ3 ? ? 'expression tag' 184 1 
1 3U7L GLU A 185 ? UNP Q5HGZ3 ? ? 'expression tag' 185 2 
1 3U7L HIS A 186 ? UNP Q5HGZ3 ? ? 'expression tag' 186 3 
1 3U7L HIS A 187 ? UNP Q5HGZ3 ? ? 'expression tag' 187 4 
1 3U7L HIS A 188 ? UNP Q5HGZ3 ? ? 'expression tag' 188 5 
1 3U7L HIS A 189 ? UNP Q5HGZ3 ? ? 'expression tag' 189 6 
1 3U7L HIS A 190 ? UNP Q5HGZ3 ? ? 'expression tag' 190 7 
1 3U7L HIS A 191 ? UNP Q5HGZ3 ? ? 'expression tag' 191 8 
# 
_pdbx_struct_assembly.id                   1 
_pdbx_struct_assembly.details              author_and_software_defined_assembly 
_pdbx_struct_assembly.method_details       PISA 
_pdbx_struct_assembly.oligomeric_details   monomeric 
_pdbx_struct_assembly.oligomeric_count     1 
# 
_pdbx_struct_assembly_gen.assembly_id       1 
_pdbx_struct_assembly_gen.oper_expression   1 
_pdbx_struct_assembly_gen.asym_id_list      A,B,C,D 
# 
_pdbx_struct_oper_list.id                   1 
_pdbx_struct_oper_list.type                 'identity operation' 
_pdbx_struct_oper_list.name                 1_555 
_pdbx_struct_oper_list.symmetry_operation   x,y,z 
_pdbx_struct_oper_list.matrix[1][1]         1.0000000000 
_pdbx_struct_oper_list.matrix[1][2]         0.0000000000 
_pdbx_struct_oper_list.matrix[1][3]         0.0000000000 
_pdbx_struct_oper_list.vector[1]            0.0000000000 
_pdbx_struct_oper_list.matrix[2][1]         0.0000000000 
_pdbx_struct_oper_list.matrix[2][2]         1.0000000000 
_pdbx_struct_oper_list.matrix[2][3]         0.0000000000 
_pdbx_struct_oper_list.vector[2]            0.0000000000 
_pdbx_struct_oper_list.matrix[3][1]         0.0000000000 
_pdbx_struct_oper_list.matrix[3][2]         0.0000000000 
_pdbx_struct_oper_list.matrix[3][3]         1.0000000000 
_pdbx_struct_oper_list.vector[3]            0.0000000000 
# 
_struct_biol.id        1 
_struct_biol.details   ? 
# 
loop_
_struct_conf.conf_type_id 
_struct_conf.id 
_struct_conf.pdbx_PDB_helix_id 
_struct_conf.beg_label_comp_id 
_struct_conf.beg_label_asym_id 
_struct_conf.beg_label_seq_id 
_struct_conf.pdbx_beg_PDB_ins_code 
_struct_conf.end_label_comp_id 
_struct_conf.end_label_asym_id 
_struct_conf.end_label_seq_id 
_struct_conf.pdbx_end_PDB_ins_code 
_struct_conf.beg_auth_comp_id 
_struct_conf.beg_auth_asym_id 
_struct_conf.beg_auth_seq_id 
_struct_conf.end_auth_comp_id 
_struct_conf.end_auth_asym_id 
_struct_conf.end_auth_seq_id 
_struct_conf.pdbx_PDB_helix_class 
_struct_conf.details 
_struct_conf.pdbx_PDB_helix_length 
HELX_P HELX_P1 1 THR A 3   ? ILE A 7   ? THR A 3   ILE A 7   5 ? 5  
HELX_P HELX_P2 2 HIS A 12  ? GLN A 17  ? HIS A 12  GLN A 17  5 ? 6  
HELX_P HELX_P3 3 THR A 27  ? ASP A 46  ? THR A 27  ASP A 46  1 ? 20 
HELX_P HELX_P4 4 ASP A 46  ? TYR A 53  ? ASP A 46  TYR A 53  1 ? 8  
HELX_P HELX_P5 5 PRO A 64  ? ASN A 67  ? PRO A 64  ASN A 67  5 ? 4  
HELX_P HELX_P6 6 GLY A 146 ? ASN A 160 ? GLY A 146 ASN A 160 1 ? 15 
HELX_P HELX_P7 7 MET A 163 ? ILE A 168 ? MET A 163 ILE A 168 5 ? 6  
# 
_struct_conf_type.id          HELX_P 
_struct_conf_type.criteria    ? 
_struct_conf_type.reference   ? 
# 
loop_
_struct_conn.id 
_struct_conn.conn_type_id 
_struct_conn.pdbx_leaving_atom_flag 
_struct_conn.pdbx_PDB_id 
_struct_conn.ptnr1_label_asym_id 
_struct_conn.ptnr1_label_comp_id 
_struct_conn.ptnr1_label_seq_id 
_struct_conn.ptnr1_label_atom_id 
_struct_conn.pdbx_ptnr1_label_alt_id 
_struct_conn.pdbx_ptnr1_PDB_ins_code 
_struct_conn.pdbx_ptnr1_standard_comp_id 
_struct_conn.ptnr1_symmetry 
_struct_conn.ptnr2_label_asym_id 
_struct_conn.ptnr2_label_comp_id 
_struct_conn.ptnr2_label_seq_id 
_struct_conn.ptnr2_label_atom_id 
_struct_conn.pdbx_ptnr2_label_alt_id 
_struct_conn.pdbx_ptnr2_PDB_ins_code 
_struct_conn.ptnr1_auth_asym_id 
_struct_conn.ptnr1_auth_comp_id 
_struct_conn.ptnr1_auth_seq_id 
_struct_conn.ptnr2_auth_asym_id 
_struct_conn.ptnr2_auth_comp_id 
_struct_conn.ptnr2_auth_seq_id 
_struct_conn.ptnr2_symmetry 
_struct_conn.pdbx_ptnr3_label_atom_id 
_struct_conn.pdbx_ptnr3_label_seq_id 
_struct_conn.pdbx_ptnr3_label_comp_id 
_struct_conn.pdbx_ptnr3_label_asym_id 
_struct_conn.pdbx_ptnr3_label_alt_id 
_struct_conn.pdbx_ptnr3_PDB_ins_code 
_struct_conn.details 
_struct_conn.pdbx_dist_value 
_struct_conn.pdbx_value_order 
_struct_conn.pdbx_role 
covale1 covale both ? A GLY 110 C   ? ? ? 1_555 A CSD 111 N  ? ? A GLY 110 A CSD 111 1_555 ? ? ? ? ? ? ? 1.332 ? ? 
covale2 covale both ? A CSD 111 C   ? ? ? 1_555 A LEU 112 N  ? ? A CSD 111 A LEU 112 1_555 ? ? ? ? ? ? ? 1.330 ? ? 
metalc1 metalc ?    ? A CSD 111 SG  ? ? ? 1_555 B ZN  .   ZN ? ? A CSD 111 A ZN  350 1_555 ? ? ? ? ? ? ? 2.319 ? ? 
metalc2 metalc ?    ? A HIS 154 NE2 ? ? ? 1_555 B ZN  .   ZN ? ? A HIS 154 A ZN  350 1_555 ? ? ? ? ? ? ? 2.086 ? ? 
metalc3 metalc ?    ? A HIS 158 NE2 ? ? ? 1_555 B ZN  .   ZN ? ? A HIS 158 A ZN  350 1_555 ? ? ? ? ? ? ? 2.264 ? ? 
metalc4 metalc ?    ? C UDB .   OAX ? ? ? 1_555 B ZN  .   ZN ? ? A UDB 192 A ZN  350 1_555 ? ? ? ? ? ? ? 2.182 ? ? 
# 
loop_
_struct_conn_type.id 
_struct_conn_type.criteria 
_struct_conn_type.reference 
covale ? ? 
metalc ? ? 
# 
loop_
_pdbx_struct_conn_angle.id 
_pdbx_struct_conn_angle.ptnr1_label_atom_id 
_pdbx_struct_conn_angle.ptnr1_label_alt_id 
_pdbx_struct_conn_angle.ptnr1_label_asym_id 
_pdbx_struct_conn_angle.ptnr1_label_comp_id 
_pdbx_struct_conn_angle.ptnr1_label_seq_id 
_pdbx_struct_conn_angle.ptnr1_auth_atom_id 
_pdbx_struct_conn_angle.ptnr1_auth_asym_id 
_pdbx_struct_conn_angle.ptnr1_auth_comp_id 
_pdbx_struct_conn_angle.ptnr1_auth_seq_id 
_pdbx_struct_conn_angle.ptnr1_PDB_ins_code 
_pdbx_struct_conn_angle.ptnr1_symmetry 
_pdbx_struct_conn_angle.ptnr2_label_atom_id 
_pdbx_struct_conn_angle.ptnr2_label_alt_id 
_pdbx_struct_conn_angle.ptnr2_label_asym_id 
_pdbx_struct_conn_angle.ptnr2_label_comp_id 
_pdbx_struct_conn_angle.ptnr2_label_seq_id 
_pdbx_struct_conn_angle.ptnr2_auth_atom_id 
_pdbx_struct_conn_angle.ptnr2_auth_asym_id 
_pdbx_struct_conn_angle.ptnr2_auth_comp_id 
_pdbx_struct_conn_angle.ptnr2_auth_seq_id 
_pdbx_struct_conn_angle.ptnr2_PDB_ins_code 
_pdbx_struct_conn_angle.ptnr2_symmetry 
_pdbx_struct_conn_angle.ptnr3_label_atom_id 
_pdbx_struct_conn_angle.ptnr3_label_alt_id 
_pdbx_struct_conn_angle.ptnr3_label_asym_id 
_pdbx_struct_conn_angle.ptnr3_label_comp_id 
_pdbx_struct_conn_angle.ptnr3_label_seq_id 
_pdbx_struct_conn_angle.ptnr3_auth_atom_id 
_pdbx_struct_conn_angle.ptnr3_auth_asym_id 
_pdbx_struct_conn_angle.ptnr3_auth_comp_id 
_pdbx_struct_conn_angle.ptnr3_auth_seq_id 
_pdbx_struct_conn_angle.ptnr3_PDB_ins_code 
_pdbx_struct_conn_angle.ptnr3_symmetry 
_pdbx_struct_conn_angle.value 
_pdbx_struct_conn_angle.value_esd 
1 SG  ? A CSD 111 ? A CSD 111 ? 1_555 ZN ? B ZN . ? A ZN 350 ? 1_555 NE2 ? A HIS 154 ? A HIS 154 ? 1_555 119.2 ? 
2 SG  ? A CSD 111 ? A CSD 111 ? 1_555 ZN ? B ZN . ? A ZN 350 ? 1_555 NE2 ? A HIS 158 ? A HIS 158 ? 1_555 97.5  ? 
3 NE2 ? A HIS 154 ? A HIS 154 ? 1_555 ZN ? B ZN . ? A ZN 350 ? 1_555 NE2 ? A HIS 158 ? A HIS 158 ? 1_555 112.4 ? 
4 SG  ? A CSD 111 ? A CSD 111 ? 1_555 ZN ? B ZN . ? A ZN 350 ? 1_555 OAX ? C UDB .   ? A UDB 192 ? 1_555 135.3 ? 
5 NE2 ? A HIS 154 ? A HIS 154 ? 1_555 ZN ? B ZN . ? A ZN 350 ? 1_555 OAX ? C UDB .   ? A UDB 192 ? 1_555 101.2 ? 
6 NE2 ? A HIS 158 ? A HIS 158 ? 1_555 ZN ? B ZN . ? A ZN 350 ? 1_555 OAX ? C UDB .   ? A UDB 192 ? 1_555 82.8  ? 
# 
loop_
_pdbx_modification_feature.ordinal 
_pdbx_modification_feature.label_comp_id 
_pdbx_modification_feature.label_asym_id 
_pdbx_modification_feature.label_seq_id 
_pdbx_modification_feature.label_alt_id 
_pdbx_modification_feature.modified_residue_label_comp_id 
_pdbx_modification_feature.modified_residue_label_asym_id 
_pdbx_modification_feature.modified_residue_label_seq_id 
_pdbx_modification_feature.modified_residue_label_alt_id 
_pdbx_modification_feature.auth_comp_id 
_pdbx_modification_feature.auth_asym_id 
_pdbx_modification_feature.auth_seq_id 
_pdbx_modification_feature.PDB_ins_code 
_pdbx_modification_feature.symmetry 
_pdbx_modification_feature.modified_residue_auth_comp_id 
_pdbx_modification_feature.modified_residue_auth_asym_id 
_pdbx_modification_feature.modified_residue_auth_seq_id 
_pdbx_modification_feature.modified_residue_PDB_ins_code 
_pdbx_modification_feature.modified_residue_symmetry 
_pdbx_modification_feature.comp_id_linking_atom 
_pdbx_modification_feature.modified_residue_id_linking_atom 
_pdbx_modification_feature.modified_residue_id 
_pdbx_modification_feature.ref_pcm_id 
_pdbx_modification_feature.ref_comp_id 
_pdbx_modification_feature.type 
_pdbx_modification_feature.category 
1 CSD A 111 ? . . . . CSD A 111 ? 1_555 . . . . . . . CYS 1 CSD Oxidation     'Named protein modification' 
2 CSD A 111 ? . . . . CSD A 111 ? 1_555 . . . . . . . CYS 2 CSD Hydroxylation 'Named protein modification' 
# 
_struct_mon_prot_cis.pdbx_id                1 
_struct_mon_prot_cis.label_comp_id          LEU 
_struct_mon_prot_cis.label_seq_id           24 
_struct_mon_prot_cis.label_asym_id          A 
_struct_mon_prot_cis.label_alt_id           . 
_struct_mon_prot_cis.pdbx_PDB_ins_code      ? 
_struct_mon_prot_cis.auth_comp_id           LEU 
_struct_mon_prot_cis.auth_seq_id            24 
_struct_mon_prot_cis.auth_asym_id           A 
_struct_mon_prot_cis.pdbx_label_comp_id_2   PRO 
_struct_mon_prot_cis.pdbx_label_seq_id_2    25 
_struct_mon_prot_cis.pdbx_label_asym_id_2   A 
_struct_mon_prot_cis.pdbx_PDB_ins_code_2    ? 
_struct_mon_prot_cis.pdbx_auth_comp_id_2    PRO 
_struct_mon_prot_cis.pdbx_auth_seq_id_2     25 
_struct_mon_prot_cis.pdbx_auth_asym_id_2    A 
_struct_mon_prot_cis.pdbx_PDB_model_num     1 
_struct_mon_prot_cis.pdbx_omega_angle       -1.78 
# 
loop_
_struct_sheet.id 
_struct_sheet.type 
_struct_sheet.number_strands 
_struct_sheet.details 
A ? 5 ? 
B ? 3 ? 
# 
loop_
_struct_sheet_order.sheet_id 
_struct_sheet_order.range_id_1 
_struct_sheet_order.range_id_2 
_struct_sheet_order.offset 
_struct_sheet_order.sense 
A 1 2 ? anti-parallel 
A 2 3 ? anti-parallel 
A 3 4 ? anti-parallel 
A 4 5 ? anti-parallel 
B 1 2 ? anti-parallel 
B 2 3 ? parallel      
# 
loop_
_struct_sheet_range.sheet_id 
_struct_sheet_range.id 
_struct_sheet_range.beg_label_comp_id 
_struct_sheet_range.beg_label_asym_id 
_struct_sheet_range.beg_label_seq_id 
_struct_sheet_range.pdbx_beg_PDB_ins_code 
_struct_sheet_range.end_label_comp_id 
_struct_sheet_range.end_label_asym_id 
_struct_sheet_range.end_label_seq_id 
_struct_sheet_range.pdbx_end_PDB_ins_code 
_struct_sheet_range.beg_auth_comp_id 
_struct_sheet_range.beg_auth_asym_id 
_struct_sheet_range.beg_auth_seq_id 
_struct_sheet_range.end_auth_comp_id 
_struct_sheet_range.end_auth_asym_id 
_struct_sheet_range.end_auth_seq_id 
A 1 GLY A 60  ? ALA A 62  ? GLY A 60  ALA A 62  
A 2 MET A 72  ? ILE A 77  ? MET A 72  ILE A 77  
A 3 TYR A 86  ? HIS A 98  ? TYR A 86  HIS A 98  
A 4 ARG A 127 ? LYS A 133 ? ARG A 127 LYS A 133 
A 5 ASP A 139 ? LYS A 145 ? ASP A 139 LYS A 145 
B 1 ARG A 124 ? HIS A 125 ? ARG A 124 HIS A 125 
B 2 GLU A 102 ? TYR A 104 ? GLU A 102 TYR A 104 
B 3 VAL A 181 ? GLU A 182 ? VAL A 181 GLU A 182 
# 
loop_
_pdbx_struct_sheet_hbond.sheet_id 
_pdbx_struct_sheet_hbond.range_id_1 
_pdbx_struct_sheet_hbond.range_id_2 
_pdbx_struct_sheet_hbond.range_1_label_atom_id 
_pdbx_struct_sheet_hbond.range_1_label_comp_id 
_pdbx_struct_sheet_hbond.range_1_label_asym_id 
_pdbx_struct_sheet_hbond.range_1_label_seq_id 
_pdbx_struct_sheet_hbond.range_1_PDB_ins_code 
_pdbx_struct_sheet_hbond.range_1_auth_atom_id 
_pdbx_struct_sheet_hbond.range_1_auth_comp_id 
_pdbx_struct_sheet_hbond.range_1_auth_asym_id 
_pdbx_struct_sheet_hbond.range_1_auth_seq_id 
_pdbx_struct_sheet_hbond.range_2_label_atom_id 
_pdbx_struct_sheet_hbond.range_2_label_comp_id 
_pdbx_struct_sheet_hbond.range_2_label_asym_id 
_pdbx_struct_sheet_hbond.range_2_label_seq_id 
_pdbx_struct_sheet_hbond.range_2_PDB_ins_code 
_pdbx_struct_sheet_hbond.range_2_auth_atom_id 
_pdbx_struct_sheet_hbond.range_2_auth_comp_id 
_pdbx_struct_sheet_hbond.range_2_auth_asym_id 
_pdbx_struct_sheet_hbond.range_2_auth_seq_id 
A 1 2 N LEU A 61  ? N LEU A 61  O ALA A 74  ? O ALA A 74  
A 2 3 N ILE A 77  ? N ILE A 77  O TYR A 86  ? O TYR A 86  
A 3 4 N VAL A 91  ? N VAL A 91  O LYS A 133 ? O LYS A 133 
A 4 5 N ILE A 130 ? N ILE A 130 O LEU A 142 ? O LEU A 142 
B 1 2 O ARG A 124 ? O ARG A 124 N ALA A 103 ? N ALA A 103 
B 2 3 N GLU A 102 ? N GLU A 102 O VAL A 181 ? O VAL A 181 
# 
loop_
_struct_site.id 
_struct_site.pdbx_evidence_code 
_struct_site.pdbx_auth_asym_id 
_struct_site.pdbx_auth_comp_id 
_struct_site.pdbx_auth_seq_id 
_struct_site.pdbx_auth_ins_code 
_struct_site.pdbx_num_residues 
_struct_site.details 
AC1 Software A ZN  350 ? 5  'BINDING SITE FOR RESIDUE ZN A 350'  
AC2 Software A UDB 192 ? 12 'BINDING SITE FOR RESIDUE UDB A 192' 
# 
loop_
_struct_site_gen.id 
_struct_site_gen.site_id 
_struct_site_gen.pdbx_num_res 
_struct_site_gen.label_comp_id 
_struct_site_gen.label_asym_id 
_struct_site_gen.label_seq_id 
_struct_site_gen.pdbx_auth_ins_code 
_struct_site_gen.auth_comp_id 
_struct_site_gen.auth_asym_id 
_struct_site_gen.auth_seq_id 
_struct_site_gen.label_atom_id 
_struct_site_gen.label_alt_id 
_struct_site_gen.symmetry 
_struct_site_gen.details 
1  AC1 5  GLN A 65  ? GLN A 65  . ? 1_555 ? 
2  AC1 5  CSD A 111 ? CSD A 111 . ? 1_555 ? 
3  AC1 5  HIS A 154 ? HIS A 154 . ? 1_555 ? 
4  AC1 5  HIS A 158 ? HIS A 158 . ? 1_555 ? 
5  AC1 5  UDB C .   ? UDB A 192 . ? 1_555 ? 
6  AC2 12 SER A 57  ? SER A 57  . ? 1_555 ? 
7  AC2 12 GLY A 58  ? GLY A 58  . ? 1_555 ? 
8  AC2 12 VAL A 59  ? VAL A 59  . ? 1_555 ? 
9  AC2 12 GLY A 60  ? GLY A 60  . ? 1_555 ? 
10 AC2 12 GLN A 65  ? GLN A 65  . ? 1_555 ? 
11 AC2 12 GLY A 110 ? GLY A 110 . ? 1_555 ? 
12 AC2 12 CSD A 111 ? CSD A 111 . ? 1_555 ? 
13 AC2 12 LEU A 112 ? LEU A 112 . ? 1_555 ? 
14 AC2 12 HIS A 154 ? HIS A 154 . ? 1_555 ? 
15 AC2 12 GLU A 155 ? GLU A 155 . ? 1_555 ? 
16 AC2 12 HIS A 158 ? HIS A 158 . ? 1_555 ? 
17 AC2 12 ZN  B .   ? ZN  A 350 . ? 1_555 ? 
# 
_pdbx_entry_details.entry_id                   3U7L 
_pdbx_entry_details.compound_details           ? 
_pdbx_entry_details.source_details             ? 
_pdbx_entry_details.nonpolymer_details         ? 
_pdbx_entry_details.sequence_details           ? 
_pdbx_entry_details.has_ligand_of_interest     ? 
_pdbx_entry_details.has_protein_modification   Y 
# 
_pdbx_struct_mod_residue.id               1 
_pdbx_struct_mod_residue.label_asym_id    A 
_pdbx_struct_mod_residue.label_comp_id    CSD 
_pdbx_struct_mod_residue.label_seq_id     111 
_pdbx_struct_mod_residue.auth_asym_id     A 
_pdbx_struct_mod_residue.auth_comp_id     CSD 
_pdbx_struct_mod_residue.auth_seq_id      111 
_pdbx_struct_mod_residue.PDB_ins_code     ? 
_pdbx_struct_mod_residue.parent_comp_id   CYS 
_pdbx_struct_mod_residue.details          3-SULFINOALANINE 
# 
loop_
_pdbx_struct_special_symmetry.id 
_pdbx_struct_special_symmetry.PDB_model_num 
_pdbx_struct_special_symmetry.auth_asym_id 
_pdbx_struct_special_symmetry.auth_comp_id 
_pdbx_struct_special_symmetry.auth_seq_id 
_pdbx_struct_special_symmetry.PDB_ins_code 
_pdbx_struct_special_symmetry.label_asym_id 
_pdbx_struct_special_symmetry.label_comp_id 
_pdbx_struct_special_symmetry.label_seq_id 
1 1 A HOH 227 ? D HOH . 
2 1 A HOH 247 ? D HOH . 
# 
loop_
_pdbx_unobs_or_zero_occ_residues.id 
_pdbx_unobs_or_zero_occ_residues.PDB_model_num 
_pdbx_unobs_or_zero_occ_residues.polymer_flag 
_pdbx_unobs_or_zero_occ_residues.occupancy_flag 
_pdbx_unobs_or_zero_occ_residues.auth_asym_id 
_pdbx_unobs_or_zero_occ_residues.auth_comp_id 
_pdbx_unobs_or_zero_occ_residues.auth_seq_id 
_pdbx_unobs_or_zero_occ_residues.PDB_ins_code 
_pdbx_unobs_or_zero_occ_residues.label_asym_id 
_pdbx_unobs_or_zero_occ_residues.label_comp_id 
_pdbx_unobs_or_zero_occ_residues.label_seq_id 
1 1 Y 1 A HIS 186 ? A HIS 186 
2 1 Y 1 A HIS 187 ? A HIS 187 
3 1 Y 1 A HIS 188 ? A HIS 188 
4 1 Y 1 A HIS 189 ? A HIS 189 
5 1 Y 1 A HIS 190 ? A HIS 190 
6 1 Y 1 A HIS 191 ? A HIS 191 
# 
loop_
_chem_comp_atom.comp_id 
_chem_comp_atom.atom_id 
_chem_comp_atom.type_symbol 
_chem_comp_atom.pdbx_aromatic_flag 
_chem_comp_atom.pdbx_stereo_config 
_chem_comp_atom.pdbx_ordinal 
ALA N    N  N N 1   
ALA CA   C  N S 2   
ALA C    C  N N 3   
ALA O    O  N N 4   
ALA CB   C  N N 5   
ALA OXT  O  N N 6   
ALA H    H  N N 7   
ALA H2   H  N N 8   
ALA HA   H  N N 9   
ALA HB1  H  N N 10  
ALA HB2  H  N N 11  
ALA HB3  H  N N 12  
ALA HXT  H  N N 13  
ARG N    N  N N 14  
ARG CA   C  N S 15  
ARG C    C  N N 16  
ARG O    O  N N 17  
ARG CB   C  N N 18  
ARG CG   C  N N 19  
ARG CD   C  N N 20  
ARG NE   N  N N 21  
ARG CZ   C  N N 22  
ARG NH1  N  N N 23  
ARG NH2  N  N N 24  
ARG OXT  O  N N 25  
ARG H    H  N N 26  
ARG H2   H  N N 27  
ARG HA   H  N N 28  
ARG HB2  H  N N 29  
ARG HB3  H  N N 30  
ARG HG2  H  N N 31  
ARG HG3  H  N N 32  
ARG HD2  H  N N 33  
ARG HD3  H  N N 34  
ARG HE   H  N N 35  
ARG HH11 H  N N 36  
ARG HH12 H  N N 37  
ARG HH21 H  N N 38  
ARG HH22 H  N N 39  
ARG HXT  H  N N 40  
ASN N    N  N N 41  
ASN CA   C  N S 42  
ASN C    C  N N 43  
ASN O    O  N N 44  
ASN CB   C  N N 45  
ASN CG   C  N N 46  
ASN OD1  O  N N 47  
ASN ND2  N  N N 48  
ASN OXT  O  N N 49  
ASN H    H  N N 50  
ASN H2   H  N N 51  
ASN HA   H  N N 52  
ASN HB2  H  N N 53  
ASN HB3  H  N N 54  
ASN HD21 H  N N 55  
ASN HD22 H  N N 56  
ASN HXT  H  N N 57  
ASP N    N  N N 58  
ASP CA   C  N S 59  
ASP C    C  N N 60  
ASP O    O  N N 61  
ASP CB   C  N N 62  
ASP CG   C  N N 63  
ASP OD1  O  N N 64  
ASP OD2  O  N N 65  
ASP OXT  O  N N 66  
ASP H    H  N N 67  
ASP H2   H  N N 68  
ASP HA   H  N N 69  
ASP HB2  H  N N 70  
ASP HB3  H  N N 71  
ASP HD2  H  N N 72  
ASP HXT  H  N N 73  
CSD N    N  N N 74  
CSD CA   C  N R 75  
CSD CB   C  N N 76  
CSD SG   S  N N 77  
CSD C    C  N N 78  
CSD O    O  N N 79  
CSD OXT  O  N N 80  
CSD OD1  O  N N 81  
CSD OD2  O  N N 82  
CSD H    H  N N 83  
CSD H2   H  N N 84  
CSD HA   H  N N 85  
CSD HB2  H  N N 86  
CSD HB3  H  N N 87  
CSD HXT  H  N N 88  
CSD HD2  H  N N 89  
GLN N    N  N N 90  
GLN CA   C  N S 91  
GLN C    C  N N 92  
GLN O    O  N N 93  
GLN CB   C  N N 94  
GLN CG   C  N N 95  
GLN CD   C  N N 96  
GLN OE1  O  N N 97  
GLN NE2  N  N N 98  
GLN OXT  O  N N 99  
GLN H    H  N N 100 
GLN H2   H  N N 101 
GLN HA   H  N N 102 
GLN HB2  H  N N 103 
GLN HB3  H  N N 104 
GLN HG2  H  N N 105 
GLN HG3  H  N N 106 
GLN HE21 H  N N 107 
GLN HE22 H  N N 108 
GLN HXT  H  N N 109 
GLU N    N  N N 110 
GLU CA   C  N S 111 
GLU C    C  N N 112 
GLU O    O  N N 113 
GLU CB   C  N N 114 
GLU CG   C  N N 115 
GLU CD   C  N N 116 
GLU OE1  O  N N 117 
GLU OE2  O  N N 118 
GLU OXT  O  N N 119 
GLU H    H  N N 120 
GLU H2   H  N N 121 
GLU HA   H  N N 122 
GLU HB2  H  N N 123 
GLU HB3  H  N N 124 
GLU HG2  H  N N 125 
GLU HG3  H  N N 126 
GLU HE2  H  N N 127 
GLU HXT  H  N N 128 
GLY N    N  N N 129 
GLY CA   C  N N 130 
GLY C    C  N N 131 
GLY O    O  N N 132 
GLY OXT  O  N N 133 
GLY H    H  N N 134 
GLY H2   H  N N 135 
GLY HA2  H  N N 136 
GLY HA3  H  N N 137 
GLY HXT  H  N N 138 
HIS N    N  N N 139 
HIS CA   C  N S 140 
HIS C    C  N N 141 
HIS O    O  N N 142 
HIS CB   C  N N 143 
HIS CG   C  Y N 144 
HIS ND1  N  Y N 145 
HIS CD2  C  Y N 146 
HIS CE1  C  Y N 147 
HIS NE2  N  Y N 148 
HIS OXT  O  N N 149 
HIS H    H  N N 150 
HIS H2   H  N N 151 
HIS HA   H  N N 152 
HIS HB2  H  N N 153 
HIS HB3  H  N N 154 
HIS HD1  H  N N 155 
HIS HD2  H  N N 156 
HIS HE1  H  N N 157 
HIS HE2  H  N N 158 
HIS HXT  H  N N 159 
HOH O    O  N N 160 
HOH H1   H  N N 161 
HOH H2   H  N N 162 
ILE N    N  N N 163 
ILE CA   C  N S 164 
ILE C    C  N N 165 
ILE O    O  N N 166 
ILE CB   C  N S 167 
ILE CG1  C  N N 168 
ILE CG2  C  N N 169 
ILE CD1  C  N N 170 
ILE OXT  O  N N 171 
ILE H    H  N N 172 
ILE H2   H  N N 173 
ILE HA   H  N N 174 
ILE HB   H  N N 175 
ILE HG12 H  N N 176 
ILE HG13 H  N N 177 
ILE HG21 H  N N 178 
ILE HG22 H  N N 179 
ILE HG23 H  N N 180 
ILE HD11 H  N N 181 
ILE HD12 H  N N 182 
ILE HD13 H  N N 183 
ILE HXT  H  N N 184 
LEU N    N  N N 185 
LEU CA   C  N S 186 
LEU C    C  N N 187 
LEU O    O  N N 188 
LEU CB   C  N N 189 
LEU CG   C  N N 190 
LEU CD1  C  N N 191 
LEU CD2  C  N N 192 
LEU OXT  O  N N 193 
LEU H    H  N N 194 
LEU H2   H  N N 195 
LEU HA   H  N N 196 
LEU HB2  H  N N 197 
LEU HB3  H  N N 198 
LEU HG   H  N N 199 
LEU HD11 H  N N 200 
LEU HD12 H  N N 201 
LEU HD13 H  N N 202 
LEU HD21 H  N N 203 
LEU HD22 H  N N 204 
LEU HD23 H  N N 205 
LEU HXT  H  N N 206 
LYS N    N  N N 207 
LYS CA   C  N S 208 
LYS C    C  N N 209 
LYS O    O  N N 210 
LYS CB   C  N N 211 
LYS CG   C  N N 212 
LYS CD   C  N N 213 
LYS CE   C  N N 214 
LYS NZ   N  N N 215 
LYS OXT  O  N N 216 
LYS H    H  N N 217 
LYS H2   H  N N 218 
LYS HA   H  N N 219 
LYS HB2  H  N N 220 
LYS HB3  H  N N 221 
LYS HG2  H  N N 222 
LYS HG3  H  N N 223 
LYS HD2  H  N N 224 
LYS HD3  H  N N 225 
LYS HE2  H  N N 226 
LYS HE3  H  N N 227 
LYS HZ1  H  N N 228 
LYS HZ2  H  N N 229 
LYS HZ3  H  N N 230 
LYS HXT  H  N N 231 
MET N    N  N N 232 
MET CA   C  N S 233 
MET C    C  N N 234 
MET O    O  N N 235 
MET CB   C  N N 236 
MET CG   C  N N 237 
MET SD   S  N N 238 
MET CE   C  N N 239 
MET OXT  O  N N 240 
MET H    H  N N 241 
MET H2   H  N N 242 
MET HA   H  N N 243 
MET HB2  H  N N 244 
MET HB3  H  N N 245 
MET HG2  H  N N 246 
MET HG3  H  N N 247 
MET HE1  H  N N 248 
MET HE2  H  N N 249 
MET HE3  H  N N 250 
MET HXT  H  N N 251 
PHE N    N  N N 252 
PHE CA   C  N S 253 
PHE C    C  N N 254 
PHE O    O  N N 255 
PHE CB   C  N N 256 
PHE CG   C  Y N 257 
PHE CD1  C  Y N 258 
PHE CD2  C  Y N 259 
PHE CE1  C  Y N 260 
PHE CE2  C  Y N 261 
PHE CZ   C  Y N 262 
PHE OXT  O  N N 263 
PHE H    H  N N 264 
PHE H2   H  N N 265 
PHE HA   H  N N 266 
PHE HB2  H  N N 267 
PHE HB3  H  N N 268 
PHE HD1  H  N N 269 
PHE HD2  H  N N 270 
PHE HE1  H  N N 271 
PHE HE2  H  N N 272 
PHE HZ   H  N N 273 
PHE HXT  H  N N 274 
PRO N    N  N N 275 
PRO CA   C  N S 276 
PRO C    C  N N 277 
PRO O    O  N N 278 
PRO CB   C  N N 279 
PRO CG   C  N N 280 
PRO CD   C  N N 281 
PRO OXT  O  N N 282 
PRO H    H  N N 283 
PRO HA   H  N N 284 
PRO HB2  H  N N 285 
PRO HB3  H  N N 286 
PRO HG2  H  N N 287 
PRO HG3  H  N N 288 
PRO HD2  H  N N 289 
PRO HD3  H  N N 290 
PRO HXT  H  N N 291 
SER N    N  N N 292 
SER CA   C  N S 293 
SER C    C  N N 294 
SER O    O  N N 295 
SER CB   C  N N 296 
SER OG   O  N N 297 
SER OXT  O  N N 298 
SER H    H  N N 299 
SER H2   H  N N 300 
SER HA   H  N N 301 
SER HB2  H  N N 302 
SER HB3  H  N N 303 
SER HG   H  N N 304 
SER HXT  H  N N 305 
THR N    N  N N 306 
THR CA   C  N S 307 
THR C    C  N N 308 
THR O    O  N N 309 
THR CB   C  N R 310 
THR OG1  O  N N 311 
THR CG2  C  N N 312 
THR OXT  O  N N 313 
THR H    H  N N 314 
THR H2   H  N N 315 
THR HA   H  N N 316 
THR HB   H  N N 317 
THR HG1  H  N N 318 
THR HG21 H  N N 319 
THR HG22 H  N N 320 
THR HG23 H  N N 321 
THR HXT  H  N N 322 
TYR N    N  N N 323 
TYR CA   C  N S 324 
TYR C    C  N N 325 
TYR O    O  N N 326 
TYR CB   C  N N 327 
TYR CG   C  Y N 328 
TYR CD1  C  Y N 329 
TYR CD2  C  Y N 330 
TYR CE1  C  Y N 331 
TYR CE2  C  Y N 332 
TYR CZ   C  Y N 333 
TYR OH   O  N N 334 
TYR OXT  O  N N 335 
TYR H    H  N N 336 
TYR H2   H  N N 337 
TYR HA   H  N N 338 
TYR HB2  H  N N 339 
TYR HB3  H  N N 340 
TYR HD1  H  N N 341 
TYR HD2  H  N N 342 
TYR HE1  H  N N 343 
TYR HE2  H  N N 344 
TYR HH   H  N N 345 
TYR HXT  H  N N 346 
UDB C    C  N N 347 
UDB N    N  N N 348 
UDB O    O  N N 349 
UDB F1   F  N N 350 
UDB F2   F  N N 351 
UDB CA   C  N S 352 
UDB CB   C  N N 353 
UDB CAA  C  N N 354 
UDB CAC  C  N N 355 
UDB CAD  C  N N 356 
UDB CAG  C  N N 357 
UDB OAH  O  N N 358 
UDB NAI  N  N N 359 
UDB CAJ  C  Y N 360 
UDB CAK  C  Y N 361 
UDB CAL  C  Y N 362 
UDB CAM  C  Y N 363 
UDB CAN  C  Y N 364 
UDB CAP  C  Y N 365 
UDB NAS  N  N N 366 
UDB CAT  C  N N 367 
UDB CAU  C  N N 368 
UDB OAV  O  N N 369 
UDB NAW  N  N N 370 
UDB OAX  O  N N 371 
UDB CAY  C  N N 372 
UDB CAZ  C  N N 373 
UDB CBA  C  N N 374 
UDB CBB  C  N N 375 
UDB CBC  C  N N 376 
UDB CBD  C  N N 377 
UDB HN   H  N N 378 
UDB HA   H  N N 379 
UDB HAA  H  N N 380 
UDB HAAA H  N N 381 
UDB HAAB H  N N 382 
UDB HAC  H  N N 383 
UDB HACA H  N N 384 
UDB HACB H  N N 385 
UDB HAD  H  N N 386 
UDB HADA H  N N 387 
UDB HADB H  N N 388 
UDB HNAI H  N N 389 
UDB HAK  H  N N 390 
UDB HAM  H  N N 391 
UDB HAP  H  N N 392 
UDB HAT  H  N N 393 
UDB HATA H  N N 394 
UDB HNAW H  N N 395 
UDB HOAX H  N N 396 
UDB HAY  H  N N 397 
UDB HAYA H  N N 398 
UDB HAZ  H  N N 399 
UDB HBA  H  N N 400 
UDB HBAA H  N N 401 
UDB HBB  H  N N 402 
UDB HBBA H  N N 403 
UDB HBC  H  N N 404 
UDB HBCA H  N N 405 
UDB HBD  H  N N 406 
UDB HBDA H  N N 407 
VAL N    N  N N 408 
VAL CA   C  N S 409 
VAL C    C  N N 410 
VAL O    O  N N 411 
VAL CB   C  N N 412 
VAL CG1  C  N N 413 
VAL CG2  C  N N 414 
VAL OXT  O  N N 415 
VAL H    H  N N 416 
VAL H2   H  N N 417 
VAL HA   H  N N 418 
VAL HB   H  N N 419 
VAL HG11 H  N N 420 
VAL HG12 H  N N 421 
VAL HG13 H  N N 422 
VAL HG21 H  N N 423 
VAL HG22 H  N N 424 
VAL HG23 H  N N 425 
VAL HXT  H  N N 426 
ZN  ZN   ZN N N 427 
# 
loop_
_chem_comp_bond.comp_id 
_chem_comp_bond.atom_id_1 
_chem_comp_bond.atom_id_2 
_chem_comp_bond.value_order 
_chem_comp_bond.pdbx_aromatic_flag 
_chem_comp_bond.pdbx_stereo_config 
_chem_comp_bond.pdbx_ordinal 
ALA N   CA   sing N N 1   
ALA N   H    sing N N 2   
ALA N   H2   sing N N 3   
ALA CA  C    sing N N 4   
ALA CA  CB   sing N N 5   
ALA CA  HA   sing N N 6   
ALA C   O    doub N N 7   
ALA C   OXT  sing N N 8   
ALA CB  HB1  sing N N 9   
ALA CB  HB2  sing N N 10  
ALA CB  HB3  sing N N 11  
ALA OXT HXT  sing N N 12  
ARG N   CA   sing N N 13  
ARG N   H    sing N N 14  
ARG N   H2   sing N N 15  
ARG CA  C    sing N N 16  
ARG CA  CB   sing N N 17  
ARG CA  HA   sing N N 18  
ARG C   O    doub N N 19  
ARG C   OXT  sing N N 20  
ARG CB  CG   sing N N 21  
ARG CB  HB2  sing N N 22  
ARG CB  HB3  sing N N 23  
ARG CG  CD   sing N N 24  
ARG CG  HG2  sing N N 25  
ARG CG  HG3  sing N N 26  
ARG CD  NE   sing N N 27  
ARG CD  HD2  sing N N 28  
ARG CD  HD3  sing N N 29  
ARG NE  CZ   sing N N 30  
ARG NE  HE   sing N N 31  
ARG CZ  NH1  sing N N 32  
ARG CZ  NH2  doub N N 33  
ARG NH1 HH11 sing N N 34  
ARG NH1 HH12 sing N N 35  
ARG NH2 HH21 sing N N 36  
ARG NH2 HH22 sing N N 37  
ARG OXT HXT  sing N N 38  
ASN N   CA   sing N N 39  
ASN N   H    sing N N 40  
ASN N   H2   sing N N 41  
ASN CA  C    sing N N 42  
ASN CA  CB   sing N N 43  
ASN CA  HA   sing N N 44  
ASN C   O    doub N N 45  
ASN C   OXT  sing N N 46  
ASN CB  CG   sing N N 47  
ASN CB  HB2  sing N N 48  
ASN CB  HB3  sing N N 49  
ASN CG  OD1  doub N N 50  
ASN CG  ND2  sing N N 51  
ASN ND2 HD21 sing N N 52  
ASN ND2 HD22 sing N N 53  
ASN OXT HXT  sing N N 54  
ASP N   CA   sing N N 55  
ASP N   H    sing N N 56  
ASP N   H2   sing N N 57  
ASP CA  C    sing N N 58  
ASP CA  CB   sing N N 59  
ASP CA  HA   sing N N 60  
ASP C   O    doub N N 61  
ASP C   OXT  sing N N 62  
ASP CB  CG   sing N N 63  
ASP CB  HB2  sing N N 64  
ASP CB  HB3  sing N N 65  
ASP CG  OD1  doub N N 66  
ASP CG  OD2  sing N N 67  
ASP OD2 HD2  sing N N 68  
ASP OXT HXT  sing N N 69  
CSD N   CA   sing N N 70  
CSD N   H    sing N N 71  
CSD N   H2   sing N N 72  
CSD CA  CB   sing N N 73  
CSD CA  C    sing N N 74  
CSD CA  HA   sing N N 75  
CSD CB  SG   sing N N 76  
CSD CB  HB2  sing N N 77  
CSD CB  HB3  sing N N 78  
CSD SG  OD1  doub N N 79  
CSD SG  OD2  sing N N 80  
CSD C   O    doub N N 81  
CSD C   OXT  sing N N 82  
CSD OXT HXT  sing N N 83  
CSD OD2 HD2  sing N N 84  
GLN N   CA   sing N N 85  
GLN N   H    sing N N 86  
GLN N   H2   sing N N 87  
GLN CA  C    sing N N 88  
GLN CA  CB   sing N N 89  
GLN CA  HA   sing N N 90  
GLN C   O    doub N N 91  
GLN C   OXT  sing N N 92  
GLN CB  CG   sing N N 93  
GLN CB  HB2  sing N N 94  
GLN CB  HB3  sing N N 95  
GLN CG  CD   sing N N 96  
GLN CG  HG2  sing N N 97  
GLN CG  HG3  sing N N 98  
GLN CD  OE1  doub N N 99  
GLN CD  NE2  sing N N 100 
GLN NE2 HE21 sing N N 101 
GLN NE2 HE22 sing N N 102 
GLN OXT HXT  sing N N 103 
GLU N   CA   sing N N 104 
GLU N   H    sing N N 105 
GLU N   H2   sing N N 106 
GLU CA  C    sing N N 107 
GLU CA  CB   sing N N 108 
GLU CA  HA   sing N N 109 
GLU C   O    doub N N 110 
GLU C   OXT  sing N N 111 
GLU CB  CG   sing N N 112 
GLU CB  HB2  sing N N 113 
GLU CB  HB3  sing N N 114 
GLU CG  CD   sing N N 115 
GLU CG  HG2  sing N N 116 
GLU CG  HG3  sing N N 117 
GLU CD  OE1  doub N N 118 
GLU CD  OE2  sing N N 119 
GLU OE2 HE2  sing N N 120 
GLU OXT HXT  sing N N 121 
GLY N   CA   sing N N 122 
GLY N   H    sing N N 123 
GLY N   H2   sing N N 124 
GLY CA  C    sing N N 125 
GLY CA  HA2  sing N N 126 
GLY CA  HA3  sing N N 127 
GLY C   O    doub N N 128 
GLY C   OXT  sing N N 129 
GLY OXT HXT  sing N N 130 
HIS N   CA   sing N N 131 
HIS N   H    sing N N 132 
HIS N   H2   sing N N 133 
HIS CA  C    sing N N 134 
HIS CA  CB   sing N N 135 
HIS CA  HA   sing N N 136 
HIS C   O    doub N N 137 
HIS C   OXT  sing N N 138 
HIS CB  CG   sing N N 139 
HIS CB  HB2  sing N N 140 
HIS CB  HB3  sing N N 141 
HIS CG  ND1  sing Y N 142 
HIS CG  CD2  doub Y N 143 
HIS ND1 CE1  doub Y N 144 
HIS ND1 HD1  sing N N 145 
HIS CD2 NE2  sing Y N 146 
HIS CD2 HD2  sing N N 147 
HIS CE1 NE2  sing Y N 148 
HIS CE1 HE1  sing N N 149 
HIS NE2 HE2  sing N N 150 
HIS OXT HXT  sing N N 151 
HOH O   H1   sing N N 152 
HOH O   H2   sing N N 153 
ILE N   CA   sing N N 154 
ILE N   H    sing N N 155 
ILE N   H2   sing N N 156 
ILE CA  C    sing N N 157 
ILE CA  CB   sing N N 158 
ILE CA  HA   sing N N 159 
ILE C   O    doub N N 160 
ILE C   OXT  sing N N 161 
ILE CB  CG1  sing N N 162 
ILE CB  CG2  sing N N 163 
ILE CB  HB   sing N N 164 
ILE CG1 CD1  sing N N 165 
ILE CG1 HG12 sing N N 166 
ILE CG1 HG13 sing N N 167 
ILE CG2 HG21 sing N N 168 
ILE CG2 HG22 sing N N 169 
ILE CG2 HG23 sing N N 170 
ILE CD1 HD11 sing N N 171 
ILE CD1 HD12 sing N N 172 
ILE CD1 HD13 sing N N 173 
ILE OXT HXT  sing N N 174 
LEU N   CA   sing N N 175 
LEU N   H    sing N N 176 
LEU N   H2   sing N N 177 
LEU CA  C    sing N N 178 
LEU CA  CB   sing N N 179 
LEU CA  HA   sing N N 180 
LEU C   O    doub N N 181 
LEU C   OXT  sing N N 182 
LEU CB  CG   sing N N 183 
LEU CB  HB2  sing N N 184 
LEU CB  HB3  sing N N 185 
LEU CG  CD1  sing N N 186 
LEU CG  CD2  sing N N 187 
LEU CG  HG   sing N N 188 
LEU CD1 HD11 sing N N 189 
LEU CD1 HD12 sing N N 190 
LEU CD1 HD13 sing N N 191 
LEU CD2 HD21 sing N N 192 
LEU CD2 HD22 sing N N 193 
LEU CD2 HD23 sing N N 194 
LEU OXT HXT  sing N N 195 
LYS N   CA   sing N N 196 
LYS N   H    sing N N 197 
LYS N   H2   sing N N 198 
LYS CA  C    sing N N 199 
LYS CA  CB   sing N N 200 
LYS CA  HA   sing N N 201 
LYS C   O    doub N N 202 
LYS C   OXT  sing N N 203 
LYS CB  CG   sing N N 204 
LYS CB  HB2  sing N N 205 
LYS CB  HB3  sing N N 206 
LYS CG  CD   sing N N 207 
LYS CG  HG2  sing N N 208 
LYS CG  HG3  sing N N 209 
LYS CD  CE   sing N N 210 
LYS CD  HD2  sing N N 211 
LYS CD  HD3  sing N N 212 
LYS CE  NZ   sing N N 213 
LYS CE  HE2  sing N N 214 
LYS CE  HE3  sing N N 215 
LYS NZ  HZ1  sing N N 216 
LYS NZ  HZ2  sing N N 217 
LYS NZ  HZ3  sing N N 218 
LYS OXT HXT  sing N N 219 
MET N   CA   sing N N 220 
MET N   H    sing N N 221 
MET N   H2   sing N N 222 
MET CA  C    sing N N 223 
MET CA  CB   sing N N 224 
MET CA  HA   sing N N 225 
MET C   O    doub N N 226 
MET C   OXT  sing N N 227 
MET CB  CG   sing N N 228 
MET CB  HB2  sing N N 229 
MET CB  HB3  sing N N 230 
MET CG  SD   sing N N 231 
MET CG  HG2  sing N N 232 
MET CG  HG3  sing N N 233 
MET SD  CE   sing N N 234 
MET CE  HE1  sing N N 235 
MET CE  HE2  sing N N 236 
MET CE  HE3  sing N N 237 
MET OXT HXT  sing N N 238 
PHE N   CA   sing N N 239 
PHE N   H    sing N N 240 
PHE N   H2   sing N N 241 
PHE CA  C    sing N N 242 
PHE CA  CB   sing N N 243 
PHE CA  HA   sing N N 244 
PHE C   O    doub N N 245 
PHE C   OXT  sing N N 246 
PHE CB  CG   sing N N 247 
PHE CB  HB2  sing N N 248 
PHE CB  HB3  sing N N 249 
PHE CG  CD1  doub Y N 250 
PHE CG  CD2  sing Y N 251 
PHE CD1 CE1  sing Y N 252 
PHE CD1 HD1  sing N N 253 
PHE CD2 CE2  doub Y N 254 
PHE CD2 HD2  sing N N 255 
PHE CE1 CZ   doub Y N 256 
PHE CE1 HE1  sing N N 257 
PHE CE2 CZ   sing Y N 258 
PHE CE2 HE2  sing N N 259 
PHE CZ  HZ   sing N N 260 
PHE OXT HXT  sing N N 261 
PRO N   CA   sing N N 262 
PRO N   CD   sing N N 263 
PRO N   H    sing N N 264 
PRO CA  C    sing N N 265 
PRO CA  CB   sing N N 266 
PRO CA  HA   sing N N 267 
PRO C   O    doub N N 268 
PRO C   OXT  sing N N 269 
PRO CB  CG   sing N N 270 
PRO CB  HB2  sing N N 271 
PRO CB  HB3  sing N N 272 
PRO CG  CD   sing N N 273 
PRO CG  HG2  sing N N 274 
PRO CG  HG3  sing N N 275 
PRO CD  HD2  sing N N 276 
PRO CD  HD3  sing N N 277 
PRO OXT HXT  sing N N 278 
SER N   CA   sing N N 279 
SER N   H    sing N N 280 
SER N   H2   sing N N 281 
SER CA  C    sing N N 282 
SER CA  CB   sing N N 283 
SER CA  HA   sing N N 284 
SER C   O    doub N N 285 
SER C   OXT  sing N N 286 
SER CB  OG   sing N N 287 
SER CB  HB2  sing N N 288 
SER CB  HB3  sing N N 289 
SER OG  HG   sing N N 290 
SER OXT HXT  sing N N 291 
THR N   CA   sing N N 292 
THR N   H    sing N N 293 
THR N   H2   sing N N 294 
THR CA  C    sing N N 295 
THR CA  CB   sing N N 296 
THR CA  HA   sing N N 297 
THR C   O    doub N N 298 
THR C   OXT  sing N N 299 
THR CB  OG1  sing N N 300 
THR CB  CG2  sing N N 301 
THR CB  HB   sing N N 302 
THR OG1 HG1  sing N N 303 
THR CG2 HG21 sing N N 304 
THR CG2 HG22 sing N N 305 
THR CG2 HG23 sing N N 306 
THR OXT HXT  sing N N 307 
TYR N   CA   sing N N 308 
TYR N   H    sing N N 309 
TYR N   H2   sing N N 310 
TYR CA  C    sing N N 311 
TYR CA  CB   sing N N 312 
TYR CA  HA   sing N N 313 
TYR C   O    doub N N 314 
TYR C   OXT  sing N N 315 
TYR CB  CG   sing N N 316 
TYR CB  HB2  sing N N 317 
TYR CB  HB3  sing N N 318 
TYR CG  CD1  doub Y N 319 
TYR CG  CD2  sing Y N 320 
TYR CD1 CE1  sing Y N 321 
TYR CD1 HD1  sing N N 322 
TYR CD2 CE2  doub Y N 323 
TYR CD2 HD2  sing N N 324 
TYR CE1 CZ   doub Y N 325 
TYR CE1 HE1  sing N N 326 
TYR CE2 CZ   sing Y N 327 
TYR CE2 HE2  sing N N 328 
TYR CZ  OH   sing N N 329 
TYR OH  HH   sing N N 330 
TYR OXT HXT  sing N N 331 
UDB C   O    doub N N 332 
UDB C   CA   sing N N 333 
UDB C   NAS  sing N N 334 
UDB N   CA   sing N N 335 
UDB N   CAG  sing N N 336 
UDB F1  CAL  sing N N 337 
UDB F2  CAN  sing N N 338 
UDB CA  CB   sing N N 339 
UDB CB  CAA  sing N N 340 
UDB CB  CAC  sing N N 341 
UDB CB  CAD  sing N N 342 
UDB CAG OAH  doub N N 343 
UDB CAG NAI  sing N N 344 
UDB NAI CAJ  sing N N 345 
UDB CAJ CAK  doub Y N 346 
UDB CAJ CAP  sing Y N 347 
UDB CAK CAL  sing Y N 348 
UDB CAL CAM  doub Y N 349 
UDB CAM CAN  sing Y N 350 
UDB CAN CAP  doub Y N 351 
UDB NAS CAT  sing N N 352 
UDB NAS CAY  sing N N 353 
UDB CAT CAU  sing N N 354 
UDB CAU OAV  doub N N 355 
UDB CAU NAW  sing N N 356 
UDB NAW OAX  sing N N 357 
UDB CAY CAZ  sing N N 358 
UDB CAZ CBA  sing N N 359 
UDB CAZ CBD  sing N N 360 
UDB CBA CBB  sing N N 361 
UDB CBB CBC  sing N N 362 
UDB CBC CBD  sing N N 363 
UDB N   HN   sing N N 364 
UDB CA  HA   sing N N 365 
UDB CAA HAA  sing N N 366 
UDB CAA HAAA sing N N 367 
UDB CAA HAAB sing N N 368 
UDB CAC HAC  sing N N 369 
UDB CAC HACA sing N N 370 
UDB CAC HACB sing N N 371 
UDB CAD HAD  sing N N 372 
UDB CAD HADA sing N N 373 
UDB CAD HADB sing N N 374 
UDB NAI HNAI sing N N 375 
UDB CAK HAK  sing N N 376 
UDB CAM HAM  sing N N 377 
UDB CAP HAP  sing N N 378 
UDB CAT HAT  sing N N 379 
UDB CAT HATA sing N N 380 
UDB NAW HNAW sing N N 381 
UDB OAX HOAX sing N N 382 
UDB CAY HAY  sing N N 383 
UDB CAY HAYA sing N N 384 
UDB CAZ HAZ  sing N N 385 
UDB CBA HBA  sing N N 386 
UDB CBA HBAA sing N N 387 
UDB CBB HBB  sing N N 388 
UDB CBB HBBA sing N N 389 
UDB CBC HBC  sing N N 390 
UDB CBC HBCA sing N N 391 
UDB CBD HBD  sing N N 392 
UDB CBD HBDA sing N N 393 
VAL N   CA   sing N N 394 
VAL N   H    sing N N 395 
VAL N   H2   sing N N 396 
VAL CA  C    sing N N 397 
VAL CA  CB   sing N N 398 
VAL CA  HA   sing N N 399 
VAL C   O    doub N N 400 
VAL C   OXT  sing N N 401 
VAL CB  CG1  sing N N 402 
VAL CB  CG2  sing N N 403 
VAL CB  HB   sing N N 404 
VAL CG1 HG11 sing N N 405 
VAL CG1 HG12 sing N N 406 
VAL CG1 HG13 sing N N 407 
VAL CG2 HG21 sing N N 408 
VAL CG2 HG22 sing N N 409 
VAL CG2 HG23 sing N N 410 
VAL OXT HXT  sing N N 411 
# 
_pdbx_initial_refinement_model.id               1 
_pdbx_initial_refinement_model.entity_id_list   ? 
_pdbx_initial_refinement_model.type             'experimental model' 
_pdbx_initial_refinement_model.source_name      PDB 
_pdbx_initial_refinement_model.accession_code   1Q1Y 
_pdbx_initial_refinement_model.details          ? 
# 
_atom_sites.entry_id                    3U7L 
_atom_sites.fract_transf_matrix[1][1]   0.00281293 
_atom_sites.fract_transf_matrix[1][2]   -0.00822973 
_atom_sites.fract_transf_matrix[1][3]   0.00597349 
_atom_sites.fract_transf_matrix[2][1]   0.00095826 
_atom_sites.fract_transf_matrix[2][2]   -0.00463716 
_atom_sites.fract_transf_matrix[2][3]   -0.00683990 
_atom_sites.fract_transf_matrix[3][1]   0.02002501 
_atom_sites.fract_transf_matrix[3][2]   0.00595200 
_atom_sites.fract_transf_matrix[3][3]   -0.00122972 
_atom_sites.fract_transf_vector[1]      -0.163721 
_atom_sites.fract_transf_vector[2]      1.152240 
_atom_sites.fract_transf_vector[3]      0.870609 
# 
loop_
_atom_type.symbol 
C  
F  
N  
O  
S  
ZN 
# 
loop_
_atom_site.group_PDB 
_atom_site.id 
_atom_site.type_symbol 
_atom_site.label_atom_id 
_atom_site.label_alt_id 
_atom_site.label_comp_id 
_atom_site.label_asym_id 
_atom_site.label_entity_id 
_atom_site.label_seq_id 
_atom_site.pdbx_PDB_ins_code 
_atom_site.Cartn_x 
_atom_site.Cartn_y 
_atom_site.Cartn_z 
_atom_site.occupancy 
_atom_site.B_iso_or_equiv 
_atom_site.pdbx_formal_charge 
_atom_site.auth_seq_id 
_atom_site.auth_comp_id 
_atom_site.auth_asym_id 
_atom_site.auth_atom_id 
_atom_site.pdbx_PDB_model_num 
ATOM   1    N  N   . MET A 1 1   ? -10.509 -14.315 -10.275 1.00 29.45 ? 1   MET A N   1 
ATOM   2    C  CA  . MET A 1 1   ? -9.083  -13.903 -10.278 1.00 29.23 ? 1   MET A CA  1 
ATOM   3    C  C   . MET A 1 1   ? -8.986  -12.437 -10.676 1.00 28.82 ? 1   MET A C   1 
ATOM   4    O  O   . MET A 1 1   ? -9.322  -12.074 -11.812 1.00 28.65 ? 1   MET A O   1 
ATOM   5    C  CB  . MET A 1 1   ? -8.273  -14.763 -11.253 1.00 30.06 ? 1   MET A CB  1 
ATOM   6    C  CG  . MET A 1 1   ? -6.850  -14.255 -11.487 1.00 32.31 ? 1   MET A CG  1 
ATOM   7    S  SD  . MET A 1 1   ? -5.926  -15.071 -12.810 1.00 38.51 ? 1   MET A SD  1 
ATOM   8    C  CE  . MET A 1 1   ? -5.618  -16.684 -12.090 1.00 37.84 ? 1   MET A CE  1 
ATOM   9    N  N   . LEU A 1 2   ? -8.507  -11.598 -9.760  1.00 27.23 ? 2   LEU A N   1 
ATOM   10   C  CA  . LEU A 1 2   ? -8.307  -10.193 -10.082 1.00 26.43 ? 2   LEU A CA  1 
ATOM   11   C  C   . LEU A 1 2   ? -7.135  -10.037 -11.044 1.00 25.92 ? 2   LEU A C   1 
ATOM   12   O  O   . LEU A 1 2   ? -6.128  -10.744 -10.930 1.00 25.83 ? 2   LEU A O   1 
ATOM   13   C  CB  . LEU A 1 2   ? -8.051  -9.355  -8.820  1.00 26.20 ? 2   LEU A CB  1 
ATOM   14   C  CG  . LEU A 1 2   ? -9.137  -9.185  -7.748  1.00 26.32 ? 2   LEU A CG  1 
ATOM   15   C  CD1 . LEU A 1 2   ? -8.587  -8.396  -6.570  1.00 25.33 ? 2   LEU A CD1 1 
ATOM   16   C  CD2 . LEU A 1 2   ? -10.384 -8.499  -8.301  1.00 27.37 ? 2   LEU A CD2 1 
ATOM   17   N  N   . THR A 1 3   ? -7.268  -9.119  -11.997 1.00 25.40 ? 3   THR A N   1 
ATOM   18   C  CA  . THR A 1 3   ? -6.145  -8.769  -12.875 1.00 25.04 ? 3   THR A CA  1 
ATOM   19   C  C   . THR A 1 3   ? -6.086  -7.258  -13.050 1.00 25.30 ? 3   THR A C   1 
ATOM   20   O  O   . THR A 1 3   ? -6.826  -6.527  -12.371 1.00 25.06 ? 3   THR A O   1 
ATOM   21   C  CB  . THR A 1 3   ? -6.234  -9.482  -14.248 1.00 25.05 ? 3   THR A CB  1 
ATOM   22   O  OG1 . THR A 1 3   ? -7.435  -9.072  -14.920 1.00 24.93 ? 3   THR A OG1 1 
ATOM   23   C  CG2 . THR A 1 3   ? -6.235  -11.005 -14.063 1.00 23.49 ? 3   THR A CG2 1 
ATOM   24   N  N   . MET A 1 4   ? -5.231  -6.782  -13.959 1.00 25.52 ? 4   MET A N   1 
ATOM   25   C  CA  . MET A 1 4   ? -5.086  -5.339  -14.180 1.00 26.17 ? 4   MET A CA  1 
ATOM   26   C  C   . MET A 1 4   ? -6.407  -4.644  -14.543 1.00 25.67 ? 4   MET A C   1 
ATOM   27   O  O   . MET A 1 4   ? -6.583  -3.464  -14.223 1.00 25.23 ? 4   MET A O   1 
ATOM   28   C  CB  . MET A 1 4   ? -4.000  -4.999  -15.222 1.00 26.46 ? 4   MET A CB  1 
ATOM   29   C  CG  . MET A 1 4   ? -2.552  -5.315  -14.807 1.00 28.32 ? 4   MET A CG  1 
ATOM   30   S  SD  . MET A 1 4   ? -2.016  -4.698  -13.180 1.00 30.85 ? 4   MET A SD  1 
ATOM   31   C  CE  . MET A 1 4   ? -2.090  -2.923  -13.418 1.00 27.39 ? 4   MET A CE  1 
ATOM   32   N  N   . LYS A 1 5   ? -7.331  -5.365  -15.182 1.00 25.19 ? 5   LYS A N   1 
ATOM   33   C  CA  . LYS A 1 5   ? -8.623  -4.764  -15.573 1.00 25.47 ? 5   LYS A CA  1 
ATOM   34   C  C   . LYS A 1 5   ? -9.497  -4.356  -14.386 1.00 25.04 ? 5   LYS A C   1 
ATOM   35   O  O   . LYS A 1 5   ? -10.348 -3.470  -14.515 1.00 24.99 ? 5   LYS A O   1 
ATOM   36   C  CB  . LYS A 1 5   ? -9.421  -5.644  -16.557 1.00 25.92 ? 5   LYS A CB  1 
ATOM   37   C  CG  . LYS A 1 5   ? -9.526  -7.112  -16.204 1.00 27.88 ? 5   LYS A CG  1 
ATOM   38   C  CD  . LYS A 1 5   ? -10.611 -7.882  -17.004 1.00 30.78 ? 5   LYS A CD  1 
ATOM   39   C  CE  . LYS A 1 5   ? -11.194 -7.100  -18.173 1.00 31.78 ? 5   LYS A CE  1 
ATOM   40   N  NZ  . LYS A 1 5   ? -11.980 -7.973  -19.109 1.00 32.03 ? 5   LYS A NZ  1 
ATOM   41   N  N   . ASP A 1 6   ? -9.282  -4.997  -13.238 1.00 24.58 ? 6   ASP A N   1 
ATOM   42   C  CA  . ASP A 1 6   ? -9.990  -4.651  -11.999 1.00 24.45 ? 6   ASP A CA  1 
ATOM   43   C  C   . ASP A 1 6   ? -9.429  -3.409  -11.300 1.00 24.47 ? 6   ASP A C   1 
ATOM   44   O  O   . ASP A 1 6   ? -10.076 -2.825  -10.420 1.00 24.72 ? 6   ASP A O   1 
ATOM   45   C  CB  . ASP A 1 6   ? -9.940  -5.835  -11.043 1.00 24.47 ? 6   ASP A CB  1 
ATOM   46   C  CG  . ASP A 1 6   ? -10.612 -7.052  -11.613 1.00 25.03 ? 6   ASP A CG  1 
ATOM   47   O  OD1 . ASP A 1 6   ? -11.850 -7.086  -11.570 1.00 26.00 ? 6   ASP A OD1 1 
ATOM   48   O  OD2 . ASP A 1 6   ? -9.909  -7.965  -12.102 1.00 25.24 ? 6   ASP A OD2 1 
ATOM   49   N  N   . ILE A 1 7   ? -8.225  -3.009  -11.693 1.00 24.44 ? 7   ILE A N   1 
ATOM   50   C  CA  . ILE A 1 7   ? -7.554  -1.881  -11.068 1.00 24.20 ? 7   ILE A CA  1 
ATOM   51   C  C   . ILE A 1 7   ? -7.959  -0.616  -11.772 1.00 24.63 ? 7   ILE A C   1 
ATOM   52   O  O   . ILE A 1 7   ? -7.675  -0.457  -12.958 1.00 25.00 ? 7   ILE A O   1 
ATOM   53   C  CB  . ILE A 1 7   ? -6.019  -2.021  -11.155 1.00 24.47 ? 7   ILE A CB  1 
ATOM   54   C  CG1 . ILE A 1 7   ? -5.555  -3.330  -10.497 1.00 24.11 ? 7   ILE A CG1 1 
ATOM   55   C  CG2 . ILE A 1 7   ? -5.317  -0.757  -10.585 1.00 23.48 ? 7   ILE A CG2 1 
ATOM   56   C  CD1 . ILE A 1 7   ? -5.582  -3.327  -8.986  1.00 26.25 ? 7   ILE A CD1 1 
ATOM   57   N  N   . ILE A 1 8   ? -8.613  0.286   -11.047 1.00 24.45 ? 8   ILE A N   1 
ATOM   58   C  CA  . ILE A 1 8   ? -9.054  1.548   -11.628 1.00 24.35 ? 8   ILE A CA  1 
ATOM   59   C  C   . ILE A 1 8   ? -7.883  2.531   -11.777 1.00 25.27 ? 8   ILE A C   1 
ATOM   60   O  O   . ILE A 1 8   ? -6.876  2.450   -11.049 1.00 24.32 ? 8   ILE A O   1 
ATOM   61   C  CB  . ILE A 1 8   ? -10.243 2.172   -10.855 1.00 24.39 ? 8   ILE A CB  1 
ATOM   62   C  CG1 . ILE A 1 8   ? -9.849  2.523   -9.406  1.00 22.95 ? 8   ILE A CG1 1 
ATOM   63   C  CG2 . ILE A 1 8   ? -11.454 1.221   -10.890 1.00 23.27 ? 8   ILE A CG2 1 
ATOM   64   C  CD1 . ILE A 1 8   ? -10.927 3.286   -8.643  1.00 23.25 ? 8   ILE A CD1 1 
ATOM   65   N  N   . ARG A 1 9   ? -8.025  3.438   -12.742 1.00 26.01 ? 9   ARG A N   1 
ATOM   66   C  CA  . ARG A 1 9   ? -6.960  4.352   -13.140 1.00 27.11 ? 9   ARG A CA  1 
ATOM   67   C  C   . ARG A 1 9   ? -7.096  5.706   -12.460 1.00 27.05 ? 9   ARG A C   1 
ATOM   68   O  O   . ARG A 1 9   ? -8.203  6.157   -12.151 1.00 26.51 ? 9   ARG A O   1 
ATOM   69   C  CB  . ARG A 1 9   ? -6.961  4.555   -14.666 1.00 27.56 ? 9   ARG A CB  1 
ATOM   70   C  CG  . ARG A 1 9   ? -6.895  3.279   -15.490 1.00 30.78 ? 9   ARG A CG  1 
ATOM   71   C  CD  . ARG A 1 9   ? -5.649  2.471   -15.150 1.00 36.98 ? 9   ARG A CD  1 
ATOM   72   N  NE  . ARG A 1 9   ? -5.876  1.024   -15.173 1.00 40.44 ? 9   ARG A NE  1 
ATOM   73   C  CZ  . ARG A 1 9   ? -5.088  0.131   -14.569 1.00 42.50 ? 9   ARG A CZ  1 
ATOM   74   N  NH1 . ARG A 1 9   ? -4.020  0.532   -13.884 1.00 42.91 ? 9   ARG A NH1 1 
ATOM   75   N  NH2 . ARG A 1 9   ? -5.371  -1.166  -14.641 1.00 42.14 ? 9   ARG A NH2 1 
ATOM   76   N  N   . ASP A 1 10  ? -5.956  6.356   -12.243 1.00 27.28 ? 10  ASP A N   1 
ATOM   77   C  CA  . ASP A 1 10  ? -5.932  7.722   -11.725 1.00 27.73 ? 10  ASP A CA  1 
ATOM   78   C  C   . ASP A 1 10  ? -6.919  8.600   -12.506 1.00 27.72 ? 10  ASP A C   1 
ATOM   79   O  O   . ASP A 1 10  ? -6.938  8.574   -13.744 1.00 27.78 ? 10  ASP A O   1 
ATOM   80   C  CB  . ASP A 1 10  ? -4.516  8.282   -11.814 1.00 27.62 ? 10  ASP A CB  1 
ATOM   81   C  CG  . ASP A 1 10  ? -4.295  9.441   -10.886 1.00 29.07 ? 10  ASP A CG  1 
ATOM   82   O  OD1 . ASP A 1 10  ? -3.220  10.052  -10.966 1.00 31.88 ? 10  ASP A OD1 1 
ATOM   83   O  OD2 . ASP A 1 10  ? -5.198  9.757   -10.082 1.00 31.12 ? 10  ASP A OD2 1 
ATOM   84   N  N   . GLY A 1 11  ? -7.745  9.354   -11.782 1.00 27.58 ? 11  GLY A N   1 
ATOM   85   C  CA  . GLY A 1 11  ? -8.849  10.097  -12.396 1.00 27.58 ? 11  GLY A CA  1 
ATOM   86   C  C   . GLY A 1 11  ? -10.214 9.543   -12.013 1.00 27.50 ? 11  GLY A C   1 
ATOM   87   O  O   . GLY A 1 11  ? -11.208 10.268  -12.035 1.00 27.87 ? 11  GLY A O   1 
ATOM   88   N  N   . HIS A 1 12  ? -10.267 8.256   -11.667 1.00 26.97 ? 12  HIS A N   1 
ATOM   89   C  CA  . HIS A 1 12  ? -11.493 7.642   -11.163 1.00 26.74 ? 12  HIS A CA  1 
ATOM   90   C  C   . HIS A 1 12  ? -11.833 8.238   -9.794  1.00 26.36 ? 12  HIS A C   1 
ATOM   91   O  O   . HIS A 1 12  ? -10.978 8.274   -8.911  1.00 26.73 ? 12  HIS A O   1 
ATOM   92   C  CB  . HIS A 1 12  ? -11.341 6.125   -11.066 1.00 26.91 ? 12  HIS A CB  1 
ATOM   93   C  CG  . HIS A 1 12  ? -12.637 5.393   -10.918 1.00 26.84 ? 12  HIS A CG  1 
ATOM   94   N  ND1 . HIS A 1 12  ? -13.471 5.561   -9.831  1.00 26.87 ? 12  HIS A ND1 1 
ATOM   95   C  CD2 . HIS A 1 12  ? -13.239 4.480   -11.716 1.00 25.92 ? 12  HIS A CD2 1 
ATOM   96   C  CE1 . HIS A 1 12  ? -14.537 4.794   -9.976  1.00 26.72 ? 12  HIS A CE1 1 
ATOM   97   N  NE2 . HIS A 1 12  ? -14.418 4.124   -11.107 1.00 26.56 ? 12  HIS A NE2 1 
ATOM   98   N  N   . PRO A 1 13  ? -13.074 8.723   -9.618  1.00 25.80 ? 13  PRO A N   1 
ATOM   99   C  CA  . PRO A 1 13  ? -13.445 9.399   -8.371  1.00 25.28 ? 13  PRO A CA  1 
ATOM   100  C  C   . PRO A 1 13  ? -13.282 8.557   -7.096  1.00 24.23 ? 13  PRO A C   1 
ATOM   101  O  O   . PRO A 1 13  ? -13.023 9.121   -6.040  1.00 23.80 ? 13  PRO A O   1 
ATOM   102  C  CB  . PRO A 1 13  ? -14.920 9.775   -8.585  1.00 25.32 ? 13  PRO A CB  1 
ATOM   103  C  CG  . PRO A 1 13  ? -15.364 8.961   -9.773  1.00 26.27 ? 13  PRO A CG  1 
ATOM   104  C  CD  . PRO A 1 13  ? -14.152 8.794   -10.620 1.00 26.06 ? 13  PRO A CD  1 
ATOM   105  N  N   . THR A 1 14  ? -13.423 7.236   -7.190  1.00 23.64 ? 14  THR A N   1 
ATOM   106  C  CA  . THR A 1 14  ? -13.287 6.375   -5.999  1.00 22.97 ? 14  THR A CA  1 
ATOM   107  C  C   . THR A 1 14  ? -11.908 6.514   -5.317  1.00 22.70 ? 14  THR A C   1 
ATOM   108  O  O   . THR A 1 14  ? -11.789 6.380   -4.095  1.00 22.35 ? 14  THR A O   1 
ATOM   109  C  CB  . THR A 1 14  ? -13.629 4.902   -6.319  1.00 22.80 ? 14  THR A CB  1 
ATOM   110  O  OG1 . THR A 1 14  ? -14.979 4.822   -6.787  1.00 22.54 ? 14  THR A OG1 1 
ATOM   111  C  CG2 . THR A 1 14  ? -13.507 4.011   -5.096  1.00 22.18 ? 14  THR A CG2 1 
ATOM   112  N  N   . LEU A 1 15  ? -10.883 6.827   -6.104  1.00 22.76 ? 15  LEU A N   1 
ATOM   113  C  CA  . LEU A 1 15  ? -9.523  6.968   -5.580  1.00 23.13 ? 15  LEU A CA  1 
ATOM   114  C  C   . LEU A 1 15  ? -9.330  8.221   -4.732  1.00 23.31 ? 15  LEU A C   1 
ATOM   115  O  O   . LEU A 1 15  ? -8.348  8.325   -3.999  1.00 23.45 ? 15  LEU A O   1 
ATOM   116  C  CB  . LEU A 1 15  ? -8.484  6.923   -6.715  1.00 23.14 ? 15  LEU A CB  1 
ATOM   117  C  CG  . LEU A 1 15  ? -8.321  5.601   -7.462  1.00 23.40 ? 15  LEU A CG  1 
ATOM   118  C  CD1 . LEU A 1 15  ? -7.576  5.795   -8.773  1.00 24.13 ? 15  LEU A CD1 1 
ATOM   119  C  CD2 . LEU A 1 15  ? -7.623  4.552   -6.585  1.00 22.46 ? 15  LEU A CD2 1 
ATOM   120  N  N   . ARG A 1 16  ? -10.264 9.165   -4.829  1.00 23.37 ? 16  ARG A N   1 
ATOM   121  C  CA  . ARG A 1 16  ? -10.192 10.411  -4.059  1.00 23.38 ? 16  ARG A CA  1 
ATOM   122  C  C   . ARG A 1 16  ? -11.215 10.483  -2.925  1.00 23.19 ? 16  ARG A C   1 
ATOM   123  O  O   . ARG A 1 16  ? -11.289 11.483  -2.231  1.00 23.07 ? 16  ARG A O   1 
ATOM   124  C  CB  . ARG A 1 16  ? -10.302 11.645  -4.979  1.00 23.28 ? 16  ARG A CB  1 
ATOM   125  C  CG  . ARG A 1 16  ? -9.070  11.865  -5.875  1.00 24.27 ? 16  ARG A CG  1 
ATOM   126  C  CD  . ARG A 1 16  ? -7.799  12.061  -5.043  1.00 24.43 ? 16  ARG A CD  1 
ATOM   127  N  NE  . ARG A 1 16  ? -6.660  12.514  -5.838  1.00 24.81 ? 16  ARG A NE  1 
ATOM   128  C  CZ  . ARG A 1 16  ? -5.467  12.830  -5.341  1.00 24.93 ? 16  ARG A CZ  1 
ATOM   129  N  NH1 . ARG A 1 16  ? -5.230  12.729  -4.036  1.00 24.06 ? 16  ARG A NH1 1 
ATOM   130  N  NH2 . ARG A 1 16  ? -4.499  13.235  -6.151  1.00 24.68 ? 16  ARG A NH2 1 
ATOM   131  N  N   . GLN A 1 17  ? -11.994 9.422   -2.738  1.00 23.31 ? 17  GLN A N   1 
ATOM   132  C  CA  . GLN A 1 17  ? -12.955 9.368   -1.631  1.00 23.25 ? 17  GLN A CA  1 
ATOM   133  C  C   . GLN A 1 17  ? -12.283 8.875   -0.350  1.00 22.91 ? 17  GLN A C   1 
ATOM   134  O  O   . GLN A 1 17  ? -11.201 8.297   -0.394  1.00 22.50 ? 17  GLN A O   1 
ATOM   135  C  CB  . GLN A 1 17  ? -14.126 8.449   -1.991  1.00 23.08 ? 17  GLN A CB  1 
ATOM   136  C  CG  . GLN A 1 17  ? -14.979 8.947   -3.190  1.00 25.10 ? 17  GLN A CG  1 
ATOM   137  C  CD  . GLN A 1 17  ? -15.911 7.876   -3.734  1.00 27.06 ? 17  GLN A CD  1 
ATOM   138  O  OE1 . GLN A 1 17  ? -15.839 6.711   -3.336  1.00 28.30 ? 17  GLN A OE1 1 
ATOM   139  N  NE2 . GLN A 1 17  ? -16.787 8.263   -4.662  1.00 29.15 ? 17  GLN A NE2 1 
ATOM   140  N  N   . LYS A 1 18  ? -12.926 9.103   0.789   1.00 22.57 ? 18  LYS A N   1 
ATOM   141  C  CA  . LYS A 1 18  ? -12.490 8.489   2.038   1.00 22.55 ? 18  LYS A CA  1 
ATOM   142  C  C   . LYS A 1 18  ? -13.194 7.137   2.206   1.00 21.52 ? 18  LYS A C   1 
ATOM   143  O  O   . LYS A 1 18  ? -14.414 7.090   2.309   1.00 21.60 ? 18  LYS A O   1 
ATOM   144  C  CB  . LYS A 1 18  ? -12.779 9.420   3.224   1.00 23.43 ? 18  LYS A CB  1 
ATOM   145  C  CG  . LYS A 1 18  ? -12.019 9.024   4.501   1.00 26.11 ? 18  LYS A CG  1 
ATOM   146  C  CD  . LYS A 1 18  ? -12.257 9.994   5.647   1.00 29.89 ? 18  LYS A CD  1 
ATOM   147  C  CE  . LYS A 1 18  ? -11.703 9.426   6.948   1.00 31.78 ? 18  LYS A CE  1 
ATOM   148  N  NZ  . LYS A 1 18  ? -10.237 9.183   6.851   1.00 32.59 ? 18  LYS A NZ  1 
ATOM   149  N  N   . ALA A 1 19  ? -12.427 6.051   2.218   1.00 20.12 ? 19  ALA A N   1 
ATOM   150  C  CA  . ALA A 1 19  ? -12.979 4.698   2.316   1.00 19.66 ? 19  ALA A CA  1 
ATOM   151  C  C   . ALA A 1 19  ? -13.717 4.481   3.636   1.00 19.63 ? 19  ALA A C   1 
ATOM   152  O  O   . ALA A 1 19  ? -13.325 5.016   4.680   1.00 18.81 ? 19  ALA A O   1 
ATOM   153  C  CB  . ALA A 1 19  ? -11.869 3.648   2.143   1.00 19.75 ? 19  ALA A CB  1 
ATOM   154  N  N   . ALA A 1 20  ? -14.793 3.705   3.590   1.00 19.63 ? 20  ALA A N   1 
ATOM   155  C  CA  . ALA A 1 20  ? -15.598 3.485   4.792   1.00 19.98 ? 20  ALA A CA  1 
ATOM   156  C  C   . ALA A 1 20  ? -15.000 2.427   5.718   1.00 20.07 ? 20  ALA A C   1 
ATOM   157  O  O   . ALA A 1 20  ? -14.464 1.418   5.257   1.00 19.67 ? 20  ALA A O   1 
ATOM   158  C  CB  . ALA A 1 20  ? -17.037 3.116   4.424   1.00 20.05 ? 20  ALA A CB  1 
ATOM   159  N  N   . GLU A 1 21  ? -15.113 2.674   7.023   1.00 20.55 ? 21  GLU A N   1 
ATOM   160  C  CA  . GLU A 1 21  ? -14.787 1.696   8.052   1.00 21.60 ? 21  GLU A CA  1 
ATOM   161  C  C   . GLU A 1 21  ? -15.553 0.390   7.821   1.00 21.22 ? 21  GLU A C   1 
ATOM   162  O  O   . GLU A 1 21  ? -16.709 0.406   7.385   1.00 20.51 ? 21  GLU A O   1 
ATOM   163  C  CB  . GLU A 1 21  ? -15.159 2.260   9.422   1.00 22.74 ? 21  GLU A CB  1 
ATOM   164  C  CG  . GLU A 1 21  ? -14.464 1.600   10.600  1.00 26.97 ? 21  GLU A CG  1 
ATOM   165  C  CD  . GLU A 1 21  ? -13.136 2.250   10.921  1.00 32.08 ? 21  GLU A CD  1 
ATOM   166  O  OE1 . GLU A 1 21  ? -12.720 3.158   10.172  1.00 34.27 ? 21  GLU A OE1 1 
ATOM   167  O  OE2 . GLU A 1 21  ? -12.501 1.852   11.926  1.00 35.41 ? 21  GLU A OE2 1 
ATOM   168  N  N   . LEU A 1 22  ? -14.900 -0.741  8.072   1.00 20.77 ? 22  LEU A N   1 
ATOM   169  C  CA  . LEU A 1 22  ? -15.591 -2.034  8.042   1.00 20.35 ? 22  LEU A CA  1 
ATOM   170  C  C   . LEU A 1 22  ? -16.219 -2.309  9.395   1.00 21.20 ? 22  LEU A C   1 
ATOM   171  O  O   . LEU A 1 22  ? -15.597 -2.086  10.441  1.00 20.55 ? 22  LEU A O   1 
ATOM   172  C  CB  . LEU A 1 22  ? -14.635 -3.186  7.715   1.00 19.95 ? 22  LEU A CB  1 
ATOM   173  C  CG  . LEU A 1 22  ? -14.109 -3.465  6.308   1.00 19.04 ? 22  LEU A CG  1 
ATOM   174  C  CD1 . LEU A 1 22  ? -15.224 -3.905  5.352   1.00 17.85 ? 22  LEU A CD1 1 
ATOM   175  C  CD2 . LEU A 1 22  ? -13.369 -2.261  5.767   1.00 18.39 ? 22  LEU A CD2 1 
ATOM   176  N  N   . GLU A 1 23  ? -17.454 -2.797  9.384   1.00 22.12 ? 23  GLU A N   1 
ATOM   177  C  CA  . GLU A 1 23  ? -18.010 -3.382  10.587  1.00 23.67 ? 23  GLU A CA  1 
ATOM   178  C  C   . GLU A 1 23  ? -17.511 -4.821  10.699  1.00 23.65 ? 23  GLU A C   1 
ATOM   179  O  O   . GLU A 1 23  ? -17.306 -5.499  9.681   1.00 23.45 ? 23  GLU A O   1 
ATOM   180  C  CB  . GLU A 1 23  ? -19.541 -3.286  10.596  1.00 24.97 ? 23  GLU A CB  1 
ATOM   181  C  CG  . GLU A 1 23  ? -20.027 -1.925  11.083  1.00 27.71 ? 23  GLU A CG  1 
ATOM   182  C  CD  . GLU A 1 23  ? -21.538 -1.807  11.071  1.00 34.68 ? 23  GLU A CD  1 
ATOM   183  O  OE1 . GLU A 1 23  ? -22.124 -1.801  9.962   1.00 35.94 ? 23  GLU A OE1 1 
ATOM   184  O  OE2 . GLU A 1 23  ? -22.136 -1.712  12.172  1.00 37.59 ? 23  GLU A OE2 1 
ATOM   185  N  N   . LEU A 1 24  ? -17.257 -5.256  11.932  1.00 23.58 ? 24  LEU A N   1 
ATOM   186  C  CA  . LEU A 1 24  ? -16.805 -6.619  12.208  1.00 23.73 ? 24  LEU A CA  1 
ATOM   187  C  C   . LEU A 1 24  ? -17.956 -7.411  12.834  1.00 23.62 ? 24  LEU A C   1 
ATOM   188  O  O   . LEU A 1 24  ? -18.726 -6.848  13.603  1.00 23.65 ? 24  LEU A O   1 
ATOM   189  C  CB  . LEU A 1 24  ? -15.578 -6.628  13.144  1.00 23.63 ? 24  LEU A CB  1 
ATOM   190  C  CG  . LEU A 1 24  ? -14.172 -6.331  12.587  1.00 23.79 ? 24  LEU A CG  1 
ATOM   191  C  CD1 . LEU A 1 24  ? -13.753 -7.351  11.525  1.00 24.54 ? 24  LEU A CD1 1 
ATOM   192  C  CD2 . LEU A 1 24  ? -14.027 -4.912  12.037  1.00 23.93 ? 24  LEU A CD2 1 
ATOM   193  N  N   . PRO A 1 25  ? -18.086 -8.713  12.495  1.00 23.23 ? 25  PRO A N   1 
ATOM   194  C  CA  . PRO A 1 25  ? -17.259 -9.474  11.548  1.00 22.66 ? 25  PRO A CA  1 
ATOM   195  C  C   . PRO A 1 25  ? -17.500 -9.062  10.095  1.00 22.25 ? 25  PRO A C   1 
ATOM   196  O  O   . PRO A 1 25  ? -18.564 -8.534  9.767   1.00 21.62 ? 25  PRO A O   1 
ATOM   197  C  CB  . PRO A 1 25  ? -17.730 -10.926 11.753  1.00 22.76 ? 25  PRO A CB  1 
ATOM   198  C  CG  . PRO A 1 25  ? -19.157 -10.793 12.200  1.00 23.37 ? 25  PRO A CG  1 
ATOM   199  C  CD  . PRO A 1 25  ? -19.171 -9.539  13.068  1.00 23.26 ? 25  PRO A CD  1 
ATOM   200  N  N   . LEU A 1 26  ? -16.511 -9.311  9.244   1.00 21.33 ? 26  LEU A N   1 
ATOM   201  C  CA  . LEU A 1 26  ? -16.640 -9.097  7.813   1.00 21.42 ? 26  LEU A CA  1 
ATOM   202  C  C   . LEU A 1 26  ? -17.723 -10.012 7.250   1.00 21.32 ? 26  LEU A C   1 
ATOM   203  O  O   . LEU A 1 26  ? -17.929 -11.105 7.773   1.00 21.52 ? 26  LEU A O   1 
ATOM   204  C  CB  . LEU A 1 26  ? -15.312 -9.436  7.140   1.00 20.86 ? 26  LEU A CB  1 
ATOM   205  C  CG  . LEU A 1 26  ? -14.329 -8.336  6.718   1.00 20.99 ? 26  LEU A CG  1 
ATOM   206  C  CD1 . LEU A 1 26  ? -14.430 -7.027  7.503   1.00 17.86 ? 26  LEU A CD1 1 
ATOM   207  C  CD2 . LEU A 1 26  ? -12.916 -8.868  6.688   1.00 18.90 ? 26  LEU A CD2 1 
ATOM   208  N  N   . THR A 1 27  ? -18.394 -9.580  6.183   1.00 21.88 ? 27  THR A N   1 
ATOM   209  C  CA  . THR A 1 27  ? -19.272 -10.486 5.428   1.00 22.20 ? 27  THR A CA  1 
ATOM   210  C  C   . THR A 1 27  ? -18.393 -11.458 4.643   1.00 22.98 ? 27  THR A C   1 
ATOM   211  O  O   . THR A 1 27  ? -17.188 -11.211 4.471   1.00 21.82 ? 27  THR A O   1 
ATOM   212  C  CB  . THR A 1 27  ? -20.202 -9.739  4.437   1.00 22.46 ? 27  THR A CB  1 
ATOM   213  O  OG1 . THR A 1 27  ? -19.427 -9.128  3.382   1.00 21.91 ? 27  THR A OG1 1 
ATOM   214  C  CG2 . THR A 1 27  ? -21.042 -8.678  5.160   1.00 22.08 ? 27  THR A CG2 1 
ATOM   215  N  N   . LYS A 1 28  ? -18.989 -12.552 4.163   1.00 23.76 ? 28  LYS A N   1 
ATOM   216  C  CA  . LYS A 1 28  ? -18.263 -13.532 3.340   1.00 24.58 ? 28  LYS A CA  1 
ATOM   217  C  C   . LYS A 1 28  ? -17.692 -12.889 2.077   1.00 24.06 ? 28  LYS A C   1 
ATOM   218  O  O   . LYS A 1 28  ? -16.552 -13.163 1.689   1.00 24.21 ? 28  LYS A O   1 
ATOM   219  C  CB  . LYS A 1 28  ? -19.174 -14.718 2.978   1.00 25.45 ? 28  LYS A CB  1 
ATOM   220  C  CG  . LYS A 1 28  ? -18.411 -15.974 2.544   1.00 28.72 ? 28  LYS A CG  1 
ATOM   221  C  CD  . LYS A 1 28  ? -19.273 -17.241 2.673   1.00 33.50 ? 28  LYS A CD  1 
ATOM   222  C  CE  . LYS A 1 28  ? -18.422 -18.498 2.482   1.00 35.45 ? 28  LYS A CE  1 
ATOM   223  N  NZ  . LYS A 1 28  ? -19.136 -19.760 2.857   1.00 38.19 ? 28  LYS A NZ  1 
ATOM   224  N  N   . GLU A 1 29  ? -18.488 -12.031 1.445   1.00 23.44 ? 29  GLU A N   1 
ATOM   225  C  CA  . GLU A 1 29  ? -18.064 -11.288 0.263   1.00 23.42 ? 29  GLU A CA  1 
ATOM   226  C  C   . GLU A 1 29  ? -16.851 -10.375 0.538   1.00 22.10 ? 29  GLU A C   1 
ATOM   227  O  O   . GLU A 1 29  ? -15.952 -10.254 -0.302  1.00 22.05 ? 29  GLU A O   1 
ATOM   228  C  CB  . GLU A 1 29  ? -19.235 -10.474 -0.299  1.00 23.67 ? 29  GLU A CB  1 
ATOM   229  C  CG  . GLU A 1 29  ? -18.860 -9.529  -1.439  1.00 27.39 ? 29  GLU A CG  1 
ATOM   230  C  CD  . GLU A 1 29  ? -20.074 -8.933  -2.135  1.00 32.28 ? 29  GLU A CD  1 
ATOM   231  O  OE1 . GLU A 1 29  ? -20.993 -9.699  -2.489  1.00 35.31 ? 29  GLU A OE1 1 
ATOM   232  O  OE2 . GLU A 1 29  ? -20.109 -7.701  -2.331  1.00 34.55 ? 29  GLU A OE2 1 
ATOM   233  N  N   . GLU A 1 30  ? -16.839 -9.743  1.706   1.00 20.78 ? 30  GLU A N   1 
ATOM   234  C  CA  . GLU A 1 30  ? -15.720 -8.884  2.119   1.00 19.79 ? 30  GLU A CA  1 
ATOM   235  C  C   . GLU A 1 30  ? -14.435 -9.692  2.360   1.00 19.26 ? 30  GLU A C   1 
ATOM   236  O  O   . GLU A 1 30  ? -13.359 -9.283  1.938   1.00 18.88 ? 30  GLU A O   1 
ATOM   237  C  CB  . GLU A 1 30  ? -16.101 -8.066  3.358   1.00 19.36 ? 30  GLU A CB  1 
ATOM   238  C  CG  . GLU A 1 30  ? -16.894 -6.803  3.032   1.00 18.94 ? 30  GLU A CG  1 
ATOM   239  C  CD  . GLU A 1 30  ? -17.667 -6.232  4.211   1.00 17.59 ? 30  GLU A CD  1 
ATOM   240  O  OE1 . GLU A 1 30  ? -17.757 -6.873  5.287   1.00 18.12 ? 30  GLU A OE1 1 
ATOM   241  O  OE2 . GLU A 1 30  ? -18.192 -5.113  4.051   1.00 17.50 ? 30  GLU A OE2 1 
ATOM   242  N  N   . LYS A 1 31  ? -14.558 -10.832 3.039   1.00 19.46 ? 31  LYS A N   1 
ATOM   243  C  CA  . LYS A 1 31  ? -13.437 -11.769 3.200   1.00 19.62 ? 31  LYS A CA  1 
ATOM   244  C  C   . LYS A 1 31  ? -12.887 -12.244 1.849   1.00 19.67 ? 31  LYS A C   1 
ATOM   245  O  O   . LYS A 1 31  ? -11.667 -12.259 1.627   1.00 19.31 ? 31  LYS A O   1 
ATOM   246  C  CB  . LYS A 1 31  ? -13.851 -12.973 4.057   1.00 19.76 ? 31  LYS A CB  1 
ATOM   247  C  CG  . LYS A 1 31  ? -14.210 -12.614 5.507   1.00 18.57 ? 31  LYS A CG  1 
ATOM   248  C  CD  . LYS A 1 31  ? -14.260 -13.863 6.379   1.00 18.41 ? 31  LYS A CD  1 
ATOM   249  C  CE  . LYS A 1 31  ? -14.819 -13.549 7.761   1.00 18.49 ? 31  LYS A CE  1 
ATOM   250  N  NZ  . LYS A 1 31  ? -14.858 -14.777 8.622   1.00 17.81 ? 31  LYS A NZ  1 
ATOM   251  N  N   . GLU A 1 32  ? -13.793 -12.622 0.945   1.00 19.81 ? 32  GLU A N   1 
ATOM   252  C  CA  . GLU A 1 32  ? -13.408 -13.089 -0.386  1.00 20.14 ? 32  GLU A CA  1 
ATOM   253  C  C   . GLU A 1 32  ? -12.658 -12.014 -1.162  1.00 19.20 ? 32  GLU A C   1 
ATOM   254  O  O   . GLU A 1 32  ? -11.660 -12.308 -1.809  1.00 19.28 ? 32  GLU A O   1 
ATOM   255  C  CB  . GLU A 1 32  ? -14.643 -13.547 -1.179  1.00 20.78 ? 32  GLU A CB  1 
ATOM   256  C  CG  . GLU A 1 32  ? -15.172 -14.905 -0.757  1.00 24.68 ? 32  GLU A CG  1 
ATOM   257  C  CD  . GLU A 1 32  ? -16.439 -15.330 -1.520  1.00 29.65 ? 32  GLU A CD  1 
ATOM   258  O  OE1 . GLU A 1 32  ? -17.109 -16.276 -1.056  1.00 32.85 ? 32  GLU A OE1 1 
ATOM   259  O  OE2 . GLU A 1 32  ? -16.767 -14.732 -2.572  1.00 32.11 ? 32  GLU A OE2 1 
ATOM   260  N  N   . THR A 1 33  ? -13.145 -10.776 -1.093  1.00 18.57 ? 33  THR A N   1 
ATOM   261  C  CA  . THR A 1 33  ? -12.491 -9.625  -1.723  1.00 18.32 ? 33  THR A CA  1 
ATOM   262  C  C   . THR A 1 33  ? -11.045 -9.446  -1.205  1.00 17.98 ? 33  THR A C   1 
ATOM   263  O  O   . THR A 1 33  ? -10.098 -9.305  -1.989  1.00 17.17 ? 33  THR A O   1 
ATOM   264  C  CB  . THR A 1 33  ? -13.315 -8.347  -1.475  1.00 18.64 ? 33  THR A CB  1 
ATOM   265  O  OG1 . THR A 1 33  ? -14.578 -8.457  -2.147  1.00 19.88 ? 33  THR A OG1 1 
ATOM   266  C  CG2 . THR A 1 33  ? -12.583 -7.095  -1.966  1.00 18.54 ? 33  THR A CG2 1 
ATOM   267  N  N   . LEU A 1 34  ? -10.895 -9.487  0.118   1.00 17.54 ? 34  LEU A N   1 
ATOM   268  C  CA  . LEU A 1 34  ? -9.607  -9.248  0.770   1.00 17.27 ? 34  LEU A CA  1 
ATOM   269  C  C   . LEU A 1 34  ? -8.621  -10.361 0.435   1.00 16.69 ? 34  LEU A C   1 
ATOM   270  O  O   . LEU A 1 34  ? -7.464  -10.099 0.127   1.00 16.36 ? 34  LEU A O   1 
ATOM   271  C  CB  . LEU A 1 34  ? -9.797  -9.104  2.293   1.00 17.27 ? 34  LEU A CB  1 
ATOM   272  C  CG  . LEU A 1 34  ? -8.550  -8.756  3.114   1.00 17.00 ? 34  LEU A CG  1 
ATOM   273  C  CD1 . LEU A 1 34  ? -7.828  -7.493  2.593   1.00 15.47 ? 34  LEU A CD1 1 
ATOM   274  C  CD2 . LEU A 1 34  ? -8.948  -8.594  4.576   1.00 15.51 ? 34  LEU A CD2 1 
ATOM   275  N  N   . ILE A 1 35  ? -9.106  -11.600 0.462   1.00 17.15 ? 35  ILE A N   1 
ATOM   276  C  CA  . ILE A 1 35  ? -8.335  -12.767 0.026   1.00 17.02 ? 35  ILE A CA  1 
ATOM   277  C  C   . ILE A 1 35  ? -7.891  -12.662 -1.441  1.00 17.11 ? 35  ILE A C   1 
ATOM   278  O  O   . ILE A 1 35  ? -6.740  -12.997 -1.768  1.00 17.01 ? 35  ILE A O   1 
ATOM   279  C  CB  . ILE A 1 35  ? -9.118  -14.097 0.287   1.00 17.16 ? 35  ILE A CB  1 
ATOM   280  C  CG1 . ILE A 1 35  ? -9.169  -14.406 1.790   1.00 18.05 ? 35  ILE A CG1 1 
ATOM   281  C  CG2 . ILE A 1 35  ? -8.501  -15.285 -0.491  1.00 17.24 ? 35  ILE A CG2 1 
ATOM   282  C  CD1 . ILE A 1 35  ? -10.185 -15.479 2.170   1.00 17.27 ? 35  ILE A CD1 1 
ATOM   283  N  N   . ALA A 1 36  ? -8.792  -12.202 -2.317  1.00 16.91 ? 36  ALA A N   1 
ATOM   284  C  CA  . ALA A 1 36  ? -8.462  -11.992 -3.738  1.00 17.01 ? 36  ALA A CA  1 
ATOM   285  C  C   . ALA A 1 36  ? -7.470  -10.843 -3.945  1.00 17.06 ? 36  ALA A C   1 
ATOM   286  O  O   . ALA A 1 36  ? -6.688  -10.857 -4.902  1.00 17.66 ? 36  ALA A O   1 
ATOM   287  C  CB  . ALA A 1 36  ? -9.762  -11.755 -4.583  1.00 17.28 ? 36  ALA A CB  1 
ATOM   288  N  N   . MET A 1 37  ? -7.515  -9.837  -3.070  1.00 16.83 ? 37  MET A N   1 
ATOM   289  C  CA  . MET A 1 37  ? -6.568  -8.725  -3.144  1.00 16.40 ? 37  MET A CA  1 
ATOM   290  C  C   . MET A 1 37  ? -5.161  -9.228  -2.868  1.00 16.33 ? 37  MET A C   1 
ATOM   291  O  O   . MET A 1 37  ? -4.217  -8.885  -3.580  1.00 16.19 ? 37  MET A O   1 
ATOM   292  C  CB  . MET A 1 37  ? -6.921  -7.622  -2.145  1.00 15.88 ? 37  MET A CB  1 
ATOM   293  C  CG  . MET A 1 37  ? -8.076  -6.741  -2.575  1.00 15.70 ? 37  MET A CG  1 
ATOM   294  S  SD  . MET A 1 37  ? -8.792  -5.825  -1.200  1.00 17.19 ? 37  MET A SD  1 
ATOM   295  C  CE  . MET A 1 37  ? -7.380  -4.893  -0.560  1.00 15.57 ? 37  MET A CE  1 
ATOM   296  N  N   . ARG A 1 38  ? -5.030  -10.020 -1.807  1.00 16.52 ? 38  ARG A N   1 
ATOM   297  C  CA  . ARG A 1 38  ? -3.767  -10.685 -1.513  1.00 16.89 ? 38  ARG A CA  1 
ATOM   298  C  C   . ARG A 1 38  ? -3.359  -11.618 -2.679  1.00 16.94 ? 38  ARG A C   1 
ATOM   299  O  O   . ARG A 1 38  ? -2.195  -11.630 -3.100  1.00 16.45 ? 38  ARG A O   1 
ATOM   300  C  CB  . ARG A 1 38  ? -3.862  -11.455 -0.193  1.00 16.71 ? 38  ARG A CB  1 
ATOM   301  C  CG  . ARG A 1 38  ? -2.629  -12.316 0.106   1.00 16.84 ? 38  ARG A CG  1 
ATOM   302  C  CD  . ARG A 1 38  ? -2.708  -13.078 1.444   1.00 18.11 ? 38  ARG A CD  1 
ATOM   303  N  NE  . ARG A 1 38  ? -1.484  -13.864 1.627   1.00 18.91 ? 38  ARG A NE  1 
ATOM   304  C  CZ  . ARG A 1 38  ? -1.255  -15.042 1.052   1.00 20.34 ? 38  ARG A CZ  1 
ATOM   305  N  NH1 . ARG A 1 38  ? -2.180  -15.604 0.271   1.00 17.99 ? 38  ARG A NH1 1 
ATOM   306  N  NH2 . ARG A 1 38  ? -0.102  -15.665 1.269   1.00 19.80 ? 38  ARG A NH2 1 
ATOM   307  N  N   . GLU A 1 39  ? -4.314  -12.392 -3.193  1.00 17.47 ? 39  GLU A N   1 
ATOM   308  C  CA  . GLU A 1 39  ? -4.031  -13.337 -4.279  1.00 18.09 ? 39  GLU A CA  1 
ATOM   309  C  C   . GLU A 1 39  ? -3.545  -12.642 -5.563  1.00 17.73 ? 39  GLU A C   1 
ATOM   310  O  O   . GLU A 1 39  ? -2.694  -13.183 -6.276  1.00 18.09 ? 39  GLU A O   1 
ATOM   311  C  CB  . GLU A 1 39  ? -5.235  -14.256 -4.547  1.00 18.60 ? 39  GLU A CB  1 
ATOM   312  C  CG  . GLU A 1 39  ? -4.911  -15.448 -5.467  1.00 22.18 ? 39  GLU A CG  1 
ATOM   313  C  CD  . GLU A 1 39  ? -4.070  -16.551 -4.792  1.00 26.62 ? 39  GLU A CD  1 
ATOM   314  O  OE1 . GLU A 1 39  ? -3.858  -16.525 -3.561  1.00 28.61 ? 39  GLU A OE1 1 
ATOM   315  O  OE2 . GLU A 1 39  ? -3.627  -17.467 -5.510  1.00 30.91 ? 39  GLU A OE2 1 
ATOM   316  N  N   . PHE A 1 40  ? -4.068  -11.448 -5.839  1.00 17.11 ? 40  PHE A N   1 
ATOM   317  C  CA  . PHE A 1 40  ? -3.541  -10.606 -6.926  1.00 17.19 ? 40  PHE A CA  1 
ATOM   318  C  C   . PHE A 1 40  ? -2.052  -10.340 -6.705  1.00 17.08 ? 40  PHE A C   1 
ATOM   319  O  O   . PHE A 1 40  ? -1.235  -10.460 -7.629  1.00 15.79 ? 40  PHE A O   1 
ATOM   320  C  CB  . PHE A 1 40  ? -4.300  -9.273  -7.006  1.00 17.01 ? 40  PHE A CB  1 
ATOM   321  C  CG  . PHE A 1 40  ? -3.655  -8.265  -7.917  1.00 19.02 ? 40  PHE A CG  1 
ATOM   322  C  CD1 . PHE A 1 40  ? -3.930  -8.268  -9.280  1.00 20.49 ? 40  PHE A CD1 1 
ATOM   323  C  CD2 . PHE A 1 40  ? -2.748  -7.335  -7.420  1.00 20.06 ? 40  PHE A CD2 1 
ATOM   324  C  CE1 . PHE A 1 40  ? -3.322  -7.347  -10.132 1.00 22.22 ? 40  PHE A CE1 1 
ATOM   325  C  CE2 . PHE A 1 40  ? -2.131  -6.409  -8.263  1.00 21.51 ? 40  PHE A CE2 1 
ATOM   326  C  CZ  . PHE A 1 40  ? -2.420  -6.411  -9.622  1.00 21.41 ? 40  PHE A CZ  1 
ATOM   327  N  N   . LEU A 1 41  ? -1.702  -9.966  -5.475  1.00 17.15 ? 41  LEU A N   1 
ATOM   328  C  CA  . LEU A 1 41  ? -0.292  -9.725  -5.154  1.00 17.67 ? 41  LEU A CA  1 
ATOM   329  C  C   . LEU A 1 41  ? 0.559   -11.002 -5.296  1.00 17.84 ? 41  LEU A C   1 
ATOM   330  O  O   . LEU A 1 41  ? 1.614   -10.967 -5.941  1.00 18.36 ? 41  LEU A O   1 
ATOM   331  C  CB  . LEU A 1 41  ? -0.144  -9.078  -3.775  1.00 17.44 ? 41  LEU A CB  1 
ATOM   332  C  CG  . LEU A 1 41  ? -0.774  -7.687  -3.607  1.00 18.27 ? 41  LEU A CG  1 
ATOM   333  C  CD1 . LEU A 1 41  ? -0.649  -7.215  -2.150  1.00 18.21 ? 41  LEU A CD1 1 
ATOM   334  C  CD2 . LEU A 1 41  ? -0.150  -6.640  -4.550  1.00 18.24 ? 41  LEU A CD2 1 
ATOM   335  N  N   . VAL A 1 42  ? 0.096   -12.113 -4.724  1.00 17.93 ? 42  VAL A N   1 
ATOM   336  C  CA  . VAL A 1 42  ? 0.743   -13.426 -4.904  1.00 18.86 ? 42  VAL A CA  1 
ATOM   337  C  C   . VAL A 1 42  ? 0.960   -13.745 -6.402  1.00 19.33 ? 42  VAL A C   1 
ATOM   338  O  O   . VAL A 1 42  ? 2.071   -14.080 -6.822  1.00 19.59 ? 42  VAL A O   1 
ATOM   339  C  CB  . VAL A 1 42  ? -0.085  -14.566 -4.237  1.00 19.19 ? 42  VAL A CB  1 
ATOM   340  C  CG1 . VAL A 1 42  ? 0.498   -15.973 -4.558  1.00 18.96 ? 42  VAL A CG1 1 
ATOM   341  C  CG2 . VAL A 1 42  ? -0.192  -14.361 -2.715  1.00 18.89 ? 42  VAL A CG2 1 
ATOM   342  N  N   . ASN A 1 43  ? -0.101  -13.625 -7.200  1.00 19.70 ? 43  ASN A N   1 
ATOM   343  C  CA  . ASN A 1 43  ? -0.028  -13.881 -8.649  1.00 20.71 ? 43  ASN A CA  1 
ATOM   344  C  C   . ASN A 1 43  ? 0.938   -12.958 -9.372  1.00 21.03 ? 43  ASN A C   1 
ATOM   345  O  O   . ASN A 1 43  ? 1.722   -13.402 -10.223 1.00 21.94 ? 43  ASN A O   1 
ATOM   346  C  CB  . ASN A 1 43  ? -1.427  -13.826 -9.285  1.00 20.21 ? 43  ASN A CB  1 
ATOM   347  C  CG  . ASN A 1 43  ? -2.245  -15.058 -8.971  1.00 21.99 ? 43  ASN A CG  1 
ATOM   348  O  OD1 . ASN A 1 43  ? -1.690  -16.133 -8.738  1.00 22.94 ? 43  ASN A OD1 1 
ATOM   349  N  ND2 . ASN A 1 43  ? -3.571  -14.913 -8.948  1.00 21.06 ? 43  ASN A ND2 1 
ATOM   350  N  N   . SER A 1 44  ? 0.904   -11.680 -9.010  1.00 21.28 ? 44  SER A N   1 
ATOM   351  C  CA  . SER A 1 44  ? 1.753   -10.679 -9.637  1.00 21.65 ? 44  SER A CA  1 
ATOM   352  C  C   . SER A 1 44  ? 3.243   -10.935 -9.361  1.00 22.14 ? 44  SER A C   1 
ATOM   353  O  O   . SER A 1 44  ? 4.094   -10.502 -10.128 1.00 21.36 ? 44  SER A O   1 
ATOM   354  C  CB  . SER A 1 44  ? 1.365   -9.283  -9.159  1.00 21.80 ? 44  SER A CB  1 
ATOM   355  O  OG  . SER A 1 44  ? 2.111   -8.928  -8.002  1.00 22.35 ? 44  SER A OG  1 
ATOM   356  N  N   . GLN A 1 45  ? 3.542   -11.631 -8.262  1.00 22.61 ? 45  GLN A N   1 
ATOM   357  C  CA  . GLN A 1 45  ? 4.926   -11.966 -7.905  1.00 23.66 ? 45  GLN A CA  1 
ATOM   358  C  C   . GLN A 1 45  ? 5.404   -13.314 -8.463  1.00 24.75 ? 45  GLN A C   1 
ATOM   359  O  O   . GLN A 1 45  ? 6.598   -13.634 -8.395  1.00 24.61 ? 45  GLN A O   1 
ATOM   360  C  CB  . GLN A 1 45  ? 5.123   -11.909 -6.380  1.00 23.56 ? 45  GLN A CB  1 
ATOM   361  C  CG  . GLN A 1 45  ? 5.125   -10.476 -5.837  1.00 22.42 ? 45  GLN A CG  1 
ATOM   362  C  CD  . GLN A 1 45  ? 5.227   -10.405 -4.330  1.00 21.57 ? 45  GLN A CD  1 
ATOM   363  O  OE1 . GLN A 1 45  ? 5.852   -11.254 -3.697  1.00 22.24 ? 45  GLN A OE1 1 
ATOM   364  N  NE2 . GLN A 1 45  ? 4.617   -9.378  -3.744  1.00 19.55 ? 45  GLN A NE2 1 
ATOM   365  N  N   . ASP A 1 46  ? 4.476   -14.104 -8.998  1.00 25.56 ? 46  ASP A N   1 
ATOM   366  C  CA  . ASP A 1 46  ? 4.837   -15.323 -9.708  1.00 27.20 ? 46  ASP A CA  1 
ATOM   367  C  C   . ASP A 1 46  ? 5.205   -14.975 -11.163 1.00 28.00 ? 46  ASP A C   1 
ATOM   368  O  O   . ASP A 1 46  ? 4.364   -14.467 -11.929 1.00 27.91 ? 46  ASP A O   1 
ATOM   369  C  CB  . ASP A 1 46  ? 3.696   -16.337 -9.646  1.00 27.49 ? 46  ASP A CB  1 
ATOM   370  C  CG  . ASP A 1 46  ? 4.059   -17.663 -10.295 1.00 29.53 ? 46  ASP A CG  1 
ATOM   371  O  OD1 . ASP A 1 46  ? 4.228   -17.698 -11.532 1.00 30.55 ? 46  ASP A OD1 1 
ATOM   372  O  OD2 . ASP A 1 46  ? 4.185   -18.661 -9.566  1.00 30.24 ? 46  ASP A OD2 1 
ATOM   373  N  N   . GLU A 1 47  ? 6.457   -15.239 -11.541 1.00 28.48 ? 47  GLU A N   1 
ATOM   374  C  CA  . GLU A 1 47  ? 6.976   -14.810 -12.845 1.00 29.55 ? 47  GLU A CA  1 
ATOM   375  C  C   . GLU A 1 47  ? 6.113   -15.264 -14.035 1.00 29.18 ? 47  GLU A C   1 
ATOM   376  O  O   . GLU A 1 47  ? 5.822   -14.472 -14.924 1.00 29.29 ? 47  GLU A O   1 
ATOM   377  C  CB  . GLU A 1 47  ? 8.421   -15.275 -13.024 1.00 30.21 ? 47  GLU A CB  1 
ATOM   378  C  CG  . GLU A 1 47  ? 9.145   -14.672 -14.226 1.00 33.83 ? 47  GLU A CG  1 
ATOM   379  C  CD  . GLU A 1 47  ? 10.557  -15.234 -14.385 1.00 38.32 ? 47  GLU A CD  1 
ATOM   380  O  OE1 . GLU A 1 47  ? 10.798  -15.984 -15.360 1.00 40.03 ? 47  GLU A OE1 1 
ATOM   381  O  OE2 . GLU A 1 47  ? 11.418  -14.941 -13.520 1.00 40.31 ? 47  GLU A OE2 1 
ATOM   382  N  N   . GLU A 1 48  ? 5.707   -16.530 -14.025 1.00 29.31 ? 48  GLU A N   1 
ATOM   383  C  CA  . GLU A 1 48  ? 4.935   -17.112 -15.121 1.00 30.00 ? 48  GLU A CA  1 
ATOM   384  C  C   . GLU A 1 48  ? 3.481   -16.595 -15.167 1.00 29.22 ? 48  GLU A C   1 
ATOM   385  O  O   . GLU A 1 48  ? 3.004   -16.191 -16.230 1.00 28.77 ? 48  GLU A O   1 
ATOM   386  C  CB  . GLU A 1 48  ? 5.012   -18.645 -15.074 1.00 30.42 ? 48  GLU A CB  1 
ATOM   387  C  CG  . GLU A 1 48  ? 3.895   -19.338 -14.313 1.00 34.77 ? 48  GLU A CG  1 
ATOM   388  C  CD  . GLU A 1 48  ? 4.401   -20.304 -13.253 1.00 40.69 ? 48  GLU A CD  1 
ATOM   389  O  OE1 . GLU A 1 48  ? 5.471   -20.938 -13.460 1.00 43.69 ? 48  GLU A OE1 1 
ATOM   390  O  OE2 . GLU A 1 48  ? 3.715   -20.433 -12.209 1.00 42.20 ? 48  GLU A OE2 1 
ATOM   391  N  N   . ILE A 1 49  ? 2.800   -16.595 -14.018 1.00 28.46 ? 49  ILE A N   1 
ATOM   392  C  CA  . ILE A 1 49  ? 1.443   -16.033 -13.908 1.00 28.13 ? 49  ILE A CA  1 
ATOM   393  C  C   . ILE A 1 49  ? 1.412   -14.546 -14.313 1.00 28.12 ? 49  ILE A C   1 
ATOM   394  O  O   . ILE A 1 49  ? 0.573   -14.140 -15.134 1.00 27.90 ? 49  ILE A O   1 
ATOM   395  C  CB  . ILE A 1 49  ? 0.819   -16.287 -12.491 1.00 28.25 ? 49  ILE A CB  1 
ATOM   396  C  CG1 . ILE A 1 49  ? 0.625   -17.793 -12.267 1.00 28.47 ? 49  ILE A CG1 1 
ATOM   397  C  CG2 . ILE A 1 49  ? -0.519  -15.562 -12.337 1.00 27.42 ? 49  ILE A CG2 1 
ATOM   398  C  CD1 . ILE A 1 49  ? 0.450   -18.209 -10.800 1.00 29.40 ? 49  ILE A CD1 1 
ATOM   399  N  N   . ALA A 1 50  ? 2.333   -13.752 -13.762 1.00 27.94 ? 50  ALA A N   1 
ATOM   400  C  CA  . ALA A 1 50  ? 2.463   -12.326 -14.096 1.00 28.47 ? 50  ALA A CA  1 
ATOM   401  C  C   . ALA A 1 50  ? 2.673   -12.094 -15.597 1.00 29.29 ? 50  ALA A C   1 
ATOM   402  O  O   . ALA A 1 50  ? 2.107   -11.158 -16.167 1.00 29.05 ? 50  ALA A O   1 
ATOM   403  C  CB  . ALA A 1 50  ? 3.617   -11.674 -13.298 1.00 28.13 ? 50  ALA A CB  1 
ATOM   404  N  N   . LYS A 1 51  ? 3.493   -12.942 -16.223 1.00 29.92 ? 51  LYS A N   1 
ATOM   405  C  CA  . LYS A 1 51  ? 3.729   -12.865 -17.666 1.00 30.92 ? 51  LYS A CA  1 
ATOM   406  C  C   . LYS A 1 51  ? 2.449   -13.209 -18.454 1.00 31.17 ? 51  LYS A C   1 
ATOM   407  O  O   . LYS A 1 51  ? 2.071   -12.492 -19.375 1.00 31.36 ? 51  LYS A O   1 
ATOM   408  C  CB  . LYS A 1 51  ? 4.905   -13.772 -18.064 1.00 30.94 ? 51  LYS A CB  1 
ATOM   409  C  CG  . LYS A 1 51  ? 5.138   -13.931 -19.570 1.00 32.74 ? 51  LYS A CG  1 
ATOM   410  C  CD  . LYS A 1 51  ? 6.529   -14.515 -19.888 1.00 35.23 ? 51  LYS A CD  1 
ATOM   411  C  CE  . LYS A 1 51  ? 6.622   -16.013 -19.598 1.00 37.47 ? 51  LYS A CE  1 
ATOM   412  N  NZ  . LYS A 1 51  ? 7.913   -16.619 -20.075 1.00 38.57 ? 51  LYS A NZ  1 
ATOM   413  N  N   . ARG A 1 52  ? 1.780   -14.288 -18.061 1.00 31.61 ? 52  ARG A N   1 
ATOM   414  C  CA  . ARG A 1 52  ? 0.557   -14.737 -18.722 1.00 32.25 ? 52  ARG A CA  1 
ATOM   415  C  C   . ARG A 1 52  ? -0.599  -13.722 -18.663 1.00 32.40 ? 52  ARG A C   1 
ATOM   416  O  O   . ARG A 1 52  ? -1.308  -13.531 -19.652 1.00 32.63 ? 52  ARG A O   1 
ATOM   417  C  CB  . ARG A 1 52  ? 0.118   -16.081 -18.145 1.00 32.38 ? 52  ARG A CB  1 
ATOM   418  C  CG  . ARG A 1 52  ? -1.147  -16.651 -18.781 1.00 33.91 ? 52  ARG A CG  1 
ATOM   419  C  CD  . ARG A 1 52  ? -1.629  -17.901 -18.076 1.00 36.10 ? 52  ARG A CD  1 
ATOM   420  N  NE  . ARG A 1 52  ? -0.706  -19.015 -18.255 1.00 39.44 ? 52  ARG A NE  1 
ATOM   421  C  CZ  . ARG A 1 52  ? -0.016  -19.591 -17.276 1.00 40.42 ? 52  ARG A CZ  1 
ATOM   422  N  NH1 . ARG A 1 52  ? -0.144  -19.177 -16.021 1.00 41.33 ? 52  ARG A NH1 1 
ATOM   423  N  NH2 . ARG A 1 52  ? 0.800   -20.596 -17.553 1.00 41.35 ? 52  ARG A NH2 1 
ATOM   424  N  N   . TYR A 1 53  ? -0.787  -13.071 -17.517 1.00 32.30 ? 53  TYR A N   1 
ATOM   425  C  CA  . TYR A 1 53  ? -1.916  -12.145 -17.342 1.00 32.35 ? 53  TYR A CA  1 
ATOM   426  C  C   . TYR A 1 53  ? -1.513  -10.678 -17.337 1.00 31.91 ? 53  TYR A C   1 
ATOM   427  O  O   . TYR A 1 53  ? -2.276  -9.823  -16.886 1.00 32.26 ? 53  TYR A O   1 
ATOM   428  C  CB  . TYR A 1 53  ? -2.746  -12.503 -16.103 1.00 32.51 ? 53  TYR A CB  1 
ATOM   429  C  CG  . TYR A 1 53  ? -3.372  -13.884 -16.171 1.00 34.36 ? 53  TYR A CG  1 
ATOM   430  C  CD1 . TYR A 1 53  ? -4.548  -14.112 -16.905 1.00 35.52 ? 53  TYR A CD1 1 
ATOM   431  C  CD2 . TYR A 1 53  ? -2.783  -14.965 -15.519 1.00 35.77 ? 53  TYR A CD2 1 
ATOM   432  C  CE1 . TYR A 1 53  ? -5.119  -15.384 -16.978 1.00 36.06 ? 53  TYR A CE1 1 
ATOM   433  C  CE2 . TYR A 1 53  ? -3.348  -16.242 -15.582 1.00 37.45 ? 53  TYR A CE2 1 
ATOM   434  C  CZ  . TYR A 1 53  ? -4.511  -16.444 -16.314 1.00 37.77 ? 53  TYR A CZ  1 
ATOM   435  O  OH  . TYR A 1 53  ? -5.054  -17.710 -16.374 1.00 39.41 ? 53  TYR A OH  1 
ATOM   436  N  N   . GLY A 1 54  ? -0.321  -10.394 -17.853 1.00 31.73 ? 54  GLY A N   1 
ATOM   437  C  CA  . GLY A 1 54  ? 0.197   -9.032  -17.944 1.00 31.78 ? 54  GLY A CA  1 
ATOM   438  C  C   . GLY A 1 54  ? 0.217   -8.272  -16.629 1.00 31.95 ? 54  GLY A C   1 
ATOM   439  O  O   . GLY A 1 54  ? -0.149  -7.094  -16.581 1.00 31.90 ? 54  GLY A O   1 
ATOM   440  N  N   . LEU A 1 55  ? 0.643   -8.935  -15.559 1.00 31.61 ? 55  LEU A N   1 
ATOM   441  C  CA  . LEU A 1 55  ? 0.631   -8.301  -14.242 1.00 31.77 ? 55  LEU A CA  1 
ATOM   442  C  C   . LEU A 1 55  ? 1.943   -7.581  -13.939 1.00 31.97 ? 55  LEU A C   1 
ATOM   443  O  O   . LEU A 1 55  ? 3.029   -8.050  -14.274 1.00 32.23 ? 55  LEU A O   1 
ATOM   444  C  CB  . LEU A 1 55  ? 0.279   -9.304  -13.129 1.00 31.19 ? 55  LEU A CB  1 
ATOM   445  C  CG  . LEU A 1 55  ? -0.938  -10.228 -13.307 1.00 31.24 ? 55  LEU A CG  1 
ATOM   446  C  CD1 . LEU A 1 55  ? -1.030  -11.216 -12.151 1.00 29.40 ? 55  LEU A CD1 1 
ATOM   447  C  CD2 . LEU A 1 55  ? -2.274  -9.464  -13.487 1.00 30.80 ? 55  LEU A CD2 1 
ATOM   448  N  N   . ARG A 1 56  ? 1.799   -6.417  -13.320 1.00 32.17 ? 56  ARG A N   1 
ATOM   449  C  CA  . ARG A 1 56  ? 2.885   -5.620  -12.782 1.00 32.34 ? 56  ARG A CA  1 
ATOM   450  C  C   . ARG A 1 56  ? 3.194   -6.200  -11.397 1.00 31.88 ? 56  ARG A C   1 
ATOM   451  O  O   . ARG A 1 56  ? 2.279   -6.626  -10.684 1.00 32.31 ? 56  ARG A O   1 
ATOM   452  C  CB  . ARG A 1 56  ? 2.373   -4.185  -12.655 1.00 32.71 ? 56  ARG A CB  1 
ATOM   453  C  CG  . ARG A 1 56  ? 3.374   -3.074  -12.854 1.00 34.80 ? 56  ARG A CG  1 
ATOM   454  C  CD  . ARG A 1 56  ? 2.618   -1.748  -13.015 1.00 36.75 ? 56  ARG A CD  1 
ATOM   455  N  NE  . ARG A 1 56  ? 3.470   -0.590  -12.750 1.00 38.44 ? 56  ARG A NE  1 
ATOM   456  C  CZ  . ARG A 1 56  ? 3.020   0.648   -12.554 1.00 38.32 ? 56  ARG A CZ  1 
ATOM   457  N  NH1 . ARG A 1 56  ? 1.716   0.907   -12.593 1.00 36.70 ? 56  ARG A NH1 1 
ATOM   458  N  NH2 . ARG A 1 56  ? 3.883   1.629   -12.313 1.00 38.98 ? 56  ARG A NH2 1 
ATOM   459  N  N   . SER A 1 57  ? 4.465   -6.233  -11.015 1.00 31.06 ? 57  SER A N   1 
ATOM   460  C  CA  . SER A 1 57  ? 4.868   -6.890  -9.770  1.00 30.38 ? 57  SER A CA  1 
ATOM   461  C  C   . SER A 1 57  ? 4.529   -6.059  -8.516  1.00 29.25 ? 57  SER A C   1 
ATOM   462  O  O   . SER A 1 57  ? 5.218   -5.087  -8.210  1.00 29.90 ? 57  SER A O   1 
ATOM   463  C  CB  . SER A 1 57  ? 6.358   -7.219  -9.805  1.00 30.47 ? 57  SER A CB  1 
ATOM   464  O  OG  . SER A 1 57  ? 6.675   -8.062  -8.715  1.00 32.21 ? 57  SER A OG  1 
ATOM   465  N  N   . GLY A 1 58  ? 3.490   -6.464  -7.788  1.00 27.25 ? 58  GLY A N   1 
ATOM   466  C  CA  . GLY A 1 58  ? 2.932   -5.632  -6.717  1.00 25.04 ? 58  GLY A CA  1 
ATOM   467  C  C   . GLY A 1 58  ? 3.301   -6.035  -5.305  1.00 23.30 ? 58  GLY A C   1 
ATOM   468  O  O   . GLY A 1 58  ? 3.393   -7.223  -5.005  1.00 23.38 ? 58  GLY A O   1 
ATOM   469  N  N   . VAL A 1 59  ? 3.499   -5.042  -4.433  1.00 21.67 ? 59  VAL A N   1 
ATOM   470  C  CA  . VAL A 1 59  ? 3.780   -5.308  -3.013  1.00 20.06 ? 59  VAL A CA  1 
ATOM   471  C  C   . VAL A 1 59  ? 2.640   -4.886  -2.070  1.00 19.02 ? 59  VAL A C   1 
ATOM   472  O  O   . VAL A 1 59  ? 2.636   -5.237  -0.893  1.00 18.46 ? 59  VAL A O   1 
ATOM   473  C  CB  . VAL A 1 59  ? 5.132   -4.687  -2.538  1.00 20.09 ? 59  VAL A CB  1 
ATOM   474  C  CG1 . VAL A 1 59  ? 6.309   -5.293  -3.319  1.00 20.13 ? 59  VAL A CG1 1 
ATOM   475  C  CG2 . VAL A 1 59  ? 5.117   -3.157  -2.655  1.00 19.30 ? 59  VAL A CG2 1 
ATOM   476  N  N   . GLY A 1 60  ? 1.677   -4.135  -2.594  1.00 17.97 ? 60  GLY A N   1 
ATOM   477  C  CA  . GLY A 1 60  ? 0.538   -3.710  -1.796  1.00 16.83 ? 60  GLY A CA  1 
ATOM   478  C  C   . GLY A 1 60  ? -0.657  -3.360  -2.667  1.00 16.53 ? 60  GLY A C   1 
ATOM   479  O  O   . GLY A 1 60  ? -0.504  -2.988  -3.846  1.00 15.48 ? 60  GLY A O   1 
ATOM   480  N  N   . LEU A 1 61  ? -1.842  -3.491  -2.080  1.00 15.16 ? 61  LEU A N   1 
ATOM   481  C  CA  . LEU A 1 61  ? -3.082  -3.133  -2.759  1.00 15.92 ? 61  LEU A CA  1 
ATOM   482  C  C   . LEU A 1 61  ? -4.118  -2.686  -1.735  1.00 15.73 ? 61  LEU A C   1 
ATOM   483  O  O   . LEU A 1 61  ? -4.234  -3.288  -0.667  1.00 16.38 ? 61  LEU A O   1 
ATOM   484  C  CB  . LEU A 1 61  ? -3.623  -4.305  -3.601  1.00 15.66 ? 61  LEU A CB  1 
ATOM   485  C  CG  . LEU A 1 61  ? -4.903  -4.113  -4.451  1.00 15.90 ? 61  LEU A CG  1 
ATOM   486  C  CD1 . LEU A 1 61  ? -4.700  -3.093  -5.550  1.00 16.21 ? 61  LEU A CD1 1 
ATOM   487  C  CD2 . LEU A 1 61  ? -5.366  -5.423  -5.061  1.00 13.51 ? 61  LEU A CD2 1 
ATOM   488  N  N   . ALA A 1 62  ? -4.864  -1.638  -2.079  1.00 15.57 ? 62  ALA A N   1 
ATOM   489  C  CA  . ALA A 1 62  ? -5.916  -1.123  -1.213  1.00 15.76 ? 62  ALA A CA  1 
ATOM   490  C  C   . ALA A 1 62  ? -7.264  -1.315  -1.904  1.00 16.26 ? 62  ALA A C   1 
ATOM   491  O  O   . ALA A 1 62  ? -7.367  -1.143  -3.114  1.00 16.29 ? 62  ALA A O   1 
ATOM   492  C  CB  . ALA A 1 62  ? -5.677  0.339   -0.927  1.00 14.82 ? 62  ALA A CB  1 
ATOM   493  N  N   . ALA A 1 63  ? -8.300  -1.633  -1.135  1.00 16.55 ? 63  ALA A N   1 
ATOM   494  C  CA  . ALA A 1 63  ? -9.627  -1.861  -1.712  1.00 17.33 ? 63  ALA A CA  1 
ATOM   495  C  C   . ALA A 1 63  ? -10.116 -0.757  -2.688  1.00 18.06 ? 63  ALA A C   1 
ATOM   496  O  O   . ALA A 1 63  ? -10.686 -1.077  -3.730  1.00 19.01 ? 63  ALA A O   1 
ATOM   497  C  CB  . ALA A 1 63  ? -10.657 -2.145  -0.613  1.00 16.67 ? 63  ALA A CB  1 
ATOM   498  N  N   . PRO A 1 64  ? -9.909  0.536   -2.356  1.00 18.54 ? 64  PRO A N   1 
ATOM   499  C  CA  . PRO A 1 64  ? -10.298 1.582   -3.319  1.00 18.35 ? 64  PRO A CA  1 
ATOM   500  C  C   . PRO A 1 64  ? -9.702  1.427   -4.732  1.00 18.61 ? 64  PRO A C   1 
ATOM   501  O  O   . PRO A 1 64  ? -10.312 1.881   -5.715  1.00 18.73 ? 64  PRO A O   1 
ATOM   502  C  CB  . PRO A 1 64  ? -9.787  2.862   -2.661  1.00 18.17 ? 64  PRO A CB  1 
ATOM   503  C  CG  . PRO A 1 64  ? -9.901  2.572   -1.191  1.00 17.97 ? 64  PRO A CG  1 
ATOM   504  C  CD  . PRO A 1 64  ? -9.527  1.120   -1.051  1.00 18.46 ? 64  PRO A CD  1 
ATOM   505  N  N   . GLN A 1 65  ? -8.539  0.788   -4.841  1.00 17.70 ? 65  GLN A N   1 
ATOM   506  C  CA  . GLN A 1 65  ? -7.893  0.598   -6.138  1.00 17.51 ? 65  GLN A CA  1 
ATOM   507  C  C   . GLN A 1 65  ? -8.645  -0.391  -7.033  1.00 17.64 ? 65  GLN A C   1 
ATOM   508  O  O   . GLN A 1 65  ? -8.458  -0.383  -8.247  1.00 17.94 ? 65  GLN A O   1 
ATOM   509  C  CB  . GLN A 1 65  ? -6.436  0.150   -5.969  1.00 17.14 ? 65  GLN A CB  1 
ATOM   510  C  CG  . GLN A 1 65  ? -5.539  1.225   -5.372  1.00 17.57 ? 65  GLN A CG  1 
ATOM   511  C  CD  . GLN A 1 65  ? -4.132  0.733   -5.141  1.00 17.33 ? 65  GLN A CD  1 
ATOM   512  O  OE1 . GLN A 1 65  ? -3.877  -0.021  -4.213  1.00 19.02 ? 65  GLN A OE1 1 
ATOM   513  N  NE2 . GLN A 1 65  ? -3.216  1.141   -6.004  1.00 15.98 ? 65  GLN A NE2 1 
ATOM   514  N  N   . ILE A 1 66  ? -9.464  -1.252  -6.431  1.00 17.30 ? 66  ILE A N   1 
ATOM   515  C  CA  . ILE A 1 66  ? -10.369 -2.113  -7.200  1.00 17.75 ? 66  ILE A CA  1 
ATOM   516  C  C   . ILE A 1 66  ? -11.816 -1.629  -7.077  1.00 18.13 ? 66  ILE A C   1 
ATOM   517  O  O   . ILE A 1 66  ? -12.750 -2.428  -7.185  1.00 18.63 ? 66  ILE A O   1 
ATOM   518  C  CB  . ILE A 1 66  ? -10.218 -3.631  -6.855  1.00 17.06 ? 66  ILE A CB  1 
ATOM   519  C  CG1 . ILE A 1 66  ? -10.420 -3.890  -5.354  1.00 16.99 ? 66  ILE A CG1 1 
ATOM   520  C  CG2 . ILE A 1 66  ? -8.854  -4.143  -7.323  1.00 16.82 ? 66  ILE A CG2 1 
ATOM   521  C  CD1 . ILE A 1 66  ? -10.586 -5.362  -4.985  1.00 17.22 ? 66  ILE A CD1 1 
ATOM   522  N  N   . ASN A 1 67  ? -11.970 -0.315  -6.857  1.00 18.65 ? 67  ASN A N   1 
ATOM   523  C  CA  . ASN A 1 67  ? -13.268 0.381   -6.773  1.00 19.46 ? 67  ASN A CA  1 
ATOM   524  C  C   . ASN A 1 67  ? -14.168 -0.061  -5.610  1.00 19.79 ? 67  ASN A C   1 
ATOM   525  O  O   . ASN A 1 67  ? -15.409 -0.052  -5.720  1.00 20.19 ? 67  ASN A O   1 
ATOM   526  C  CB  . ASN A 1 67  ? -14.032 0.289   -8.106  1.00 19.91 ? 67  ASN A CB  1 
ATOM   527  C  CG  . ASN A 1 67  ? -15.119 1.334   -8.230  1.00 20.83 ? 67  ASN A CG  1 
ATOM   528  O  OD1 . ASN A 1 67  ? -15.037 2.397   -7.631  1.00 23.12 ? 67  ASN A OD1 1 
ATOM   529  N  ND2 . ASN A 1 67  ? -16.148 1.035   -9.017  1.00 23.11 ? 67  ASN A ND2 1 
ATOM   530  N  N   . ILE A 1 68  ? -13.550 -0.467  -4.505  1.00 19.52 ? 68  ILE A N   1 
ATOM   531  C  CA  . ILE A 1 68  ? -14.299 -0.827  -3.297  1.00 19.73 ? 68  ILE A CA  1 
ATOM   532  C  C   . ILE A 1 68  ? -13.908 0.153   -2.165  1.00 20.00 ? 68  ILE A C   1 
ATOM   533  O  O   . ILE A 1 68  ? -12.786 0.120   -1.659  1.00 19.62 ? 68  ILE A O   1 
ATOM   534  C  CB  . ILE A 1 68  ? -14.104 -2.335  -2.939  1.00 20.02 ? 68  ILE A CB  1 
ATOM   535  C  CG1 . ILE A 1 68  ? -14.760 -3.219  -4.018  1.00 19.81 ? 68  ILE A CG1 1 
ATOM   536  C  CG2 . ILE A 1 68  ? -14.689 -2.658  -1.571  1.00 18.56 ? 68  ILE A CG2 1 
ATOM   537  C  CD1 . ILE A 1 68  ? -14.226 -4.645  -4.102  1.00 21.12 ? 68  ILE A CD1 1 
ATOM   538  N  N   . SER A 1 69  ? -14.829 1.044   -1.805  1.00 19.12 ? 69  SER A N   1 
ATOM   539  C  CA  . SER A 1 69  ? -14.500 2.140   -0.899  1.00 19.39 ? 69  SER A CA  1 
ATOM   540  C  C   . SER A 1 69  ? -14.604 1.680   0.565   1.00 19.17 ? 69  SER A C   1 
ATOM   541  O  O   . SER A 1 69  ? -15.454 2.158   1.339   1.00 19.05 ? 69  SER A O   1 
ATOM   542  C  CB  . SER A 1 69  ? -15.392 3.356   -1.179  1.00 19.62 ? 69  SER A CB  1 
ATOM   543  O  OG  . SER A 1 69  ? -14.827 4.532   -0.614  1.00 19.92 ? 69  SER A OG  1 
ATOM   544  N  N   . LYS A 1 70  ? -13.749 0.718   0.915   1.00 18.45 ? 70  LYS A N   1 
ATOM   545  C  CA  . LYS A 1 70  ? -13.742 0.105   2.250   1.00 17.77 ? 70  LYS A CA  1 
ATOM   546  C  C   . LYS A 1 70  ? -12.304 0.080   2.750   1.00 17.63 ? 70  LYS A C   1 
ATOM   547  O  O   . LYS A 1 70  ? -11.366 -0.026  1.946   1.00 17.23 ? 70  LYS A O   1 
ATOM   548  C  CB  . LYS A 1 70  ? -14.325 -1.311  2.211   1.00 17.47 ? 70  LYS A CB  1 
ATOM   549  C  CG  . LYS A 1 70  ? -15.739 -1.361  1.662   1.00 17.97 ? 70  LYS A CG  1 
ATOM   550  C  CD  . LYS A 1 70  ? -16.377 -2.728  1.838   1.00 19.36 ? 70  LYS A CD  1 
ATOM   551  C  CE  . LYS A 1 70  ? -17.845 -2.683  1.373   1.00 20.24 ? 70  LYS A CE  1 
ATOM   552  N  NZ  . LYS A 1 70  ? -18.437 -4.043  1.404   1.00 20.71 ? 70  LYS A NZ  1 
ATOM   553  N  N   . ARG A 1 71  ? -12.138 0.204   4.067   1.00 16.81 ? 71  ARG A N   1 
ATOM   554  C  CA  . ARG A 1 71  ? -10.806 0.350   4.661   1.00 16.58 ? 71  ARG A CA  1 
ATOM   555  C  C   . ARG A 1 71  ? -10.160 -1.010  4.883   1.00 16.03 ? 71  ARG A C   1 
ATOM   556  O  O   . ARG A 1 71  ? -10.060 -1.479  6.013   1.00 16.17 ? 71  ARG A O   1 
ATOM   557  C  CB  . ARG A 1 71  ? -10.871 1.152   5.961   1.00 16.11 ? 71  ARG A CB  1 
ATOM   558  C  CG  . ARG A 1 71  ? -11.462 2.548   5.781   1.00 17.38 ? 71  ARG A CG  1 
ATOM   559  C  CD  . ARG A 1 71  ? -11.415 3.409   7.060   1.00 18.81 ? 71  ARG A CD  1 
ATOM   560  N  NE  . ARG A 1 71  ? -10.120 4.070   7.219   1.00 20.22 ? 71  ARG A NE  1 
ATOM   561  C  CZ  . ARG A 1 71  ? -9.748  5.177   6.580   1.00 20.68 ? 71  ARG A CZ  1 
ATOM   562  N  NH1 . ARG A 1 71  ? -10.567 5.779   5.712   1.00 20.92 ? 71  ARG A NH1 1 
ATOM   563  N  NH2 . ARG A 1 71  ? -8.551  5.681   6.808   1.00 20.22 ? 71  ARG A NH2 1 
ATOM   564  N  N   . MET A 1 72  ? -9.754  -1.647  3.783   1.00 15.89 ? 72  MET A N   1 
ATOM   565  C  CA  . MET A 1 72  ? -9.030  -2.918  3.817   1.00 16.08 ? 72  MET A CA  1 
ATOM   566  C  C   . MET A 1 72  ? -7.830  -2.839  2.897   1.00 15.55 ? 72  MET A C   1 
ATOM   567  O  O   . MET A 1 72  ? -7.913  -2.267  1.808   1.00 15.57 ? 72  MET A O   1 
ATOM   568  C  CB  . MET A 1 72  ? -9.877  -4.082  3.311   1.00 16.92 ? 72  MET A CB  1 
ATOM   569  C  CG  . MET A 1 72  ? -11.282 -4.163  3.796   1.00 20.57 ? 72  MET A CG  1 
ATOM   570  S  SD  . MET A 1 72  ? -12.011 -5.708  3.245   1.00 21.98 ? 72  MET A SD  1 
ATOM   571  C  CE  . MET A 1 72  ? -12.386 -5.391  1.518   1.00 22.24 ? 72  MET A CE  1 
ATOM   572  N  N   . ILE A 1 73  ? -6.733  -3.471  3.303   1.00 15.29 ? 73  ILE A N   1 
ATOM   573  C  CA  . ILE A 1 73  ? -5.517  -3.476  2.513   1.00 14.21 ? 73  ILE A CA  1 
ATOM   574  C  C   . ILE A 1 73  ? -4.833  -4.836  2.583   1.00 14.78 ? 73  ILE A C   1 
ATOM   575  O  O   . ILE A 1 73  ? -4.981  -5.584  3.568   1.00 14.52 ? 73  ILE A O   1 
ATOM   576  C  CB  . ILE A 1 73  ? -4.502  -2.377  2.970   1.00 14.88 ? 73  ILE A CB  1 
ATOM   577  C  CG1 . ILE A 1 73  ? -4.012  -2.632  4.409   1.00 13.58 ? 73  ILE A CG1 1 
ATOM   578  C  CG2 . ILE A 1 73  ? -5.084  -0.938  2.790   1.00 14.20 ? 73  ILE A CG2 1 
ATOM   579  C  CD1 . ILE A 1 73  ? -2.895  -1.696  4.864   1.00 13.43 ? 73  ILE A CD1 1 
ATOM   580  N  N   . ALA A 1 74  ? -4.062  -5.136  1.544   1.00 14.52 ? 74  ALA A N   1 
ATOM   581  C  CA  . ALA A 1 74  ? -3.200  -6.312  1.533   1.00 14.88 ? 74  ALA A CA  1 
ATOM   582  C  C   . ALA A 1 74  ? -1.800  -5.853  1.236   1.00 15.23 ? 74  ALA A C   1 
ATOM   583  O  O   . ALA A 1 74  ? -1.590  -5.016  0.359   1.00 15.19 ? 74  ALA A O   1 
ATOM   584  C  CB  . ALA A 1 74  ? -3.666  -7.319  0.481   1.00 14.68 ? 74  ALA A CB  1 
ATOM   585  N  N   . VAL A 1 75  ? -0.843  -6.407  1.968   1.00 15.28 ? 75  VAL A N   1 
ATOM   586  C  CA  . VAL A 1 75  ? 0.569   -6.083  1.771   1.00 15.70 ? 75  VAL A CA  1 
ATOM   587  C  C   . VAL A 1 75  ? 1.309   -7.404  1.670   1.00 16.17 ? 75  VAL A C   1 
ATOM   588  O  O   . VAL A 1 75  ? 1.083   -8.311  2.478   1.00 15.77 ? 75  VAL A O   1 
ATOM   589  C  CB  . VAL A 1 75  ? 1.124   -5.233  2.938   1.00 15.47 ? 75  VAL A CB  1 
ATOM   590  C  CG1 . VAL A 1 75  ? 2.665   -5.086  2.857   1.00 14.50 ? 75  VAL A CG1 1 
ATOM   591  C  CG2 . VAL A 1 75  ? 0.450   -3.871  2.953   1.00 15.36 ? 75  VAL A CG2 1 
ATOM   592  N  N   . LEU A 1 76  ? 2.156   -7.516  0.650   1.00 16.72 ? 76  LEU A N   1 
ATOM   593  C  CA  . LEU A 1 76  ? 2.929   -8.726  0.425   1.00 17.84 ? 76  LEU A CA  1 
ATOM   594  C  C   . LEU A 1 76  ? 4.337   -8.340  -0.022  1.00 18.21 ? 76  LEU A C   1 
ATOM   595  O  O   . LEU A 1 76  ? 4.568   -8.079  -1.200  1.00 19.00 ? 76  LEU A O   1 
ATOM   596  C  CB  . LEU A 1 76  ? 2.241   -9.633  -0.622  1.00 17.23 ? 76  LEU A CB  1 
ATOM   597  C  CG  . LEU A 1 76  ? 2.895   -11.017 -0.823  1.00 18.42 ? 76  LEU A CG  1 
ATOM   598  C  CD1 . LEU A 1 76  ? 2.748   -11.893 0.431   1.00 18.71 ? 76  LEU A CD1 1 
ATOM   599  C  CD2 . LEU A 1 76  ? 2.359   -11.754 -2.059  1.00 17.03 ? 76  LEU A CD2 1 
ATOM   600  N  N   . ILE A 1 77  ? 5.257   -8.271  0.933   1.00 18.30 ? 77  ILE A N   1 
ATOM   601  C  CA  . ILE A 1 77  ? 6.630   -7.892  0.667   1.00 19.08 ? 77  ILE A CA  1 
ATOM   602  C  C   . ILE A 1 77  ? 7.495   -9.124  0.885   1.00 20.09 ? 77  ILE A C   1 
ATOM   603  O  O   . ILE A 1 77  ? 7.518   -9.675  1.980   1.00 19.54 ? 77  ILE A O   1 
ATOM   604  C  CB  . ILE A 1 77  ? 7.129   -6.734  1.575   1.00 18.75 ? 77  ILE A CB  1 
ATOM   605  C  CG1 . ILE A 1 77  ? 6.176   -5.532  1.485   1.00 18.23 ? 77  ILE A CG1 1 
ATOM   606  C  CG2 . ILE A 1 77  ? 8.572   -6.330  1.184   1.00 17.86 ? 77  ILE A CG2 1 
ATOM   607  C  CD1 . ILE A 1 77  ? 6.407   -4.439  2.569   1.00 15.81 ? 77  ILE A CD1 1 
ATOM   608  N  N   . PRO A 1 78  ? 8.183   -9.579  -0.174  1.00 21.74 ? 78  PRO A N   1 
ATOM   609  C  CA  . PRO A 1 78  ? 9.021   -10.776 -0.043  1.00 22.58 ? 78  PRO A CA  1 
ATOM   610  C  C   . PRO A 1 78  ? 10.272  -10.506 0.793   1.00 23.63 ? 78  PRO A C   1 
ATOM   611  O  O   . PRO A 1 78  ? 10.653  -9.353  0.987   1.00 22.68 ? 78  PRO A O   1 
ATOM   612  C  CB  . PRO A 1 78  ? 9.407   -11.101 -1.489  1.00 23.08 ? 78  PRO A CB  1 
ATOM   613  C  CG  . PRO A 1 78  ? 9.275   -9.828  -2.235  1.00 22.38 ? 78  PRO A CG  1 
ATOM   614  C  CD  . PRO A 1 78  ? 8.223   -9.000  -1.532  1.00 21.54 ? 78  PRO A CD  1 
ATOM   615  N  N   . ASP A 1 79  ? 10.887  -11.578 1.280   1.00 25.45 ? 79  ASP A N   1 
ATOM   616  C  CA  . ASP A 1 79  ? 12.156  -11.523 2.002   1.00 27.83 ? 79  ASP A CA  1 
ATOM   617  C  C   . ASP A 1 79  ? 13.146  -10.551 1.328   1.00 29.56 ? 79  ASP A C   1 
ATOM   618  O  O   . ASP A 1 79  ? 13.449  -10.694 0.140   1.00 29.51 ? 79  ASP A O   1 
ATOM   619  C  CB  . ASP A 1 79  ? 12.740  -12.940 2.061   1.00 28.13 ? 79  ASP A CB  1 
ATOM   620  C  CG  . ASP A 1 79  ? 13.810  -13.106 3.132   1.00 29.04 ? 79  ASP A CG  1 
ATOM   621  O  OD1 . ASP A 1 79  ? 14.424  -12.106 3.566   1.00 28.48 ? 79  ASP A OD1 1 
ATOM   622  O  OD2 . ASP A 1 79  ? 14.036  -14.262 3.535   1.00 31.37 ? 79  ASP A OD2 1 
ATOM   623  N  N   . ASP A 1 80  ? 13.623  -9.556  2.088   1.00 31.46 ? 80  ASP A N   1 
ATOM   624  C  CA  . ASP A 1 80  ? 14.630  -8.605  1.595   1.00 33.53 ? 80  ASP A CA  1 
ATOM   625  C  C   . ASP A 1 80  ? 16.074  -9.125  1.693   1.00 34.01 ? 80  ASP A C   1 
ATOM   626  O  O   . ASP A 1 80  ? 17.021  -8.363  1.493   1.00 34.81 ? 80  ASP A O   1 
ATOM   627  C  CB  . ASP A 1 80  ? 14.514  -7.242  2.310   1.00 34.10 ? 80  ASP A CB  1 
ATOM   628  C  CG  . ASP A 1 80  ? 14.772  -7.326  3.825   1.00 36.61 ? 80  ASP A CG  1 
ATOM   629  O  OD1 . ASP A 1 80  ? 14.713  -6.265  4.489   1.00 39.29 ? 80  ASP A OD1 1 
ATOM   630  O  OD2 . ASP A 1 80  ? 15.017  -8.431  4.365   1.00 38.41 ? 80  ASP A OD2 1 
ATOM   631  N  N   . GLY A 1 81  ? 16.235  -10.415 1.984   1.00 34.04 ? 81  GLY A N   1 
ATOM   632  C  CA  . GLY A 1 81  ? 17.558  -10.992 2.232   1.00 34.06 ? 81  GLY A CA  1 
ATOM   633  C  C   . GLY A 1 81  ? 17.882  -11.114 3.716   1.00 33.91 ? 81  GLY A C   1 
ATOM   634  O  O   . GLY A 1 81  ? 18.748  -11.903 4.101   1.00 34.20 ? 81  GLY A O   1 
ATOM   635  N  N   . SER A 1 82  ? 17.176  -10.347 4.552   1.00 33.40 ? 82  SER A N   1 
ATOM   636  C  CA  . SER A 1 82  ? 17.392  -10.376 6.009   1.00 32.64 ? 82  SER A CA  1 
ATOM   637  C  C   . SER A 1 82  ? 16.469  -11.343 6.739   1.00 31.62 ? 82  SER A C   1 
ATOM   638  O  O   . SER A 1 82  ? 16.490  -11.398 7.963   1.00 32.29 ? 82  SER A O   1 
ATOM   639  C  CB  . SER A 1 82  ? 17.229  -8.982  6.615   1.00 32.73 ? 82  SER A CB  1 
ATOM   640  O  OG  . SER A 1 82  ? 15.854  -8.628  6.689   1.00 34.44 ? 82  SER A OG  1 
ATOM   641  N  N   . GLY A 1 83  ? 15.654  -12.096 6.004   1.00 30.52 ? 83  GLY A N   1 
ATOM   642  C  CA  . GLY A 1 83  ? 14.691  -13.005 6.637   1.00 29.14 ? 83  GLY A CA  1 
ATOM   643  C  C   . GLY A 1 83  ? 13.378  -12.344 7.052   1.00 28.13 ? 83  GLY A C   1 
ATOM   644  O  O   . GLY A 1 83  ? 12.444  -13.033 7.494   1.00 28.53 ? 83  GLY A O   1 
ATOM   645  N  N   . LYS A 1 84  ? 13.296  -11.019 6.918   1.00 26.33 ? 84  LYS A N   1 
ATOM   646  C  CA  . LYS A 1 84  ? 12.049  -10.282 7.193   1.00 25.11 ? 84  LYS A CA  1 
ATOM   647  C  C   . LYS A 1 84  ? 11.150  -10.236 5.955   1.00 24.08 ? 84  LYS A C   1 
ATOM   648  O  O   . LYS A 1 84  ? 11.590  -9.860  4.856   1.00 24.02 ? 84  LYS A O   1 
ATOM   649  C  CB  . LYS A 1 84  ? 12.344  -8.859  7.670   1.00 25.14 ? 84  LYS A CB  1 
ATOM   650  C  CG  . LYS A 1 84  ? 13.041  -8.765  9.029   1.00 26.61 ? 84  LYS A CG  1 
ATOM   651  C  CD  . LYS A 1 84  ? 13.509  -7.336  9.266   1.00 30.72 ? 84  LYS A CD  1 
ATOM   652  C  CE  . LYS A 1 84  ? 14.538  -7.253  10.381  1.00 33.38 ? 84  LYS A CE  1 
ATOM   653  N  NZ  . LYS A 1 84  ? 15.633  -6.327  9.984   1.00 35.56 ? 84  LYS A NZ  1 
ATOM   654  N  N   . SER A 1 85  ? 9.897   -10.635 6.133   1.00 22.47 ? 85  SER A N   1 
ATOM   655  C  CA  . SER A 1 85  ? 8.898   -10.554 5.067   1.00 21.34 ? 85  SER A CA  1 
ATOM   656  C  C   . SER A 1 85  ? 7.541   -10.184 5.656   1.00 20.29 ? 85  SER A C   1 
ATOM   657  O  O   . SER A 1 85  ? 7.305   -10.369 6.854   1.00 19.11 ? 85  SER A O   1 
ATOM   658  C  CB  . SER A 1 85  ? 8.816   -11.869 4.283   1.00 21.66 ? 85  SER A CB  1 
ATOM   659  O  OG  . SER A 1 85  ? 8.193   -12.874 5.046   1.00 21.93 ? 85  SER A OG  1 
ATOM   660  N  N   . TYR A 1 86  ? 6.661   -9.643  4.816   1.00 18.99 ? 86  TYR A N   1 
ATOM   661  C  CA  . TYR A 1 86  ? 5.421   -9.047  5.307   1.00 18.03 ? 86  TYR A CA  1 
ATOM   662  C  C   . TYR A 1 86  ? 4.263   -9.529  4.465   1.00 17.60 ? 86  TYR A C   1 
ATOM   663  O  O   . TYR A 1 86  ? 4.198   -9.262  3.267   1.00 18.02 ? 86  TYR A O   1 
ATOM   664  C  CB  . TYR A 1 86  ? 5.532   -7.513  5.325   1.00 17.79 ? 86  TYR A CB  1 
ATOM   665  C  CG  . TYR A 1 86  ? 6.717   -7.039  6.139   1.00 17.74 ? 86  TYR A CG  1 
ATOM   666  C  CD1 . TYR A 1 86  ? 7.991   -6.940  5.563   1.00 17.90 ? 86  TYR A CD1 1 
ATOM   667  C  CD2 . TYR A 1 86  ? 6.580   -6.745  7.493   1.00 18.26 ? 86  TYR A CD2 1 
ATOM   668  C  CE1 . TYR A 1 86  ? 9.104   -6.534  6.321   1.00 17.83 ? 86  TYR A CE1 1 
ATOM   669  C  CE2 . TYR A 1 86  ? 7.679   -6.344  8.265   1.00 19.19 ? 86  TYR A CE2 1 
ATOM   670  C  CZ  . TYR A 1 86  ? 8.938   -6.240  7.664   1.00 19.54 ? 86  TYR A CZ  1 
ATOM   671  O  OH  . TYR A 1 86  ? 10.023  -5.843  8.412   1.00 20.16 ? 86  TYR A OH  1 
ATOM   672  N  N   . ASP A 1 87  ? 3.381   -10.282 5.097   1.00 16.66 ? 87  ASP A N   1 
ATOM   673  C  CA  . ASP A 1 87  ? 2.228   -10.854 4.425   1.00 16.69 ? 87  ASP A CA  1 
ATOM   674  C  C   . ASP A 1 87  ? 1.052   -10.553 5.324   1.00 15.91 ? 87  ASP A C   1 
ATOM   675  O  O   . ASP A 1 87  ? 0.800   -11.273 6.277   1.00 15.60 ? 87  ASP A O   1 
ATOM   676  C  CB  . ASP A 1 87  ? 2.446   -12.369 4.250   1.00 16.62 ? 87  ASP A CB  1 
ATOM   677  C  CG  . ASP A 1 87  ? 1.323   -13.055 3.494   1.00 17.44 ? 87  ASP A CG  1 
ATOM   678  O  OD1 . ASP A 1 87  ? 0.254   -12.454 3.266   1.00 16.40 ? 87  ASP A OD1 1 
ATOM   679  O  OD2 . ASP A 1 87  ? 1.516   -14.228 3.135   1.00 19.02 ? 87  ASP A OD2 1 
ATOM   680  N  N   . TYR A 1 88  ? 0.352   -9.455  5.039   1.00 15.22 ? 88  TYR A N   1 
ATOM   681  C  CA  . TYR A 1 88  ? -0.733  -9.005  5.904   1.00 14.61 ? 88  TYR A CA  1 
ATOM   682  C  C   . TYR A 1 88  ? -1.962  -8.561  5.131   1.00 14.55 ? 88  TYR A C   1 
ATOM   683  O  O   . TYR A 1 88  ? -1.859  -7.787  4.181   1.00 14.04 ? 88  TYR A O   1 
ATOM   684  C  CB  . TYR A 1 88  ? -0.270  -7.827  6.776   1.00 14.87 ? 88  TYR A CB  1 
ATOM   685  C  CG  . TYR A 1 88  ? 0.733   -8.189  7.845   1.00 14.29 ? 88  TYR A CG  1 
ATOM   686  C  CD1 . TYR A 1 88  ? 2.103   -8.014  7.628   1.00 14.07 ? 88  TYR A CD1 1 
ATOM   687  C  CD2 . TYR A 1 88  ? 0.312   -8.709  9.080   1.00 13.03 ? 88  TYR A CD2 1 
ATOM   688  C  CE1 . TYR A 1 88  ? 3.046   -8.349  8.619   1.00 13.88 ? 88  TYR A CE1 1 
ATOM   689  C  CE2 . TYR A 1 88  ? 1.241   -9.036  10.073  1.00 14.56 ? 88  TYR A CE2 1 
ATOM   690  C  CZ  . TYR A 1 88  ? 2.603   -8.848  9.833   1.00 13.85 ? 88  TYR A CZ  1 
ATOM   691  O  OH  . TYR A 1 88  ? 3.528   -9.177  10.802  1.00 15.11 ? 88  TYR A OH  1 
ATOM   692  N  N   . MET A 1 89  ? -3.117  -9.042  5.572   1.00 14.38 ? 89  MET A N   1 
ATOM   693  C  CA  . MET A 1 89  ? -4.407  -8.507  5.164   1.00 14.26 ? 89  MET A CA  1 
ATOM   694  C  C   . MET A 1 89  ? -5.009  -7.778  6.349   1.00 14.11 ? 89  MET A C   1 
ATOM   695  O  O   . MET A 1 89  ? -5.328  -8.396  7.387   1.00 14.78 ? 89  MET A O   1 
ATOM   696  C  CB  . MET A 1 89  ? -5.331  -9.645  4.701   1.00 14.02 ? 89  MET A CB  1 
ATOM   697  C  CG  . MET A 1 89  ? -4.908  -10.334 3.395   1.00 14.95 ? 89  MET A CG  1 
ATOM   698  S  SD  . MET A 1 89  ? -5.946  -11.773 2.976   1.00 17.13 ? 89  MET A SD  1 
ATOM   699  C  CE  . MET A 1 89  ? -5.699  -12.840 4.397   1.00 15.92 ? 89  MET A CE  1 
ATOM   700  N  N   . LEU A 1 90  ? -5.164  -6.466  6.209   1.00 14.18 ? 90  LEU A N   1 
ATOM   701  C  CA  . LEU A 1 90  ? -5.594  -5.620  7.326   1.00 14.00 ? 90  LEU A CA  1 
ATOM   702  C  C   . LEU A 1 90  ? -6.951  -4.954  7.128   1.00 14.17 ? 90  LEU A C   1 
ATOM   703  O  O   . LEU A 1 90  ? -7.255  -4.391  6.064   1.00 14.27 ? 90  LEU A O   1 
ATOM   704  C  CB  . LEU A 1 90  ? -4.542  -4.549  7.667   1.00 13.59 ? 90  LEU A CB  1 
ATOM   705  C  CG  . LEU A 1 90  ? -3.141  -4.982  8.138   1.00 14.78 ? 90  LEU A CG  1 
ATOM   706  C  CD1 . LEU A 1 90  ? -2.388  -3.772  8.677   1.00 15.06 ? 90  LEU A CD1 1 
ATOM   707  C  CD2 . LEU A 1 90  ? -3.216  -6.088  9.201   1.00 14.84 ? 90  LEU A CD2 1 
ATOM   708  N  N   . VAL A 1 91  ? -7.743  -5.011  8.188   1.00 14.18 ? 91  VAL A N   1 
ATOM   709  C  CA  . VAL A 1 91  ? -9.043  -4.358  8.253   1.00 14.29 ? 91  VAL A CA  1 
ATOM   710  C  C   . VAL A 1 91  ? -8.970  -3.142  9.184   1.00 14.15 ? 91  VAL A C   1 
ATOM   711  O  O   . VAL A 1 91  ? -8.436  -3.222  10.304  1.00 13.88 ? 91  VAL A O   1 
ATOM   712  C  CB  . VAL A 1 91  ? -10.109 -5.357  8.750   1.00 14.43 ? 91  VAL A CB  1 
ATOM   713  C  CG1 . VAL A 1 91  ? -11.448 -4.658  8.945   1.00 15.12 ? 91  VAL A CG1 1 
ATOM   714  C  CG2 . VAL A 1 91  ? -10.246 -6.533  7.755   1.00 14.69 ? 91  VAL A CG2 1 
ATOM   715  N  N   . ASN A 1 92  ? -9.501  -2.013  8.714   1.00 14.20 ? 92  ASN A N   1 
ATOM   716  C  CA  . ASN A 1 92  ? -9.488  -0.753  9.474   1.00 15.31 ? 92  ASN A CA  1 
ATOM   717  C  C   . ASN A 1 92  ? -8.104  -0.416  10.059  1.00 15.27 ? 92  ASN A C   1 
ATOM   718  O  O   . ASN A 1 92  ? -7.991  -0.119  11.255  1.00 15.27 ? 92  ASN A O   1 
ATOM   719  C  CB  . ASN A 1 92  ? -10.543 -0.767  10.606  1.00 15.08 ? 92  ASN A CB  1 
ATOM   720  C  CG  . ASN A 1 92  ? -11.968 -0.973  10.093  1.00 16.85 ? 92  ASN A CG  1 
ATOM   721  O  OD1 . ASN A 1 92  ? -12.302 -0.579  8.977   1.00 17.53 ? 92  ASN A OD1 1 
ATOM   722  N  ND2 . ASN A 1 92  ? -12.818 -1.576  10.925  1.00 17.08 ? 92  ASN A ND2 1 
ATOM   723  N  N   . PRO A 1 93  ? -7.045  -0.477  9.227   1.00 15.34 ? 93  PRO A N   1 
ATOM   724  C  CA  . PRO A 1 93  ? -5.728  -0.171  9.785   1.00 15.23 ? 93  PRO A CA  1 
ATOM   725  C  C   . PRO A 1 93  ? -5.624  1.322   10.106  1.00 15.90 ? 93  PRO A C   1 
ATOM   726  O  O   . PRO A 1 93  ? -6.188  2.153   9.383   1.00 16.29 ? 93  PRO A O   1 
ATOM   727  C  CB  . PRO A 1 93  ? -4.768  -0.537  8.649   1.00 14.94 ? 93  PRO A CB  1 
ATOM   728  C  CG  . PRO A 1 93  ? -5.574  -0.335  7.390   1.00 14.62 ? 93  PRO A CG  1 
ATOM   729  C  CD  . PRO A 1 93  ? -7.013  -0.626  7.754   1.00 15.20 ? 93  PRO A CD  1 
ATOM   730  N  N   . LYS A 1 94  ? -4.910  1.649   11.178  1.00 15.96 ? 94  LYS A N   1 
ATOM   731  C  CA  . LYS A 1 94  ? -4.718  3.041   11.577  1.00 16.42 ? 94  LYS A CA  1 
ATOM   732  C  C   . LYS A 1 94  ? -3.320  3.214   12.158  1.00 15.27 ? 94  LYS A C   1 
ATOM   733  O  O   . LYS A 1 94  ? -2.904  2.438   13.013  1.00 15.19 ? 94  LYS A O   1 
ATOM   734  C  CB  . LYS A 1 94  ? -5.784  3.433   12.618  1.00 17.09 ? 94  LYS A CB  1 
ATOM   735  C  CG  . LYS A 1 94  ? -5.693  4.841   13.182  1.00 21.82 ? 94  LYS A CG  1 
ATOM   736  C  CD  . LYS A 1 94  ? -6.828  5.040   14.229  1.00 27.51 ? 94  LYS A CD  1 
ATOM   737  C  CE  . LYS A 1 94  ? -6.866  6.458   14.786  1.00 30.77 ? 94  LYS A CE  1 
ATOM   738  N  NZ  . LYS A 1 94  ? -6.795  7.487   13.708  1.00 34.88 ? 94  LYS A NZ  1 
ATOM   739  N  N   . ILE A 1 95  ? -2.613  4.244   11.700  1.00 14.41 ? 95  ILE A N   1 
ATOM   740  C  CA  . ILE A 1 95  ? -1.339  4.619   12.295  1.00 14.20 ? 95  ILE A CA  1 
ATOM   741  C  C   . ILE A 1 95  ? -1.637  5.272   13.645  1.00 13.66 ? 95  ILE A C   1 
ATOM   742  O  O   . ILE A 1 95  ? -2.298  6.314   13.708  1.00 13.95 ? 95  ILE A O   1 
ATOM   743  C  CB  . ILE A 1 95  ? -0.528  5.552   11.355  1.00 13.60 ? 95  ILE A CB  1 
ATOM   744  C  CG1 . ILE A 1 95  ? -0.092  4.764   10.120  1.00 14.68 ? 95  ILE A CG1 1 
ATOM   745  C  CG2 . ILE A 1 95  ? 0.678   6.179   12.094  1.00 14.21 ? 95  ILE A CG2 1 
ATOM   746  C  CD1 . ILE A 1 95  ? 0.514   5.614   8.975   1.00 12.28 ? 95  ILE A CD1 1 
ATOM   747  N  N   . VAL A 1 96  ? -1.217  4.629   14.724  1.00 13.14 ? 96  VAL A N   1 
ATOM   748  C  CA  . VAL A 1 96  ? -1.516  5.182   16.060  1.00 13.48 ? 96  VAL A CA  1 
ATOM   749  C  C   . VAL A 1 96  ? -0.368  6.028   16.627  1.00 13.78 ? 96  VAL A C   1 
ATOM   750  O  O   . VAL A 1 96  ? -0.593  6.906   17.457  1.00 13.96 ? 96  VAL A O   1 
ATOM   751  C  CB  . VAL A 1 96  ? -1.997  4.106   17.061  1.00 13.37 ? 96  VAL A CB  1 
ATOM   752  C  CG1 . VAL A 1 96  ? -3.353  3.514   16.612  1.00 13.60 ? 96  VAL A CG1 1 
ATOM   753  C  CG2 . VAL A 1 96  ? -0.969  3.011   17.239  1.00 13.63 ? 96  VAL A CG2 1 
ATOM   754  N  N   . SER A 1 97  ? 0.856   5.754   16.168  1.00 13.49 ? 97  SER A N   1 
ATOM   755  C  CA  . SER A 1 97  ? 2.023   6.560   16.516  1.00 13.46 ? 97  SER A CA  1 
ATOM   756  C  C   . SER A 1 97  ? 3.075   6.429   15.414  1.00 13.09 ? 97  SER A C   1 
ATOM   757  O  O   . SER A 1 97  ? 3.020   5.498   14.592  1.00 12.55 ? 97  SER A O   1 
ATOM   758  C  CB  . SER A 1 97  ? 2.628   6.134   17.856  1.00 13.18 ? 97  SER A CB  1 
ATOM   759  O  OG  . SER A 1 97  ? 3.072   4.796   17.821  1.00 14.17 ? 97  SER A OG  1 
ATOM   760  N  N   . HIS A 1 98  ? 4.041   7.345   15.423  1.00 12.90 ? 98  HIS A N   1 
ATOM   761  C  CA  . HIS A 1 98  ? 5.096   7.330   14.419  1.00 12.70 ? 98  HIS A CA  1 
ATOM   762  C  C   . HIS A 1 98  ? 6.316   8.139   14.863  1.00 13.16 ? 98  HIS A C   1 
ATOM   763  O  O   . HIS A 1 98  ? 6.231   8.951   15.790  1.00 12.11 ? 98  HIS A O   1 
ATOM   764  C  CB  . HIS A 1 98  ? 4.557   7.821   13.058  1.00 12.41 ? 98  HIS A CB  1 
ATOM   765  C  CG  . HIS A 1 98  ? 3.998   9.209   13.086  1.00 11.50 ? 98  HIS A CG  1 
ATOM   766  N  ND1 . HIS A 1 98  ? 4.794   10.333  12.987  1.00 12.41 ? 98  HIS A ND1 1 
ATOM   767  C  CD2 . HIS A 1 98  ? 2.726   9.660   13.202  1.00 11.13 ? 98  HIS A CD2 1 
ATOM   768  C  CE1 . HIS A 1 98  ? 4.038   11.415  13.042  1.00 12.01 ? 98  HIS A CE1 1 
ATOM   769  N  NE2 . HIS A 1 98  ? 2.778   11.034  13.169  1.00 12.71 ? 98  HIS A NE2 1 
ATOM   770  N  N   . SER A 1 99  ? 7.443   7.900   14.198  1.00 13.16 ? 99  SER A N   1 
ATOM   771  C  CA  . SER A 1 99  ? 8.658   8.701   14.387  1.00 13.64 ? 99  SER A CA  1 
ATOM   772  C  C   . SER A 1 99  ? 8.473   10.113  13.811  1.00 14.31 ? 99  SER A C   1 
ATOM   773  O  O   . SER A 1 99  ? 7.686   10.317  12.877  1.00 14.59 ? 99  SER A O   1 
ATOM   774  C  CB  . SER A 1 99  ? 9.843   8.010   13.690  1.00 13.74 ? 99  SER A CB  1 
ATOM   775  O  OG  . SER A 1 99  ? 9.631   7.939   12.269  1.00 14.19 ? 99  SER A OG  1 
ATOM   776  N  N   . VAL A 1 100 ? 9.199   11.080  14.363  1.00 13.95 ? 100 VAL A N   1 
ATOM   777  C  CA  . VAL A 1 100 ? 9.331   12.382  13.723  1.00 14.89 ? 100 VAL A CA  1 
ATOM   778  C  C   . VAL A 1 100 ? 10.264  12.241  12.494  1.00 14.96 ? 100 VAL A C   1 
ATOM   779  O  O   . VAL A 1 100 ? 10.033  12.842  11.445  1.00 15.04 ? 100 VAL A O   1 
ATOM   780  C  CB  . VAL A 1 100 ? 9.873   13.445  14.740  1.00 15.36 ? 100 VAL A CB  1 
ATOM   781  C  CG1 . VAL A 1 100 ? 10.378  14.720  14.022  1.00 15.30 ? 100 VAL A CG1 1 
ATOM   782  C  CG2 . VAL A 1 100 ? 8.789   13.766  15.809  1.00 14.99 ? 100 VAL A CG2 1 
ATOM   783  N  N   . GLN A 1 101 ? 11.299  11.420  12.623  1.00 15.05 ? 101 GLN A N   1 
ATOM   784  C  CA  . GLN A 1 101 ? 12.224  11.190  11.510  1.00 16.21 ? 101 GLN A CA  1 
ATOM   785  C  C   . GLN A 1 101 ? 11.524  10.597  10.281  1.00 15.82 ? 101 GLN A C   1 
ATOM   786  O  O   . GLN A 1 101 ? 10.710  9.666   10.396  1.00 14.17 ? 101 GLN A O   1 
ATOM   787  C  CB  . GLN A 1 101 ? 13.389  10.284  11.908  1.00 16.32 ? 101 GLN A CB  1 
ATOM   788  C  CG  . GLN A 1 101 ? 14.503  10.302  10.844  1.00 19.07 ? 101 GLN A CG  1 
ATOM   789  C  CD  . GLN A 1 101 ? 15.712  9.526   11.245  1.00 21.77 ? 101 GLN A CD  1 
ATOM   790  O  OE1 . GLN A 1 101 ? 15.610  8.513   11.926  1.00 23.89 ? 101 GLN A OE1 1 
ATOM   791  N  NE2 . GLN A 1 101 ? 16.878  9.987   10.812  1.00 23.15 ? 101 GLN A NE2 1 
ATOM   792  N  N   . GLU A 1 102 ? 11.849  11.170  9.121   1.00 15.79 ? 102 GLU A N   1 
ATOM   793  C  CA  . GLU A 1 102 ? 11.249  10.762  7.857   1.00 17.02 ? 102 GLU A CA  1 
ATOM   794  C  C   . GLU A 1 102 ? 12.145  9.791   7.099   1.00 17.19 ? 102 GLU A C   1 
ATOM   795  O  O   . GLU A 1 102 ? 13.322  9.615   7.433   1.00 17.08 ? 102 GLU A O   1 
ATOM   796  C  CB  . GLU A 1 102 ? 10.932  11.975  6.981   1.00 16.99 ? 102 GLU A CB  1 
ATOM   797  C  CG  . GLU A 1 102 ? 9.865   12.890  7.568   1.00 18.83 ? 102 GLU A CG  1 
ATOM   798  C  CD  . GLU A 1 102 ? 9.528   14.048  6.650   1.00 22.92 ? 102 GLU A CD  1 
ATOM   799  O  OE1 . GLU A 1 102 ? 10.459  14.731  6.187   1.00 24.67 ? 102 GLU A OE1 1 
ATOM   800  O  OE2 . GLU A 1 102 ? 8.327   14.272  6.384   1.00 24.89 ? 102 GLU A OE2 1 
ATOM   801  N  N   . ALA A 1 103 ? 11.561  9.151   6.088   1.00 17.18 ? 103 ALA A N   1 
ATOM   802  C  CA  . ALA A 1 103 ? 12.263  8.207   5.242   1.00 17.16 ? 103 ALA A CA  1 
ATOM   803  C  C   . ALA A 1 103 ? 11.680  8.311   3.836   1.00 18.01 ? 103 ALA A C   1 
ATOM   804  O  O   . ALA A 1 103 ? 10.530  8.749   3.654   1.00 17.28 ? 103 ALA A O   1 
ATOM   805  C  CB  . ALA A 1 103 ? 12.106  6.814   5.781   1.00 17.11 ? 103 ALA A CB  1 
ATOM   806  N  N   . TYR A 1 104 ? 12.470  7.928   2.841   1.00 17.57 ? 104 TYR A N   1 
ATOM   807  C  CA  . TYR A 1 104 ? 12.019  8.003   1.452   1.00 18.82 ? 104 TYR A CA  1 
ATOM   808  C  C   . TYR A 1 104 ? 12.762  6.980   0.602   1.00 19.44 ? 104 TYR A C   1 
ATOM   809  O  O   . TYR A 1 104 ? 13.942  6.655   0.867   1.00 19.78 ? 104 TYR A O   1 
ATOM   810  C  CB  . TYR A 1 104 ? 12.227  9.419   0.872   1.00 18.37 ? 104 TYR A CB  1 
ATOM   811  C  CG  . TYR A 1 104 ? 13.688  9.805   0.815   1.00 20.09 ? 104 TYR A CG  1 
ATOM   812  C  CD1 . TYR A 1 104 ? 14.466  9.523   -0.323  1.00 19.33 ? 104 TYR A CD1 1 
ATOM   813  C  CD2 . TYR A 1 104 ? 14.307  10.415  1.912   1.00 19.56 ? 104 TYR A CD2 1 
ATOM   814  C  CE1 . TYR A 1 104 ? 15.827  9.851   -0.367  1.00 21.02 ? 104 TYR A CE1 1 
ATOM   815  C  CE2 . TYR A 1 104 ? 15.650  10.748  1.877   1.00 22.44 ? 104 TYR A CE2 1 
ATOM   816  C  CZ  . TYR A 1 104 ? 16.405  10.468  0.735   1.00 22.22 ? 104 TYR A CZ  1 
ATOM   817  O  OH  . TYR A 1 104 ? 17.733  10.797  0.721   1.00 23.29 ? 104 TYR A OH  1 
ATOM   818  N  N   . LEU A 1 105 ? 12.075  6.475   -0.415  1.00 20.24 ? 105 LEU A N   1 
ATOM   819  C  CA  . LEU A 1 105 ? 12.720  5.668   -1.440  1.00 21.60 ? 105 LEU A CA  1 
ATOM   820  C  C   . LEU A 1 105 ? 13.495  6.615   -2.369  1.00 22.58 ? 105 LEU A C   1 
ATOM   821  O  O   . LEU A 1 105 ? 12.947  7.641   -2.799  1.00 22.09 ? 105 LEU A O   1 
ATOM   822  C  CB  . LEU A 1 105 ? 11.683  4.849   -2.219  1.00 21.60 ? 105 LEU A CB  1 
ATOM   823  C  CG  . LEU A 1 105 ? 10.821  3.873   -1.406  1.00 22.50 ? 105 LEU A CG  1 
ATOM   824  C  CD1 . LEU A 1 105 ? 9.955   3.053   -2.339  1.00 22.27 ? 105 LEU A CD1 1 
ATOM   825  C  CD2 . LEU A 1 105 ? 11.691  2.955   -0.537  1.00 22.81 ? 105 LEU A CD2 1 
ATOM   826  N  N   . PRO A 1 106 ? 14.768  6.276   -2.680  1.00 23.80 ? 106 PRO A N   1 
ATOM   827  C  CA  . PRO A 1 106 ? 15.650  7.188   -3.427  1.00 24.32 ? 106 PRO A CA  1 
ATOM   828  C  C   . PRO A 1 106 ? 15.141  7.511   -4.841  1.00 24.87 ? 106 PRO A C   1 
ATOM   829  O  O   . PRO A 1 106 ? 15.385  8.605   -5.335  1.00 24.50 ? 106 PRO A O   1 
ATOM   830  C  CB  . PRO A 1 106 ? 16.987  6.434   -3.483  1.00 24.44 ? 106 PRO A CB  1 
ATOM   831  C  CG  . PRO A 1 106 ? 16.622  4.983   -3.380  1.00 25.19 ? 106 PRO A CG  1 
ATOM   832  C  CD  . PRO A 1 106 ? 15.367  4.937   -2.515  1.00 24.28 ? 106 PRO A CD  1 
ATOM   833  N  N   . THR A 1 107 ? 14.418  6.590   -5.475  1.00 25.17 ? 107 THR A N   1 
ATOM   834  C  CA  . THR A 1 107 ? 13.884  6.877   -6.808  1.00 26.22 ? 107 THR A CA  1 
ATOM   835  C  C   . THR A 1 107 ? 12.399  7.244   -6.812  1.00 25.40 ? 107 THR A C   1 
ATOM   836  O  O   . THR A 1 107 ? 11.771  7.302   -7.872  1.00 26.08 ? 107 THR A O   1 
ATOM   837  C  CB  . THR A 1 107 ? 14.131  5.729   -7.798  1.00 26.62 ? 107 THR A CB  1 
ATOM   838  O  OG1 . THR A 1 107 ? 13.344  4.603   -7.409  1.00 30.32 ? 107 THR A OG1 1 
ATOM   839  C  CG2 . THR A 1 107 ? 15.607  5.333   -7.818  1.00 27.87 ? 107 THR A CG2 1 
ATOM   840  N  N   . GLY A 1 108 ? 11.846  7.528   -5.637  1.00 23.64 ? 108 GLY A N   1 
ATOM   841  C  CA  . GLY A 1 108 ? 10.446  7.895   -5.536  1.00 21.89 ? 108 GLY A CA  1 
ATOM   842  C  C   . GLY A 1 108 ? 9.536   6.683   -5.463  1.00 21.06 ? 108 GLY A C   1 
ATOM   843  O  O   . GLY A 1 108 ? 9.976   5.581   -5.135  1.00 20.75 ? 108 GLY A O   1 
ATOM   844  N  N   . GLU A 1 109 ? 8.261   6.888   -5.773  1.00 20.39 ? 109 GLU A N   1 
ATOM   845  C  CA  . GLU A 1 109 ? 7.278   5.808   -5.723  1.00 20.49 ? 109 GLU A CA  1 
ATOM   846  C  C   . GLU A 1 109 ? 6.508   5.667   -7.037  1.00 20.62 ? 109 GLU A C   1 
ATOM   847  O  O   . GLU A 1 109 ? 6.647   6.486   -7.953  1.00 21.15 ? 109 GLU A O   1 
ATOM   848  C  CB  . GLU A 1 109 ? 6.302   6.031   -4.558  1.00 20.24 ? 109 GLU A CB  1 
ATOM   849  C  CG  . GLU A 1 109 ? 6.977   6.093   -3.185  1.00 18.81 ? 109 GLU A CG  1 
ATOM   850  C  CD  . GLU A 1 109 ? 5.984   6.163   -2.031  1.00 17.30 ? 109 GLU A CD  1 
ATOM   851  O  OE1 . GLU A 1 109 ? 4.765   6.059   -2.267  1.00 16.27 ? 109 GLU A OE1 1 
ATOM   852  O  OE2 . GLU A 1 109 ? 6.436   6.348   -0.887  1.00 15.18 ? 109 GLU A OE2 1 
ATOM   853  N  N   . GLY A 1 110 ? 5.715   4.606   -7.118  1.00 20.72 ? 110 GLY A N   1 
ATOM   854  C  CA  . GLY A 1 110 ? 4.822   4.350   -8.238  1.00 20.66 ? 110 GLY A CA  1 
ATOM   855  C  C   . GLY A 1 110 ? 3.537   3.811   -7.652  1.00 20.89 ? 110 GLY A C   1 
ATOM   856  O  O   . GLY A 1 110 ? 3.410   3.713   -6.424  1.00 20.87 ? 110 GLY A O   1 
HETATM 857  N  N   . CSD A 1 111 ? 2.591   3.443   -8.515  1.00 20.40 ? 111 CSD A N   1 
HETATM 858  C  CA  . CSD A 1 111 ? 1.278   2.981   -8.082  1.00 21.10 ? 111 CSD A CA  1 
HETATM 859  C  CB  . CSD A 1 111 ? 0.406   4.206   -7.787  1.00 21.11 ? 111 CSD A CB  1 
HETATM 860  S  SG  . CSD A 1 111 ? -1.015  3.910   -6.865  1.00 19.77 ? 111 CSD A SG  1 
HETATM 861  C  C   . CSD A 1 111 ? 0.612   2.159   -9.147  1.00 21.64 ? 111 CSD A C   1 
HETATM 862  O  O   . CSD A 1 111 ? 0.653   2.508   -10.336 1.00 20.89 ? 111 CSD A O   1 
HETATM 863  O  OD1 . CSD A 1 111 ? -1.524  5.294   -6.755  1.00 27.09 ? 111 CSD A OD1 1 
HETATM 864  O  OD2 . CSD A 1 111 ? -2.214  2.983   -7.530  1.00 27.74 ? 111 CSD A OD2 1 
ATOM   865  N  N   . LEU A 1 112 ? -0.024  1.069   -8.727  1.00 22.27 ? 112 LEU A N   1 
ATOM   866  C  CA  . LEU A 1 112 ? -0.774  0.203   -9.638  1.00 23.74 ? 112 LEU A CA  1 
ATOM   867  C  C   . LEU A 1 112 ? -1.821  0.985   -10.444 1.00 24.51 ? 112 LEU A C   1 
ATOM   868  O  O   . LEU A 1 112 ? -2.145  0.611   -11.568 1.00 24.48 ? 112 LEU A O   1 
ATOM   869  C  CB  . LEU A 1 112 ? -1.457  -0.932  -8.863  1.00 23.69 ? 112 LEU A CB  1 
ATOM   870  C  CG  . LEU A 1 112 ? -0.558  -2.039  -8.299  1.00 24.60 ? 112 LEU A CG  1 
ATOM   871  C  CD1 . LEU A 1 112 ? -1.301  -2.833  -7.235  1.00 24.67 ? 112 LEU A CD1 1 
ATOM   872  C  CD2 . LEU A 1 112 ? -0.061  -2.948  -9.412  1.00 26.20 ? 112 LEU A CD2 1 
ATOM   873  N  N   . SER A 1 113 ? -2.338  2.063   -9.853  1.00 24.95 ? 113 SER A N   1 
ATOM   874  C  CA  . SER A 1 113 ? -3.391  2.874   -10.470 1.00 26.13 ? 113 SER A CA  1 
ATOM   875  C  C   . SER A 1 113 ? -2.871  3.999   -11.365 1.00 26.65 ? 113 SER A C   1 
ATOM   876  O  O   . SER A 1 113 ? -3.655  4.650   -12.056 1.00 26.87 ? 113 SER A O   1 
ATOM   877  C  CB  . SER A 1 113 ? -4.311  3.462   -9.394  1.00 26.22 ? 113 SER A CB  1 
ATOM   878  O  OG  . SER A 1 113 ? -4.958  2.427   -8.665  1.00 26.86 ? 113 SER A OG  1 
ATOM   879  N  N   . VAL A 1 114 ? -1.555  4.209   -11.370 1.00 27.16 ? 114 VAL A N   1 
ATOM   880  C  CA  . VAL A 1 114 ? -0.957  5.302   -12.128 1.00 27.60 ? 114 VAL A CA  1 
ATOM   881  C  C   . VAL A 1 114 ? -0.096  4.727   -13.246 1.00 28.28 ? 114 VAL A C   1 
ATOM   882  O  O   . VAL A 1 114 ? 0.893   4.042   -12.993 1.00 27.95 ? 114 VAL A O   1 
ATOM   883  C  CB  . VAL A 1 114 ? -0.114  6.245   -11.222 1.00 27.30 ? 114 VAL A CB  1 
ATOM   884  C  CG1 . VAL A 1 114 ? 0.466   7.394   -12.036 1.00 27.46 ? 114 VAL A CG1 1 
ATOM   885  C  CG2 . VAL A 1 114 ? -0.960  6.794   -10.073 1.00 27.34 ? 114 VAL A CG2 1 
ATOM   886  N  N   . ASP A 1 115 ? -0.489  5.019   -14.482 1.00 29.27 ? 115 ASP A N   1 
ATOM   887  C  CA  . ASP A 1 115 ? 0.186   4.485   -15.657 1.00 30.43 ? 115 ASP A CA  1 
ATOM   888  C  C   . ASP A 1 115 ? 1.595   5.028   -15.834 1.00 30.12 ? 115 ASP A C   1 
ATOM   889  O  O   . ASP A 1 115 ? 2.532   4.257   -16.028 1.00 30.34 ? 115 ASP A O   1 
ATOM   890  C  CB  . ASP A 1 115 ? -0.640  4.755   -16.923 1.00 31.44 ? 115 ASP A CB  1 
ATOM   891  C  CG  . ASP A 1 115 ? -1.801  3.792   -17.080 1.00 33.53 ? 115 ASP A CG  1 
ATOM   892  O  OD1 . ASP A 1 115 ? -1.961  2.887   -16.232 1.00 37.61 ? 115 ASP A OD1 1 
ATOM   893  O  OD2 . ASP A 1 115 ? -2.563  3.930   -18.057 1.00 37.10 ? 115 ASP A OD2 1 
ATOM   894  N  N   . ASP A 1 116 ? 1.739   6.347   -15.752 1.00 30.01 ? 116 ASP A N   1 
ATOM   895  C  CA  . ASP A 1 116 ? 3.014   6.996   -16.039 1.00 30.01 ? 116 ASP A CA  1 
ATOM   896  C  C   . ASP A 1 116 ? 3.764   7.349   -14.764 1.00 29.95 ? 116 ASP A C   1 
ATOM   897  O  O   . ASP A 1 116 ? 3.168   7.846   -13.811 1.00 30.11 ? 116 ASP A O   1 
ATOM   898  C  CB  . ASP A 1 116 ? 2.797   8.256   -16.882 1.00 30.14 ? 116 ASP A CB  1 
ATOM   899  C  CG  . ASP A 1 116 ? 1.955   7.993   -18.133 1.00 31.53 ? 116 ASP A CG  1 
ATOM   900  O  OD1 . ASP A 1 116 ? 2.091   6.918   -18.746 1.00 32.75 ? 116 ASP A OD1 1 
ATOM   901  O  OD2 . ASP A 1 116 ? 1.148   8.867   -18.510 1.00 36.25 ? 116 ASP A OD2 1 
ATOM   902  N  N   . ASN A 1 117 ? 5.072   7.087   -14.762 1.00 29.31 ? 117 ASN A N   1 
ATOM   903  C  CA  . ASN A 1 117 ? 5.956   7.487   -13.672 1.00 29.04 ? 117 ASN A CA  1 
ATOM   904  C  C   . ASN A 1 117 ? 5.907   8.975   -13.356 1.00 28.86 ? 117 ASN A C   1 
ATOM   905  O  O   . ASN A 1 117 ? 5.754   9.810   -14.258 1.00 29.22 ? 117 ASN A O   1 
ATOM   906  C  CB  . ASN A 1 117 ? 7.393   7.059   -13.965 1.00 29.17 ? 117 ASN A CB  1 
ATOM   907  C  CG  . ASN A 1 117 ? 7.659   5.607   -13.582 1.00 29.33 ? 117 ASN A CG  1 
ATOM   908  O  OD1 . ASN A 1 117 ? 8.288   4.866   -14.335 1.00 30.08 ? 117 ASN A OD1 1 
ATOM   909  N  ND2 . ASN A 1 117 ? 7.182   5.201   -12.404 1.00 26.68 ? 117 ASN A ND2 1 
ATOM   910  N  N   . VAL A 1 118 ? 5.991   9.293   -12.064 1.00 28.11 ? 118 VAL A N   1 
ATOM   911  C  CA  . VAL A 1 118 ? 6.042   10.675  -11.600 1.00 27.28 ? 118 VAL A CA  1 
ATOM   912  C  C   . VAL A 1 118 ? 7.288   10.805  -10.732 1.00 26.64 ? 118 VAL A C   1 
ATOM   913  O  O   . VAL A 1 118 ? 7.401   10.155  -9.673  1.00 26.68 ? 118 VAL A O   1 
ATOM   914  C  CB  . VAL A 1 118 ? 4.769   11.094  -10.792 1.00 27.09 ? 118 VAL A CB  1 
ATOM   915  C  CG1 . VAL A 1 118 ? 4.849   12.560  -10.379 1.00 27.20 ? 118 VAL A CG1 1 
ATOM   916  C  CG2 . VAL A 1 118 ? 3.499   10.864  -11.605 1.00 28.14 ? 118 VAL A CG2 1 
ATOM   917  N  N   . ALA A 1 119 ? 8.224   11.633  -11.189 1.00 25.46 ? 119 ALA A N   1 
ATOM   918  C  CA  . ALA A 1 119 ? 9.511   11.799  -10.519 1.00 24.62 ? 119 ALA A CA  1 
ATOM   919  C  C   . ALA A 1 119 ? 9.362   12.616  -9.244  1.00 23.54 ? 119 ALA A C   1 
ATOM   920  O  O   . ALA A 1 119 ? 8.637   13.600  -9.226  1.00 23.85 ? 119 ALA A O   1 
ATOM   921  C  CB  . ALA A 1 119 ? 10.521  12.466  -11.459 1.00 24.99 ? 119 ALA A CB  1 
ATOM   922  N  N   . GLY A 1 120 ? 10.068  12.218  -8.192  1.00 22.32 ? 120 GLY A N   1 
ATOM   923  C  CA  . GLY A 1 120 ? 10.090  13.008  -6.964  1.00 21.55 ? 120 GLY A CA  1 
ATOM   924  C  C   . GLY A 1 120 ? 10.030  12.185  -5.688  1.00 20.56 ? 120 GLY A C   1 
ATOM   925  O  O   . GLY A 1 120 ? 9.417   11.121  -5.644  1.00 19.84 ? 120 GLY A O   1 
ATOM   926  N  N   . LEU A 1 121 ? 10.698  12.689  -4.658  1.00 19.85 ? 121 LEU A N   1 
ATOM   927  C  CA  . LEU A 1 121 ? 10.759  12.016  -3.363  1.00 19.28 ? 121 LEU A CA  1 
ATOM   928  C  C   . LEU A 1 121 ? 9.421   12.093  -2.616  1.00 18.52 ? 121 LEU A C   1 
ATOM   929  O  O   . LEU A 1 121 ? 8.716   13.113  -2.653  1.00 17.86 ? 121 LEU A O   1 
ATOM   930  C  CB  . LEU A 1 121 ? 11.904  12.591  -2.525  1.00 19.51 ? 121 LEU A CB  1 
ATOM   931  C  CG  . LEU A 1 121 ? 13.309  12.533  -3.157  1.00 19.95 ? 121 LEU A CG  1 
ATOM   932  C  CD1 . LEU A 1 121 ? 14.358  13.034  -2.157  1.00 20.86 ? 121 LEU A CD1 1 
ATOM   933  C  CD2 . LEU A 1 121 ? 13.674  11.121  -3.655  1.00 20.66 ? 121 LEU A CD2 1 
ATOM   934  N  N   . VAL A 1 122 ? 9.064   10.983  -1.976  1.00 18.22 ? 122 VAL A N   1 
ATOM   935  C  CA  . VAL A 1 122 ? 7.869   10.917  -1.128  1.00 17.36 ? 122 VAL A CA  1 
ATOM   936  C  C   . VAL A 1 122 ? 8.321   10.653  0.315   1.00 17.25 ? 122 VAL A C   1 
ATOM   937  O  O   . VAL A 1 122 ? 8.666   9.534   0.683   1.00 16.29 ? 122 VAL A O   1 
ATOM   938  C  CB  . VAL A 1 122 ? 6.874   9.838   -1.629  1.00 17.71 ? 122 VAL A CB  1 
ATOM   939  C  CG1 . VAL A 1 122 ? 5.629   9.792   -0.755  1.00 16.67 ? 122 VAL A CG1 1 
ATOM   940  C  CG2 . VAL A 1 122 ? 6.482   10.094  -3.095  1.00 16.66 ? 122 VAL A CG2 1 
ATOM   941  N  N   . HIS A 1 123 ? 8.357   11.709  1.114   1.00 17.00 ? 123 HIS A N   1 
ATOM   942  C  CA  . HIS A 1 123 ? 8.786   11.594  2.502   1.00 17.90 ? 123 HIS A CA  1 
ATOM   943  C  C   . HIS A 1 123 ? 7.646   11.029  3.340   1.00 17.26 ? 123 HIS A C   1 
ATOM   944  O  O   . HIS A 1 123 ? 6.522   11.499  3.259   1.00 17.43 ? 123 HIS A O   1 
ATOM   945  C  CB  . HIS A 1 123 ? 9.231   12.958  3.045   1.00 18.50 ? 123 HIS A CB  1 
ATOM   946  C  CG  . HIS A 1 123 ? 10.477  13.479  2.396   1.00 20.97 ? 123 HIS A CG  1 
ATOM   947  N  ND1 . HIS A 1 123 ? 10.453  14.392  1.365   1.00 22.67 ? 123 HIS A ND1 1 
ATOM   948  C  CD2 . HIS A 1 123 ? 11.782  13.209  2.628   1.00 23.21 ? 123 HIS A CD2 1 
ATOM   949  C  CE1 . HIS A 1 123 ? 11.690  14.665  0.993   1.00 23.75 ? 123 HIS A CE1 1 
ATOM   950  N  NE2 . HIS A 1 123 ? 12.516  13.962  1.745   1.00 24.60 ? 123 HIS A NE2 1 
ATOM   951  N  N   . ARG A 1 124 ? 7.944   9.990   4.095   1.00 16.68 ? 124 ARG A N   1 
ATOM   952  C  CA  . ARG A 1 124 ? 6.967   9.315   4.952   1.00 17.13 ? 124 ARG A CA  1 
ATOM   953  C  C   . ARG A 1 124 ? 7.650   9.185   6.296   1.00 17.04 ? 124 ARG A C   1 
ATOM   954  O  O   . ARG A 1 124 ? 8.830   9.541   6.401   1.00 17.28 ? 124 ARG A O   1 
ATOM   955  C  CB  . ARG A 1 124 ? 6.661   7.924   4.386   1.00 17.24 ? 124 ARG A CB  1 
ATOM   956  C  CG  . ARG A 1 124 ? 6.208   7.964   2.922   1.00 18.37 ? 124 ARG A CG  1 
ATOM   957  C  CD  . ARG A 1 124 ? 5.364   6.785   2.583   1.00 17.98 ? 124 ARG A CD  1 
ATOM   958  N  NE  . ARG A 1 124 ? 4.777   6.847   1.239   1.00 17.32 ? 124 ARG A NE  1 
ATOM   959  C  CZ  . ARG A 1 124 ? 3.560   7.309   0.959   1.00 16.93 ? 124 ARG A CZ  1 
ATOM   960  N  NH1 . ARG A 1 124 ? 3.118   7.279   -0.298  1.00 16.20 ? 124 ARG A NH1 1 
ATOM   961  N  NH2 . ARG A 1 124 ? 2.783   7.805   1.924   1.00 15.17 ? 124 ARG A NH2 1 
ATOM   962  N  N   . HIS A 1 125 ? 6.952   8.672   7.313   1.00 15.96 ? 125 HIS A N   1 
ATOM   963  C  CA  . HIS A 1 125 ? 7.601   8.435   8.614   1.00 15.45 ? 125 HIS A CA  1 
ATOM   964  C  C   . HIS A 1 125 ? 8.470   7.187   8.510   1.00 14.77 ? 125 HIS A C   1 
ATOM   965  O  O   . HIS A 1 125 ? 8.064   6.192   7.889   1.00 14.53 ? 125 HIS A O   1 
ATOM   966  C  CB  . HIS A 1 125 ? 6.575   8.295   9.751   1.00 14.58 ? 125 HIS A CB  1 
ATOM   967  C  CG  . HIS A 1 125 ? 5.483   9.319   9.708   1.00 15.82 ? 125 HIS A CG  1 
ATOM   968  N  ND1 . HIS A 1 125 ? 5.723   10.668  9.862   1.00 16.27 ? 125 HIS A ND1 1 
ATOM   969  C  CD2 . HIS A 1 125 ? 4.144   9.190   9.540   1.00 16.56 ? 125 HIS A CD2 1 
ATOM   970  C  CE1 . HIS A 1 125 ? 4.582   11.329  9.771   1.00 17.83 ? 125 HIS A CE1 1 
ATOM   971  N  NE2 . HIS A 1 125 ? 3.610   10.456  9.567   1.00 17.94 ? 125 HIS A NE2 1 
ATOM   972  N  N   . ASN A 1 126 ? 9.662   7.248   9.100   1.00 13.88 ? 126 ASN A N   1 
ATOM   973  C  CA  . ASN A 1 126 ? 10.569  6.107   9.100   1.00 13.86 ? 126 ASN A CA  1 
ATOM   974  C  C   . ASN A 1 126 ? 10.024  4.965   9.932   1.00 13.91 ? 126 ASN A C   1 
ATOM   975  O  O   . ASN A 1 126 ? 10.195  3.804   9.584   1.00 12.96 ? 126 ASN A O   1 
ATOM   976  C  CB  . ASN A 1 126 ? 11.979  6.481   9.584   1.00 14.06 ? 126 ASN A CB  1 
ATOM   977  C  CG  . ASN A 1 126 ? 13.001  5.355   9.337   1.00 15.64 ? 126 ASN A CG  1 
ATOM   978  O  OD1 . ASN A 1 126 ? 12.977  4.702   8.290   1.00 16.35 ? 126 ASN A OD1 1 
ATOM   979  N  ND2 . ASN A 1 126 ? 13.860  5.092   10.326  1.00 16.58 ? 126 ASN A ND2 1 
ATOM   980  N  N   . ARG A 1 127 ? 9.366   5.302   11.038  1.00 14.19 ? 127 ARG A N   1 
ATOM   981  C  CA  . ARG A 1 127 ? 8.834   4.286   11.948  1.00 14.90 ? 127 ARG A CA  1 
ATOM   982  C  C   . ARG A 1 127 ? 7.370   4.580   12.206  1.00 14.13 ? 127 ARG A C   1 
ATOM   983  O  O   . ARG A 1 127 ? 6.996   5.735   12.366  1.00 14.12 ? 127 ARG A O   1 
ATOM   984  C  CB  . ARG A 1 127 ? 9.611   4.291   13.273  1.00 15.41 ? 127 ARG A CB  1 
ATOM   985  C  CG  . ARG A 1 127 ? 10.992  3.623   13.178  1.00 20.05 ? 127 ARG A CG  1 
ATOM   986  C  CD  . ARG A 1 127 ? 11.700  3.637   14.531  1.00 25.53 ? 127 ARG A CD  1 
ATOM   987  N  NE  . ARG A 1 127 ? 12.696  2.570   14.655  1.00 32.93 ? 127 ARG A NE  1 
ATOM   988  C  CZ  . ARG A 1 127 ? 14.009  2.717   14.458  1.00 35.60 ? 127 ARG A CZ  1 
ATOM   989  N  NH1 . ARG A 1 127 ? 14.524  3.893   14.096  1.00 37.66 ? 127 ARG A NH1 1 
ATOM   990  N  NH2 . ARG A 1 127 ? 14.814  1.674   14.608  1.00 37.31 ? 127 ARG A NH2 1 
ATOM   991  N  N   . ILE A 1 128 ? 6.543   3.537   12.193  1.00 13.88 ? 128 ILE A N   1 
ATOM   992  C  CA  . ILE A 1 128 ? 5.117   3.670   12.489  1.00 13.10 ? 128 ILE A CA  1 
ATOM   993  C  C   . ILE A 1 128 ? 4.681   2.497   13.344  1.00 12.55 ? 128 ILE A C   1 
ATOM   994  O  O   . ILE A 1 128 ? 5.300   1.441   13.318  1.00 13.36 ? 128 ILE A O   1 
ATOM   995  C  CB  . ILE A 1 128 ? 4.231   3.738   11.191  1.00 13.19 ? 128 ILE A CB  1 
ATOM   996  C  CG1 . ILE A 1 128 ? 4.355   2.446   10.340  1.00 12.37 ? 128 ILE A CG1 1 
ATOM   997  C  CG2 . ILE A 1 128 ? 4.582   4.962   10.344  1.00 12.53 ? 128 ILE A CG2 1 
ATOM   998  C  CD1 . ILE A 1 128 ? 3.399   2.423   9.113   1.00 10.34 ? 128 ILE A CD1 1 
ATOM   999  N  N   . THR A 1 129 ? 3.637   2.713   14.135  1.00 12.91 ? 129 THR A N   1 
ATOM   1000 C  CA  . THR A 1 129 ? 2.918   1.645   14.803  1.00 12.60 ? 129 THR A CA  1 
ATOM   1001 C  C   . THR A 1 129 ? 1.483   1.670   14.258  1.00 12.43 ? 129 THR A C   1 
ATOM   1002 O  O   . THR A 1 129 ? 0.818   2.718   14.235  1.00 11.50 ? 129 THR A O   1 
ATOM   1003 C  CB  . THR A 1 129 ? 2.960   1.796   16.345  1.00 13.13 ? 129 THR A CB  1 
ATOM   1004 O  OG1 . THR A 1 129 ? 4.328   1.780   16.780  1.00 12.67 ? 129 THR A OG1 1 
ATOM   1005 C  CG2 . THR A 1 129 ? 2.217   0.634   17.037  1.00 13.20 ? 129 THR A CG2 1 
ATOM   1006 N  N   . ILE A 1 130 ? 1.033   0.514   13.773  1.00 12.61 ? 130 ILE A N   1 
ATOM   1007 C  CA  . ILE A 1 130 ? -0.316  0.372   13.237  1.00 13.43 ? 130 ILE A CA  1 
ATOM   1008 C  C   . ILE A 1 130 ? -1.155  -0.524  14.134  1.00 13.64 ? 130 ILE A C   1 
ATOM   1009 O  O   . ILE A 1 130 ? -0.690  -1.575  14.550  1.00 13.72 ? 130 ILE A O   1 
ATOM   1010 C  CB  . ILE A 1 130 ? -0.300  -0.230  11.816  1.00 13.53 ? 130 ILE A CB  1 
ATOM   1011 C  CG1 . ILE A 1 130 ? 0.275   0.786   10.818  1.00 13.89 ? 130 ILE A CG1 1 
ATOM   1012 C  CG2 . ILE A 1 130 ? -1.730  -0.704  11.386  1.00 13.65 ? 130 ILE A CG2 1 
ATOM   1013 C  CD1 . ILE A 1 130 ? 0.558   0.209   9.440   1.00 15.04 ? 130 ILE A CD1 1 
ATOM   1014 N  N   . LYS A 1 131 ? -2.392  -0.106  14.410  1.00 13.84 ? 131 LYS A N   1 
ATOM   1015 C  CA  . LYS A 1 131 ? -3.400  -1.028  14.942  1.00 14.25 ? 131 LYS A CA  1 
ATOM   1016 C  C   . LYS A 1 131 ? -4.434  -1.329  13.869  1.00 13.86 ? 131 LYS A C   1 
ATOM   1017 O  O   . LYS A 1 131 ? -4.818  -0.449  13.097  1.00 14.00 ? 131 LYS A O   1 
ATOM   1018 C  CB  . LYS A 1 131 ? -4.079  -0.443  16.175  1.00 15.42 ? 131 LYS A CB  1 
ATOM   1019 C  CG  . LYS A 1 131 ? -3.167  -0.350  17.387  1.00 17.67 ? 131 LYS A CG  1 
ATOM   1020 C  CD  . LYS A 1 131 ? -3.999  -0.102  18.639  1.00 24.02 ? 131 LYS A CD  1 
ATOM   1021 C  CE  . LYS A 1 131 ? -3.137  0.448   19.746  1.00 25.94 ? 131 LYS A CE  1 
ATOM   1022 N  NZ  . LYS A 1 131 ? -4.000  0.874   20.878  1.00 31.99 ? 131 LYS A NZ  1 
ATOM   1023 N  N   . ALA A 1 132 ? -4.893  -2.575  13.825  1.00 13.66 ? 132 ALA A N   1 
ATOM   1024 C  CA  . ALA A 1 132 ? -5.858  -2.999  12.818  1.00 13.21 ? 132 ALA A CA  1 
ATOM   1025 C  C   . ALA A 1 132 ? -6.532  -4.282  13.300  1.00 13.72 ? 132 ALA A C   1 
ATOM   1026 O  O   . ALA A 1 132 ? -6.161  -4.835  14.335  1.00 13.15 ? 132 ALA A O   1 
ATOM   1027 C  CB  . ALA A 1 132 ? -5.142  -3.247  11.471  1.00 12.71 ? 132 ALA A CB  1 
ATOM   1028 N  N   . LYS A 1 133 ? -7.522  -4.744  12.546  1.00 13.34 ? 133 LYS A N   1 
ATOM   1029 C  CA  . LYS A 1 133 ? -8.054  -6.092  12.719  1.00 14.51 ? 133 LYS A CA  1 
ATOM   1030 C  C   . LYS A 1 133 ? -7.569  -6.964  11.579  1.00 14.18 ? 133 LYS A C   1 
ATOM   1031 O  O   . LYS A 1 133 ? -7.291  -6.460  10.498  1.00 15.08 ? 133 LYS A O   1 
ATOM   1032 C  CB  . LYS A 1 133 ? -9.581  -6.080  12.689  1.00 13.79 ? 133 LYS A CB  1 
ATOM   1033 C  CG  . LYS A 1 133 ? -10.228 -5.095  13.635  1.00 17.60 ? 133 LYS A CG  1 
ATOM   1034 C  CD  . LYS A 1 133 ? -10.105 -5.536  15.065  1.00 19.41 ? 133 LYS A CD  1 
ATOM   1035 C  CE  . LYS A 1 133 ? -11.138 -4.814  15.921  1.00 22.79 ? 133 LYS A CE  1 
ATOM   1036 N  NZ  . LYS A 1 133 ? -10.483 -4.429  17.171  1.00 25.43 ? 133 LYS A NZ  1 
ATOM   1037 N  N   . ASP A 1 134 ? -7.473  -8.266  11.812  1.00 14.65 ? 134 ASP A N   1 
ATOM   1038 C  CA  . ASP A 1 134 ? -7.254  -9.194  10.714  1.00 14.84 ? 134 ASP A CA  1 
ATOM   1039 C  C   . ASP A 1 134 ? -8.599  -9.616  10.087  1.00 15.36 ? 134 ASP A C   1 
ATOM   1040 O  O   . ASP A 1 134 ? -9.676  -9.116  10.480  1.00 15.20 ? 134 ASP A O   1 
ATOM   1041 C  CB  . ASP A 1 134 ? -6.339  -10.379 11.096  1.00 14.93 ? 134 ASP A CB  1 
ATOM   1042 C  CG  . ASP A 1 134 ? -6.980  -11.385 12.068  1.00 15.76 ? 134 ASP A CG  1 
ATOM   1043 O  OD1 . ASP A 1 134 ? -6.200  -12.139 12.688  1.00 16.27 ? 134 ASP A OD1 1 
ATOM   1044 O  OD2 . ASP A 1 134 ? -8.219  -11.454 12.225  1.00 11.85 ? 134 ASP A OD2 1 
ATOM   1045 N  N   . ILE A 1 135 ? -8.533  -10.519 9.115   1.00 15.04 ? 135 ILE A N   1 
ATOM   1046 C  CA  . ILE A 1 135 ? -9.711  -10.904 8.337   1.00 15.62 ? 135 ILE A CA  1 
ATOM   1047 C  C   . ILE A 1 135 ? -10.795 -11.554 9.212   1.00 15.91 ? 135 ILE A C   1 
ATOM   1048 O  O   . ILE A 1 135 ? -11.992 -11.480 8.902   1.00 16.69 ? 135 ILE A O   1 
ATOM   1049 C  CB  . ILE A 1 135 ? -9.311  -11.842 7.158   1.00 15.58 ? 135 ILE A CB  1 
ATOM   1050 C  CG1 . ILE A 1 135 ? -10.451 -11.929 6.131   1.00 15.60 ? 135 ILE A CG1 1 
ATOM   1051 C  CG2 . ILE A 1 135 ? -8.836  -13.212 7.684   1.00 13.79 ? 135 ILE A CG2 1 
ATOM   1052 C  CD1 . ILE A 1 135 ? -10.016 -12.513 4.787   1.00 16.71 ? 135 ILE A CD1 1 
ATOM   1053 N  N   . GLU A 1 136 ? -10.369 -12.168 10.309  1.00 15.91 ? 136 GLU A N   1 
ATOM   1054 C  CA  . GLU A 1 136 ? -11.290 -12.796 11.234  1.00 16.09 ? 136 GLU A CA  1 
ATOM   1055 C  C   . GLU A 1 136 ? -11.703 -11.882 12.370  1.00 15.91 ? 136 GLU A C   1 
ATOM   1056 O  O   . GLU A 1 136 ? -12.387 -12.315 13.299  1.00 15.86 ? 136 GLU A O   1 
ATOM   1057 C  CB  . GLU A 1 136 ? -10.719 -14.109 11.771  1.00 16.74 ? 136 GLU A CB  1 
ATOM   1058 C  CG  . GLU A 1 136 ? -10.765 -15.251 10.724  1.00 17.95 ? 136 GLU A CG  1 
ATOM   1059 C  CD  . GLU A 1 136 ? -12.174 -15.560 10.251  1.00 17.50 ? 136 GLU A CD  1 
ATOM   1060 O  OE1 . GLU A 1 136 ? -13.101 -15.591 11.087  1.00 17.32 ? 136 GLU A OE1 1 
ATOM   1061 O  OE2 . GLU A 1 136 ? -12.350 -15.781 9.038   1.00 18.17 ? 136 GLU A OE2 1 
ATOM   1062 N  N   . GLY A 1 137 ? -11.299 -10.618 12.300  1.00 15.12 ? 137 GLY A N   1 
ATOM   1063 C  CA  . GLY A 1 137 ? -11.674 -9.654  13.340  1.00 15.48 ? 137 GLY A CA  1 
ATOM   1064 C  C   . GLY A 1 137 ? -10.795 -9.665  14.582  1.00 15.33 ? 137 GLY A C   1 
ATOM   1065 O  O   . GLY A 1 137 ? -11.115 -9.020  15.587  1.00 14.91 ? 137 GLY A O   1 
ATOM   1066 N  N   . ASN A 1 138 ? -9.684  -10.398 14.524  1.00 15.16 ? 138 ASN A N   1 
ATOM   1067 C  CA  . ASN A 1 138 ? -8.743  -10.414 15.641  1.00 15.16 ? 138 ASN A CA  1 
ATOM   1068 C  C   . ASN A 1 138 ? -7.808  -9.204  15.579  1.00 15.86 ? 138 ASN A C   1 
ATOM   1069 O  O   . ASN A 1 138 ? -7.700  -8.564  14.533  1.00 16.66 ? 138 ASN A O   1 
ATOM   1070 C  CB  . ASN A 1 138 ? -8.017  -11.760 15.702  1.00 14.10 ? 138 ASN A CB  1 
ATOM   1071 C  CG  . ASN A 1 138 ? -8.977  -12.899 16.021  1.00 14.45 ? 138 ASN A CG  1 
ATOM   1072 O  OD1 . ASN A 1 138 ? -9.767  -12.822 16.983  1.00 13.22 ? 138 ASN A OD1 1 
ATOM   1073 N  ND2 . ASN A 1 138 ? -8.952  -13.937 15.200  1.00 13.27 ? 138 ASN A ND2 1 
ATOM   1074 N  N   . ASP A 1 139 ? -7.174  -8.867  16.699  1.00 16.44 ? 139 ASP A N   1 
ATOM   1075 C  CA  . ASP A 1 139 ? -6.398  -7.632  16.819  1.00 17.39 ? 139 ASP A CA  1 
ATOM   1076 C  C   . ASP A 1 139 ? -4.960  -7.831  16.349  1.00 17.75 ? 139 ASP A C   1 
ATOM   1077 O  O   . ASP A 1 139 ? -4.315  -8.822  16.695  1.00 18.21 ? 139 ASP A O   1 
ATOM   1078 C  CB  . ASP A 1 139 ? -6.395  -7.130  18.268  1.00 17.26 ? 139 ASP A CB  1 
ATOM   1079 C  CG  . ASP A 1 139 ? -7.803  -6.934  18.831  1.00 19.24 ? 139 ASP A CG  1 
ATOM   1080 O  OD1 . ASP A 1 139 ? -8.743  -6.615  18.061  1.00 20.43 ? 139 ASP A OD1 1 
ATOM   1081 O  OD2 . ASP A 1 139 ? -7.968  -7.123  20.053  1.00 20.12 ? 139 ASP A OD2 1 
ATOM   1082 N  N   . ILE A 1 140 ? -4.466  -6.895  15.552  1.00 17.84 ? 140 ILE A N   1 
ATOM   1083 C  CA  . ILE A 1 140 ? -3.062  -6.906  15.148  1.00 17.50 ? 140 ILE A CA  1 
ATOM   1084 C  C   . ILE A 1 140 ? -2.468  -5.530  15.425  1.00 17.01 ? 140 ILE A C   1 
ATOM   1085 O  O   . ILE A 1 140 ? -3.095  -4.498  15.133  1.00 16.76 ? 140 ILE A O   1 
ATOM   1086 C  CB  . ILE A 1 140 ? -2.873  -7.388  13.658  1.00 18.71 ? 140 ILE A CB  1 
ATOM   1087 C  CG1 . ILE A 1 140 ? -1.413  -7.288  13.184  1.00 18.70 ? 140 ILE A CG1 1 
ATOM   1088 C  CG2 . ILE A 1 140 ? -3.815  -6.657  12.716  1.00 19.44 ? 140 ILE A CG2 1 
ATOM   1089 C  CD1 . ILE A 1 140 ? -0.548  -8.543  13.499  1.00 23.23 ? 140 ILE A CD1 1 
ATOM   1090 N  N   . GLN A 1 141 ? -1.285  -5.521  16.037  1.00 16.14 ? 141 GLN A N   1 
ATOM   1091 C  CA  . GLN A 1 141 ? -0.511  -4.302  16.205  1.00 15.92 ? 141 GLN A CA  1 
ATOM   1092 C  C   . GLN A 1 141 ? 0.871   -4.521  15.592  1.00 15.40 ? 141 GLN A C   1 
ATOM   1093 O  O   . GLN A 1 141 ? 1.605   -5.432  15.996  1.00 14.69 ? 141 GLN A O   1 
ATOM   1094 C  CB  . GLN A 1 141 ? -0.412  -3.893  17.680  1.00 16.44 ? 141 GLN A CB  1 
ATOM   1095 C  CG  . GLN A 1 141 ? 0.128   -2.466  17.862  1.00 18.55 ? 141 GLN A CG  1 
ATOM   1096 C  CD  . GLN A 1 141 ? -0.090  -1.882  19.266  1.00 22.37 ? 141 GLN A CD  1 
ATOM   1097 O  OE1 . GLN A 1 141 ? 0.693   -1.064  19.722  1.00 22.93 ? 141 GLN A OE1 1 
ATOM   1098 N  NE2 . GLN A 1 141 ? -1.170  -2.283  19.934  1.00 26.15 ? 141 GLN A NE2 1 
ATOM   1099 N  N   . LEU A 1 142 ? 1.203   -3.694  14.602  1.00 14.54 ? 142 LEU A N   1 
ATOM   1100 C  CA  . LEU A 1 142 ? 2.463   -3.816  13.871  1.00 14.90 ? 142 LEU A CA  1 
ATOM   1101 C  C   . LEU A 1 142 ? 3.392   -2.665  14.207  1.00 14.76 ? 142 LEU A C   1 
ATOM   1102 O  O   . LEU A 1 142 ? 2.967   -1.503  14.224  1.00 14.83 ? 142 LEU A O   1 
ATOM   1103 C  CB  . LEU A 1 142 ? 2.233   -3.819  12.350  1.00 14.78 ? 142 LEU A CB  1 
ATOM   1104 C  CG  . LEU A 1 142 ? 1.324   -4.881  11.709  1.00 16.03 ? 142 LEU A CG  1 
ATOM   1105 C  CD1 . LEU A 1 142 ? -0.141  -4.496  11.908  1.00 16.53 ? 142 LEU A CD1 1 
ATOM   1106 C  CD2 . LEU A 1 142 ? 1.634   -4.972  10.210  1.00 14.83 ? 142 LEU A CD2 1 
ATOM   1107 N  N   . ARG A 1 143 ? 4.654   -3.005  14.459  1.00 14.21 ? 143 ARG A N   1 
ATOM   1108 C  CA  . ARG A 1 143 ? 5.730   -2.032  14.568  1.00 14.70 ? 143 ARG A CA  1 
ATOM   1109 C  C   . ARG A 1 143 ? 6.604   -2.150  13.317  1.00 14.69 ? 143 ARG A C   1 
ATOM   1110 O  O   . ARG A 1 143 ? 7.195   -3.207  13.062  1.00 14.79 ? 143 ARG A O   1 
ATOM   1111 C  CB  . ARG A 1 143 ? 6.540   -2.269  15.860  1.00 14.85 ? 143 ARG A CB  1 
ATOM   1112 C  CG  . ARG A 1 143 ? 5.802   -1.776  17.133  1.00 15.80 ? 143 ARG A CG  1 
ATOM   1113 C  CD  . ARG A 1 143 ? 6.425   -2.314  18.423  1.00 17.75 ? 143 ARG A CD  1 
ATOM   1114 N  NE  . ARG A 1 143 ? 6.334   -3.774  18.458  1.00 18.03 ? 143 ARG A NE  1 
ATOM   1115 C  CZ  . ARG A 1 143 ? 5.264   -4.458  18.850  1.00 18.28 ? 143 ARG A CZ  1 
ATOM   1116 N  NH1 . ARG A 1 143 ? 4.166   -3.833  19.270  1.00 17.65 ? 143 ARG A NH1 1 
ATOM   1117 N  NH2 . ARG A 1 143 ? 5.294   -5.783  18.829  1.00 19.08 ? 143 ARG A NH2 1 
ATOM   1118 N  N   . LEU A 1 144 ? 6.643   -1.080  12.526  1.00 14.98 ? 144 LEU A N   1 
ATOM   1119 C  CA  . LEU A 1 144 ? 7.260   -1.118  11.198  1.00 14.95 ? 144 LEU A CA  1 
ATOM   1120 C  C   . LEU A 1 144 ? 8.294   -0.036  11.026  1.00 15.36 ? 144 LEU A C   1 
ATOM   1121 O  O   . LEU A 1 144 ? 8.160   1.051   11.587  1.00 14.89 ? 144 LEU A O   1 
ATOM   1122 C  CB  . LEU A 1 144 ? 6.192   -0.949  10.113  1.00 14.95 ? 144 LEU A CB  1 
ATOM   1123 C  CG  . LEU A 1 144 ? 5.050   -1.978  10.111  1.00 14.69 ? 144 LEU A CG  1 
ATOM   1124 C  CD1 . LEU A 1 144 ? 3.904   -1.489  9.273   1.00 14.82 ? 144 LEU A CD1 1 
ATOM   1125 C  CD2 . LEU A 1 144 ? 5.539   -3.323  9.610   1.00 14.12 ? 144 LEU A CD2 1 
ATOM   1126 N  N   . LYS A 1 145 ? 9.299   -0.321  10.198  1.00 15.59 ? 145 LYS A N   1 
ATOM   1127 C  CA  . LYS A 1 145 ? 10.391  0.613   9.982   1.00 16.64 ? 145 LYS A CA  1 
ATOM   1128 C  C   . LYS A 1 145 ? 10.896  0.514   8.542   1.00 15.85 ? 145 LYS A C   1 
ATOM   1129 O  O   . LYS A 1 145 ? 10.965  -0.576  7.980   1.00 15.98 ? 145 LYS A O   1 
ATOM   1130 C  CB  . LYS A 1 145 ? 11.519  0.292   10.976  1.00 17.38 ? 145 LYS A CB  1 
ATOM   1131 C  CG  . LYS A 1 145 ? 12.851  0.974   10.710  1.00 21.25 ? 145 LYS A CG  1 
ATOM   1132 C  CD  . LYS A 1 145 ? 13.959  0.279   11.518  1.00 26.81 ? 145 LYS A CD  1 
ATOM   1133 C  CE  . LYS A 1 145 ? 14.679  -0.801  10.697  1.00 29.54 ? 145 LYS A CE  1 
ATOM   1134 N  NZ  . LYS A 1 145 ? 15.381  -1.807  11.559  1.00 33.18 ? 145 LYS A NZ  1 
ATOM   1135 N  N   . GLY A 1 146 ? 11.253  1.650   7.959   1.00 14.91 ? 146 GLY A N   1 
ATOM   1136 C  CA  . GLY A 1 146 ? 11.904  1.653   6.659   1.00 15.24 ? 146 GLY A CA  1 
ATOM   1137 C  C   . GLY A 1 146 ? 10.957  1.221   5.552   1.00 15.15 ? 146 GLY A C   1 
ATOM   1138 O  O   . GLY A 1 146 ? 9.822   1.697   5.467   1.00 14.10 ? 146 GLY A O   1 
ATOM   1139 N  N   . TYR A 1 147 ? 11.424  0.307   4.709   1.00 15.45 ? 147 TYR A N   1 
ATOM   1140 C  CA  . TYR A 1 147 ? 10.664  -0.080  3.516   1.00 16.11 ? 147 TYR A CA  1 
ATOM   1141 C  C   . TYR A 1 147 ? 9.213   -0.539  3.810   1.00 15.69 ? 147 TYR A C   1 
ATOM   1142 O  O   . TYR A 1 147 ? 8.272   -0.015  3.206   1.00 16.08 ? 147 TYR A O   1 
ATOM   1143 C  CB  . TYR A 1 147 ? 11.428  -1.098  2.642   1.00 16.00 ? 147 TYR A CB  1 
ATOM   1144 C  CG  . TYR A 1 147 ? 10.680  -1.400  1.357   1.00 17.82 ? 147 TYR A CG  1 
ATOM   1145 C  CD1 . TYR A 1 147 ? 10.667  -0.484  0.302   1.00 18.77 ? 147 TYR A CD1 1 
ATOM   1146 C  CD2 . TYR A 1 147 ? 9.947   -2.583  1.219   1.00 19.22 ? 147 TYR A CD2 1 
ATOM   1147 C  CE1 . TYR A 1 147 ? 9.952   -0.741  -0.866  1.00 19.67 ? 147 TYR A CE1 1 
ATOM   1148 C  CE2 . TYR A 1 147 ? 9.236   -2.852  0.060   1.00 20.33 ? 147 TYR A CE2 1 
ATOM   1149 C  CZ  . TYR A 1 147 ? 9.241   -1.923  -0.972  1.00 20.67 ? 147 TYR A CZ  1 
ATOM   1150 O  OH  . TYR A 1 147 ? 8.537   -2.184  -2.115  1.00 23.30 ? 147 TYR A OH  1 
ATOM   1151 N  N   . PRO A 1 148 ? 9.016   -1.513  4.720   1.00 15.45 ? 148 PRO A N   1 
ATOM   1152 C  CA  . PRO A 1 148 ? 7.613   -1.878  4.959   1.00 15.26 ? 148 PRO A CA  1 
ATOM   1153 C  C   . PRO A 1 148 ? 6.775   -0.728  5.544   1.00 15.01 ? 148 PRO A C   1 
ATOM   1154 O  O   . PRO A 1 148 ? 5.589   -0.620  5.219   1.00 14.90 ? 148 PRO A O   1 
ATOM   1155 C  CB  . PRO A 1 148 ? 7.713   -3.039  5.947   1.00 15.50 ? 148 PRO A CB  1 
ATOM   1156 C  CG  . PRO A 1 148 ? 9.076   -2.901  6.565   1.00 16.07 ? 148 PRO A CG  1 
ATOM   1157 C  CD  . PRO A 1 148 ? 9.938   -2.406  5.451   1.00 15.59 ? 148 PRO A CD  1 
ATOM   1158 N  N   . ALA A 1 149 ? 7.382   0.148   6.354   1.00 14.13 ? 149 ALA A N   1 
ATOM   1159 C  CA  . ALA A 1 149 ? 6.643   1.321   6.864   1.00 14.40 ? 149 ALA A CA  1 
ATOM   1160 C  C   . ALA A 1 149 ? 6.150   2.187   5.709   1.00 14.06 ? 149 ALA A C   1 
ATOM   1161 O  O   . ALA A 1 149 ? 5.034   2.692   5.734   1.00 13.31 ? 149 ALA A O   1 
ATOM   1162 C  CB  . ALA A 1 149 ? 7.500   2.149   7.851   1.00 13.81 ? 149 ALA A CB  1 
ATOM   1163 N  N   . ILE A 1 150 ? 7.003   2.345   4.694   1.00 13.73 ? 150 ILE A N   1 
ATOM   1164 C  CA  . ILE A 1 150 ? 6.664   3.121   3.501   1.00 13.51 ? 150 ILE A CA  1 
ATOM   1165 C  C   . ILE A 1 150 ? 5.501   2.479   2.730   1.00 13.60 ? 150 ILE A C   1 
ATOM   1166 O  O   . ILE A 1 150 ? 4.527   3.160   2.369   1.00 12.72 ? 150 ILE A O   1 
ATOM   1167 C  CB  . ILE A 1 150 ? 7.910   3.348   2.614   1.00 14.13 ? 150 ILE A CB  1 
ATOM   1168 C  CG1 . ILE A 1 150 ? 8.821   4.411   3.267   1.00 13.63 ? 150 ILE A CG1 1 
ATOM   1169 C  CG2 . ILE A 1 150 ? 7.521   3.797   1.197   1.00 13.67 ? 150 ILE A CG2 1 
ATOM   1170 C  CD1 . ILE A 1 150 ? 10.228  4.497   2.642   1.00 16.60 ? 150 ILE A CD1 1 
ATOM   1171 N  N   . VAL A 1 151 ? 5.581   1.168   2.522   1.00 13.08 ? 151 VAL A N   1 
ATOM   1172 C  CA  . VAL A 1 151 ? 4.522   0.470   1.818   1.00 13.70 ? 151 VAL A CA  1 
ATOM   1173 C  C   . VAL A 1 151 ? 3.175   0.624   2.543   1.00 14.11 ? 151 VAL A C   1 
ATOM   1174 O  O   . VAL A 1 151 ? 2.164   0.956   1.915   1.00 14.27 ? 151 VAL A O   1 
ATOM   1175 C  CB  . VAL A 1 151 ? 4.859   -1.022  1.563   1.00 13.65 ? 151 VAL A CB  1 
ATOM   1176 C  CG1 . VAL A 1 151 ? 3.680   -1.719  0.868   1.00 13.81 ? 151 VAL A CG1 1 
ATOM   1177 C  CG2 . VAL A 1 151 ? 6.130   -1.140  0.689   1.00 13.38 ? 151 VAL A CG2 1 
ATOM   1178 N  N   . PHE A 1 152 ? 3.159   0.381   3.850   1.00 14.06 ? 152 PHE A N   1 
ATOM   1179 C  CA  . PHE A 1 152 ? 1.906   0.473   4.606   1.00 14.47 ? 152 PHE A CA  1 
ATOM   1180 C  C   . PHE A 1 152 ? 1.351   1.897   4.570   1.00 14.21 ? 152 PHE A C   1 
ATOM   1181 O  O   . PHE A 1 152 ? 0.142   2.092   4.428   1.00 14.38 ? 152 PHE A O   1 
ATOM   1182 C  CB  . PHE A 1 152 ? 2.065   -0.039  6.050   1.00 13.82 ? 152 PHE A CB  1 
ATOM   1183 C  CG  . PHE A 1 152 ? 1.946   -1.544  6.184   1.00 14.44 ? 152 PHE A CG  1 
ATOM   1184 C  CD1 . PHE A 1 152 ? 3.070   -2.366  6.046   1.00 15.28 ? 152 PHE A CD1 1 
ATOM   1185 C  CD2 . PHE A 1 152 ? 0.714   -2.142  6.458   1.00 14.78 ? 152 PHE A CD2 1 
ATOM   1186 C  CE1 . PHE A 1 152 ? 2.969   -3.751  6.169   1.00 16.79 ? 152 PHE A CE1 1 
ATOM   1187 C  CE2 . PHE A 1 152 ? 0.598   -3.529  6.580   1.00 14.59 ? 152 PHE A CE2 1 
ATOM   1188 C  CZ  . PHE A 1 152 ? 1.729   -4.341  6.446   1.00 14.82 ? 152 PHE A CZ  1 
ATOM   1189 N  N   . GLN A 1 153 ? 2.229   2.895   4.683   1.00 13.93 ? 153 GLN A N   1 
ATOM   1190 C  CA  . GLN A 1 153 ? 1.776   4.288   4.591   1.00 13.89 ? 153 GLN A CA  1 
ATOM   1191 C  C   . GLN A 1 153 ? 1.140   4.597   3.232   1.00 14.24 ? 153 GLN A C   1 
ATOM   1192 O  O   . GLN A 1 153 ? 0.098   5.263   3.160   1.00 13.53 ? 153 GLN A O   1 
ATOM   1193 C  CB  . GLN A 1 153 ? 2.895   5.276   4.928   1.00 12.90 ? 153 GLN A CB  1 
ATOM   1194 C  CG  . GLN A 1 153 ? 3.179   5.339   6.433   1.00 14.32 ? 153 GLN A CG  1 
ATOM   1195 C  CD  . GLN A 1 153 ? 4.439   6.113   6.758   1.00 13.64 ? 153 GLN A CD  1 
ATOM   1196 O  OE1 . GLN A 1 153 ? 4.413   7.335   6.859   1.00 14.80 ? 153 GLN A OE1 1 
ATOM   1197 N  NE2 . GLN A 1 153 ? 5.548   5.403   6.927   1.00 11.78 ? 153 GLN A NE2 1 
ATOM   1198 N  N   . HIS A 1 154 ? 1.766   4.088   2.172   1.00 13.97 ? 154 HIS A N   1 
ATOM   1199 C  CA  . HIS A 1 154 ? 1.257   4.236   0.812   1.00 14.31 ? 154 HIS A CA  1 
ATOM   1200 C  C   . HIS A 1 154 ? -0.155  3.638   0.726   1.00 13.98 ? 154 HIS A C   1 
ATOM   1201 O  O   . HIS A 1 154 ? -1.061  4.278   0.197   1.00 14.10 ? 154 HIS A O   1 
ATOM   1202 C  CB  . HIS A 1 154 ? 2.219   3.554   -0.176  1.00 14.07 ? 154 HIS A CB  1 
ATOM   1203 C  CG  . HIS A 1 154 ? 1.821   3.668   -1.622  1.00 14.35 ? 154 HIS A CG  1 
ATOM   1204 N  ND1 . HIS A 1 154 ? 2.538   4.418   -2.530  1.00 13.35 ? 154 HIS A ND1 1 
ATOM   1205 C  CD2 . HIS A 1 154 ? 0.823   3.080   -2.328  1.00 13.86 ? 154 HIS A CD2 1 
ATOM   1206 C  CE1 . HIS A 1 154 ? 1.972   4.333   -3.721  1.00 12.87 ? 154 HIS A CE1 1 
ATOM   1207 N  NE2 . HIS A 1 154 ? 0.943   3.509   -3.632  1.00 14.32 ? 154 HIS A NE2 1 
ATOM   1208 N  N   . GLU A 1 155 ? -0.346  2.430   1.263   1.00 14.67 ? 155 GLU A N   1 
ATOM   1209 C  CA  . GLU A 1 155 ? -1.654  1.777   1.193   1.00 15.15 ? 155 GLU A CA  1 
ATOM   1210 C  C   . GLU A 1 155 ? -2.707  2.492   2.035   1.00 15.58 ? 155 GLU A C   1 
ATOM   1211 O  O   . GLU A 1 155 ? -3.840  2.680   1.582   1.00 15.27 ? 155 GLU A O   1 
ATOM   1212 C  CB  . GLU A 1 155 ? -1.593  0.293   1.592   1.00 15.61 ? 155 GLU A CB  1 
ATOM   1213 C  CG  . GLU A 1 155 ? -0.755  -0.607  0.702   1.00 17.26 ? 155 GLU A CG  1 
ATOM   1214 C  CD  . GLU A 1 155 ? -0.843  -0.284  -0.789  1.00 16.86 ? 155 GLU A CD  1 
ATOM   1215 O  OE1 . GLU A 1 155 ? -1.941  0.017   -1.323  1.00 18.75 ? 155 GLU A OE1 1 
ATOM   1216 O  OE2 . GLU A 1 155 ? 0.215   -0.363  -1.431  1.00 19.54 ? 155 GLU A OE2 1 
ATOM   1217 N  N   . ILE A 1 156 ? -2.342  2.894   3.256   1.00 15.95 ? 156 ILE A N   1 
ATOM   1218 C  CA  . ILE A 1 156 ? -3.282  3.646   4.110   1.00 16.19 ? 156 ILE A CA  1 
ATOM   1219 C  C   . ILE A 1 156 ? -3.702  4.977   3.448   1.00 16.31 ? 156 ILE A C   1 
ATOM   1220 O  O   . ILE A 1 156 ? -4.877  5.362   3.501   1.00 16.00 ? 156 ILE A O   1 
ATOM   1221 C  CB  . ILE A 1 156 ? -2.762  3.813   5.566   1.00 16.31 ? 156 ILE A CB  1 
ATOM   1222 C  CG1 . ILE A 1 156 ? -2.704  2.432   6.245   1.00 16.50 ? 156 ILE A CG1 1 
ATOM   1223 C  CG2 . ILE A 1 156 ? -3.669  4.768   6.372   1.00 16.62 ? 156 ILE A CG2 1 
ATOM   1224 C  CD1 . ILE A 1 156 ? -1.917  2.378   7.551   1.00 16.23 ? 156 ILE A CD1 1 
ATOM   1225 N  N   . ASP A 1 157 ? -2.754  5.656   2.798   1.00 16.33 ? 157 ASP A N   1 
ATOM   1226 C  CA  . ASP A 1 157 ? -3.067  6.865   2.028   1.00 16.57 ? 157 ASP A CA  1 
ATOM   1227 C  C   . ASP A 1 157 ? -4.254  6.656   1.062   1.00 16.29 ? 157 ASP A C   1 
ATOM   1228 O  O   . ASP A 1 157 ? -5.146  7.515   0.976   1.00 16.57 ? 157 ASP A O   1 
ATOM   1229 C  CB  . ASP A 1 157 ? -1.823  7.383   1.279   1.00 16.41 ? 157 ASP A CB  1 
ATOM   1230 C  CG  . ASP A 1 157 ? -0.972  8.343   2.130   1.00 18.10 ? 157 ASP A CG  1 
ATOM   1231 O  OD1 . ASP A 1 157 ? -1.328  8.607   3.309   1.00 18.58 ? 157 ASP A OD1 1 
ATOM   1232 O  OD2 . ASP A 1 157 ? 0.044   8.851   1.601   1.00 17.56 ? 157 ASP A OD2 1 
ATOM   1233 N  N   . HIS A 1 158 ? -4.278  5.515   0.372   1.00 15.88 ? 158 HIS A N   1 
ATOM   1234 C  CA  . HIS A 1 158 ? -5.364  5.195   -0.545  1.00 16.23 ? 158 HIS A CA  1 
ATOM   1235 C  C   . HIS A 1 158 ? -6.724  5.200   0.144   1.00 16.66 ? 158 HIS A C   1 
ATOM   1236 O  O   . HIS A 1 158 ? -7.718  5.556   -0.477  1.00 17.09 ? 158 HIS A O   1 
ATOM   1237 C  CB  . HIS A 1 158 ? -5.162  3.836   -1.203  1.00 16.18 ? 158 HIS A CB  1 
ATOM   1238 C  CG  . HIS A 1 158 ? -4.236  3.858   -2.371  1.00 14.67 ? 158 HIS A CG  1 
ATOM   1239 N  ND1 . HIS A 1 158 ? -4.369  4.748   -3.420  1.00 14.92 ? 158 HIS A ND1 1 
ATOM   1240 C  CD2 . HIS A 1 158 ? -3.165  3.085   -2.664  1.00 14.35 ? 158 HIS A CD2 1 
ATOM   1241 C  CE1 . HIS A 1 158 ? -3.409  4.525   -4.300  1.00 15.54 ? 158 HIS A CE1 1 
ATOM   1242 N  NE2 . HIS A 1 158 ? -2.666  3.523   -3.864  1.00 14.78 ? 158 HIS A NE2 1 
ATOM   1243 N  N   . LEU A 1 159 ? -6.753  4.805   1.419   1.00 16.91 ? 159 LEU A N   1 
ATOM   1244 C  CA  . LEU A 1 159 ? -7.995  4.769   2.194   1.00 17.25 ? 159 LEU A CA  1 
ATOM   1245 C  C   . LEU A 1 159 ? -8.515  6.164   2.541   1.00 17.99 ? 159 LEU A C   1 
ATOM   1246 O  O   . LEU A 1 159 ? -9.694  6.319   2.899   1.00 17.71 ? 159 LEU A O   1 
ATOM   1247 C  CB  . LEU A 1 159 ? -7.822  3.935   3.462   1.00 16.83 ? 159 LEU A CB  1 
ATOM   1248 C  CG  . LEU A 1 159 ? -7.289  2.507   3.294   1.00 15.42 ? 159 LEU A CG  1 
ATOM   1249 C  CD1 . LEU A 1 159 ? -7.254  1.818   4.652   1.00 16.02 ? 159 LEU A CD1 1 
ATOM   1250 C  CD2 . LEU A 1 159 ? -8.113  1.685   2.290   1.00 13.20 ? 159 LEU A CD2 1 
ATOM   1251 N  N   . ASN A 1 160 ? -7.634  7.163   2.428   1.00 18.16 ? 160 ASN A N   1 
ATOM   1252 C  CA  . ASN A 1 160 ? -7.987  8.563   2.693   1.00 19.23 ? 160 ASN A CA  1 
ATOM   1253 C  C   . ASN A 1 160 ? -8.029  9.437   1.436   1.00 19.30 ? 160 ASN A C   1 
ATOM   1254 O  O   . ASN A 1 160 ? -8.116  10.662  1.539   1.00 19.21 ? 160 ASN A O   1 
ATOM   1255 C  CB  . ASN A 1 160 ? -7.020  9.187   3.723   1.00 19.12 ? 160 ASN A CB  1 
ATOM   1256 C  CG  . ASN A 1 160 ? -7.091  8.506   5.078   1.00 19.71 ? 160 ASN A CG  1 
ATOM   1257 O  OD1 . ASN A 1 160 ? -8.162  8.105   5.523   1.00 19.99 ? 160 ASN A OD1 1 
ATOM   1258 N  ND2 . ASN A 1 160 ? -5.941  8.367   5.741   1.00 20.53 ? 160 ASN A ND2 1 
ATOM   1259 N  N   . GLY A 1 161 ? -7.960  8.810   0.261   1.00 19.34 ? 161 GLY A N   1 
ATOM   1260 C  CA  . GLY A 1 161 ? -8.053  9.536   -1.006  1.00 19.85 ? 161 GLY A CA  1 
ATOM   1261 C  C   . GLY A 1 161 ? -6.782  10.308  -1.316  1.00 20.31 ? 161 GLY A C   1 
ATOM   1262 O  O   . GLY A 1 161 ? -6.813  11.350  -1.984  1.00 20.32 ? 161 GLY A O   1 
ATOM   1263 N  N   . VAL A 1 162 ? -5.658  9.794   -0.827  1.00 20.26 ? 162 VAL A N   1 
ATOM   1264 C  CA  . VAL A 1 162 ? -4.367  10.461  -0.987  1.00 20.20 ? 162 VAL A CA  1 
ATOM   1265 C  C   . VAL A 1 162 ? -3.493  9.629   -1.938  1.00 19.82 ? 162 VAL A C   1 
ATOM   1266 O  O   . VAL A 1 162 ? -3.375  8.407   -1.779  1.00 19.07 ? 162 VAL A O   1 
ATOM   1267 C  CB  . VAL A 1 162 ? -3.669  10.656  0.384   1.00 20.67 ? 162 VAL A CB  1 
ATOM   1268 C  CG1 . VAL A 1 162 ? -2.255  11.236  0.211   1.00 19.79 ? 162 VAL A CG1 1 
ATOM   1269 C  CG2 . VAL A 1 162 ? -4.521  11.545  1.302   1.00 20.84 ? 162 VAL A CG2 1 
ATOM   1270 N  N   . MET A 1 163 ? -2.904  10.298  -2.925  1.00 19.17 ? 163 MET A N   1 
ATOM   1271 C  CA  . MET A 1 163 ? -2.066  9.635   -3.927  1.00 19.67 ? 163 MET A CA  1 
ATOM   1272 C  C   . MET A 1 163 ? -0.619  10.005  -3.679  1.00 18.96 ? 163 MET A C   1 
ATOM   1273 O  O   . MET A 1 163 ? -0.334  11.110  -3.226  1.00 19.48 ? 163 MET A O   1 
ATOM   1274 C  CB  . MET A 1 163 ? -2.482  10.040  -5.350  1.00 19.09 ? 163 MET A CB  1 
ATOM   1275 C  CG  . MET A 1 163 ? -3.911  9.651   -5.737  1.00 21.50 ? 163 MET A CG  1 
ATOM   1276 S  SD  . MET A 1 163 ? -4.247  7.874   -5.843  1.00 22.00 ? 163 MET A SD  1 
ATOM   1277 C  CE  . MET A 1 163 ? -3.440  7.489   -7.403  1.00 22.55 ? 163 MET A CE  1 
ATOM   1278 N  N   . PHE A 1 164 ? 0.301   9.099   -4.003  1.00 19.07 ? 164 PHE A N   1 
ATOM   1279 C  CA  . PHE A 1 164 ? 1.714   9.304   -3.665  1.00 19.00 ? 164 PHE A CA  1 
ATOM   1280 C  C   . PHE A 1 164 ? 2.274   10.641  -4.159  1.00 19.20 ? 164 PHE A C   1 
ATOM   1281 O  O   . PHE A 1 164 ? 3.097   11.266  -3.478  1.00 18.96 ? 164 PHE A O   1 
ATOM   1282 C  CB  . PHE A 1 164 ? 2.583   8.122   -4.144  1.00 18.59 ? 164 PHE A CB  1 
ATOM   1283 C  CG  . PHE A 1 164 ? 2.884   8.133   -5.630  1.00 19.21 ? 164 PHE A CG  1 
ATOM   1284 C  CD1 . PHE A 1 164 ? 4.020   8.785   -6.120  1.00 18.58 ? 164 PHE A CD1 1 
ATOM   1285 C  CD2 . PHE A 1 164 ? 2.039   7.481   -6.535  1.00 17.69 ? 164 PHE A CD2 1 
ATOM   1286 C  CE1 . PHE A 1 164 ? 4.311   8.787   -7.488  1.00 20.46 ? 164 PHE A CE1 1 
ATOM   1287 C  CE2 . PHE A 1 164 ? 2.315   7.483   -7.893  1.00 19.52 ? 164 PHE A CE2 1 
ATOM   1288 C  CZ  . PHE A 1 164 ? 3.451   8.134   -8.380  1.00 19.61 ? 164 PHE A CZ  1 
ATOM   1289 N  N   . TYR A 1 165 ? 1.822   11.082  -5.336  1.00 19.66 ? 165 TYR A N   1 
ATOM   1290 C  CA  . TYR A 1 165 ? 2.369   12.295  -5.953  1.00 19.94 ? 165 TYR A CA  1 
ATOM   1291 C  C   . TYR A 1 165 ? 1.907   13.573  -5.255  1.00 19.85 ? 165 TYR A C   1 
ATOM   1292 O  O   . TYR A 1 165 ? 2.499   14.637  -5.464  1.00 19.27 ? 165 TYR A O   1 
ATOM   1293 C  CB  . TYR A 1 165 ? 2.093   12.348  -7.480  1.00 20.50 ? 165 TYR A CB  1 
ATOM   1294 C  CG  . TYR A 1 165 ? 0.637   12.224  -7.878  1.00 20.37 ? 165 TYR A CG  1 
ATOM   1295 C  CD1 . TYR A 1 165 ? -0.253  13.290  -7.717  1.00 22.34 ? 165 TYR A CD1 1 
ATOM   1296 C  CD2 . TYR A 1 165 ? 0.152   11.048  -8.429  1.00 22.17 ? 165 TYR A CD2 1 
ATOM   1297 C  CE1 . TYR A 1 165 ? -1.603  13.177  -8.082  1.00 22.62 ? 165 TYR A CE1 1 
ATOM   1298 C  CE2 . TYR A 1 165 ? -1.197  10.922  -8.794  1.00 22.65 ? 165 TYR A CE2 1 
ATOM   1299 C  CZ  . TYR A 1 165 ? -2.060  11.993  -8.629  1.00 22.81 ? 165 TYR A CZ  1 
ATOM   1300 O  OH  . TYR A 1 165 ? -3.391  11.864  -8.987  1.00 24.24 ? 165 TYR A OH  1 
ATOM   1301 N  N   . ASP A 1 166 ? 0.869   13.461  -4.419  1.00 19.72 ? 166 ASP A N   1 
ATOM   1302 C  CA  . ASP A 1 166 ? 0.396   14.587  -3.589  1.00 20.33 ? 166 ASP A CA  1 
ATOM   1303 C  C   . ASP A 1 166 ? 1.518   15.083  -2.669  1.00 20.62 ? 166 ASP A C   1 
ATOM   1304 O  O   . ASP A 1 166 ? 1.523   16.247  -2.276  1.00 20.20 ? 166 ASP A O   1 
ATOM   1305 C  CB  . ASP A 1 166 ? -0.799  14.200  -2.697  1.00 20.16 ? 166 ASP A CB  1 
ATOM   1306 C  CG  . ASP A 1 166 ? -2.029  13.772  -3.476  1.00 19.58 ? 166 ASP A CG  1 
ATOM   1307 O  OD1 . ASP A 1 166 ? -2.146  14.064  -4.677  1.00 22.22 ? 166 ASP A OD1 1 
ATOM   1308 O  OD2 . ASP A 1 166 ? -2.911  13.134  -2.874  1.00 18.00 ? 166 ASP A OD2 1 
ATOM   1309 N  N   . HIS A 1 167 ? 2.448   14.187  -2.331  1.00 21.17 ? 167 HIS A N   1 
ATOM   1310 C  CA  . HIS A 1 167 ? 3.544   14.476  -1.397  1.00 22.04 ? 167 HIS A CA  1 
ATOM   1311 C  C   . HIS A 1 167 ? 4.784   15.075  -2.064  1.00 22.72 ? 167 HIS A C   1 
ATOM   1312 O  O   . HIS A 1 167 ? 5.708   15.516  -1.373  1.00 22.30 ? 167 HIS A O   1 
ATOM   1313 C  CB  . HIS A 1 167 ? 3.969   13.213  -0.634  1.00 21.81 ? 167 HIS A CB  1 
ATOM   1314 C  CG  . HIS A 1 167 ? 2.880   12.593  0.195   1.00 23.14 ? 167 HIS A CG  1 
ATOM   1315 N  ND1 . HIS A 1 167 ? 2.330   13.219  1.293   1.00 25.51 ? 167 HIS A ND1 1 
ATOM   1316 C  CD2 . HIS A 1 167 ? 2.263   11.391  0.102   1.00 24.00 ? 167 HIS A CD2 1 
ATOM   1317 C  CE1 . HIS A 1 167 ? 1.409   12.438  1.830   1.00 25.33 ? 167 HIS A CE1 1 
ATOM   1318 N  NE2 . HIS A 1 167 ? 1.352   11.319  1.129   1.00 23.88 ? 167 HIS A NE2 1 
ATOM   1319 N  N   . ILE A 1 168 ? 4.822   15.069  -3.396  1.00 23.46 ? 168 ILE A N   1 
ATOM   1320 C  CA  . ILE A 1 168 ? 5.994   15.572  -4.120  1.00 24.76 ? 168 ILE A CA  1 
ATOM   1321 C  C   . ILE A 1 168 ? 6.044   17.104  -4.137  1.00 26.19 ? 168 ILE A C   1 
ATOM   1322 O  O   . ILE A 1 168 ? 5.035   17.767  -4.361  1.00 25.96 ? 168 ILE A O   1 
ATOM   1323 C  CB  . ILE A 1 168 ? 6.089   14.983  -5.554  1.00 24.90 ? 168 ILE A CB  1 
ATOM   1324 C  CG1 . ILE A 1 168 ? 6.226   13.454  -5.470  1.00 24.12 ? 168 ILE A CG1 1 
ATOM   1325 C  CG2 . ILE A 1 168 ? 7.277   15.601  -6.317  1.00 23.51 ? 168 ILE A CG2 1 
ATOM   1326 C  CD1 . ILE A 1 168 ? 5.954   12.691  -6.791  1.00 23.82 ? 168 ILE A CD1 1 
ATOM   1327 N  N   . ASP A 1 169 ? 7.226   17.638  -3.851  1.00 27.92 ? 169 ASP A N   1 
ATOM   1328 C  CA  . ASP A 1 169 ? 7.490   19.071  -3.866  1.00 30.18 ? 169 ASP A CA  1 
ATOM   1329 C  C   . ASP A 1 169 ? 7.690   19.504  -5.324  1.00 31.42 ? 169 ASP A C   1 
ATOM   1330 O  O   . ASP A 1 169 ? 8.594   19.021  -6.005  1.00 31.28 ? 169 ASP A O   1 
ATOM   1331 C  CB  . ASP A 1 169 ? 8.740   19.366  -3.016  1.00 30.22 ? 169 ASP A CB  1 
ATOM   1332 C  CG  . ASP A 1 169 ? 8.991   20.855  -2.832  1.00 32.16 ? 169 ASP A CG  1 
ATOM   1333 O  OD1 . ASP A 1 169 ? 8.746   21.355  -1.722  1.00 35.50 ? 169 ASP A OD1 1 
ATOM   1334 O  OD2 . ASP A 1 169 ? 9.424   21.530  -3.788  1.00 33.86 ? 169 ASP A OD2 1 
ATOM   1335 N  N   . LYS A 1 170 ? 6.818   20.389  -5.795  1.00 33.15 ? 170 LYS A N   1 
ATOM   1336 C  CA  . LYS A 1 170 ? 6.806   20.833  -7.197  1.00 34.94 ? 170 LYS A CA  1 
ATOM   1337 C  C   . LYS A 1 170 ? 8.107   21.528  -7.641  1.00 35.10 ? 170 LYS A C   1 
ATOM   1338 O  O   . LYS A 1 170 ? 8.626   21.245  -8.728  1.00 35.65 ? 170 LYS A O   1 
ATOM   1339 C  CB  . LYS A 1 170 ? 5.571   21.720  -7.472  1.00 35.54 ? 170 LYS A CB  1 
ATOM   1340 C  CG  . LYS A 1 170 ? 5.500   23.060  -6.679  1.00 38.07 ? 170 LYS A CG  1 
ATOM   1341 C  CD  . LYS A 1 170 ? 4.850   22.937  -5.281  1.00 41.06 ? 170 LYS A CD  1 
ATOM   1342 C  CE  . LYS A 1 170 ? 5.865   22.699  -4.149  1.00 42.89 ? 170 LYS A CE  1 
ATOM   1343 N  NZ  . LYS A 1 170 ? 6.955   23.735  -4.036  1.00 42.23 ? 170 LYS A NZ  1 
ATOM   1344 N  N   . ASP A 1 171 ? 8.641   22.397  -6.784  1.00 35.11 ? 171 ASP A N   1 
ATOM   1345 C  CA  . ASP A 1 171 ? 9.882   23.122  -7.062  1.00 35.22 ? 171 ASP A CA  1 
ATOM   1346 C  C   . ASP A 1 171 ? 11.141  22.281  -6.909  1.00 34.97 ? 171 ASP A C   1 
ATOM   1347 O  O   . ASP A 1 171 ? 12.025  22.326  -7.769  1.00 35.26 ? 171 ASP A O   1 
ATOM   1348 C  CB  . ASP A 1 171 ? 10.006  24.351  -6.152  1.00 35.67 ? 171 ASP A CB  1 
ATOM   1349 C  CG  . ASP A 1 171 ? 8.886   25.339  -6.350  1.00 36.51 ? 171 ASP A CG  1 
ATOM   1350 O  OD1 . ASP A 1 171 ? 8.349   25.833  -5.337  1.00 38.94 ? 171 ASP A OD1 1 
ATOM   1351 O  OD2 . ASP A 1 171 ? 8.531   25.615  -7.513  1.00 38.09 ? 171 ASP A OD2 1 
ATOM   1352 N  N   . HIS A 1 172 ? 11.236  21.542  -5.801  1.00 34.16 ? 172 HIS A N   1 
ATOM   1353 C  CA  . HIS A 1 172 ? 12.434  20.757  -5.487  1.00 33.17 ? 172 HIS A CA  1 
ATOM   1354 C  C   . HIS A 1 172 ? 12.094  19.268  -5.278  1.00 32.02 ? 172 HIS A C   1 
ATOM   1355 O  O   . HIS A 1 172 ? 12.351  18.723  -4.195  1.00 31.22 ? 172 HIS A O   1 
ATOM   1356 C  CB  . HIS A 1 172 ? 13.153  21.334  -4.255  1.00 33.60 ? 172 HIS A CB  1 
ATOM   1357 C  CG  . HIS A 1 172 ? 13.506  22.787  -4.382  1.00 35.77 ? 172 HIS A CG  1 
ATOM   1358 N  ND1 . HIS A 1 172 ? 14.564  23.233  -5.145  1.00 37.60 ? 172 HIS A ND1 1 
ATOM   1359 C  CD2 . HIS A 1 172 ? 12.933  23.894  -3.852  1.00 36.50 ? 172 HIS A CD2 1 
ATOM   1360 C  CE1 . HIS A 1 172 ? 14.629  24.551  -5.078  1.00 37.31 ? 172 HIS A CE1 1 
ATOM   1361 N  NE2 . HIS A 1 172 ? 13.650  24.976  -4.302  1.00 37.73 ? 172 HIS A NE2 1 
ATOM   1362 N  N   . PRO A 1 173 ? 11.539  18.600  -6.320  1.00 31.16 ? 173 PRO A N   1 
ATOM   1363 C  CA  . PRO A 1 173 ? 11.049  17.215  -6.176  1.00 30.63 ? 173 PRO A CA  1 
ATOM   1364 C  C   . PRO A 1 173 ? 12.105  16.220  -5.715  1.00 30.18 ? 173 PRO A C   1 
ATOM   1365 O  O   . PRO A 1 173 ? 11.763  15.242  -5.038  1.00 30.37 ? 173 PRO A O   1 
ATOM   1366 C  CB  . PRO A 1 173 ? 10.570  16.856  -7.594  1.00 30.27 ? 173 PRO A CB  1 
ATOM   1367 C  CG  . PRO A 1 173 ? 11.345  17.777  -8.497  1.00 30.69 ? 173 PRO A CG  1 
ATOM   1368 C  CD  . PRO A 1 173 ? 11.438  19.060  -7.720  1.00 30.89 ? 173 PRO A CD  1 
ATOM   1369 N  N   . LEU A 1 174 ? 13.365  16.457  -6.069  1.00 29.61 ? 174 LEU A N   1 
ATOM   1370 C  CA  . LEU A 1 174 ? 14.435  15.509  -5.735  1.00 29.75 ? 174 LEU A CA  1 
ATOM   1371 C  C   . LEU A 1 174 ? 15.288  15.868  -4.518  1.00 29.84 ? 174 LEU A C   1 
ATOM   1372 O  O   . LEU A 1 174 ? 16.266  15.188  -4.230  1.00 29.99 ? 174 LEU A O   1 
ATOM   1373 C  CB  . LEU A 1 174 ? 15.341  15.242  -6.944  1.00 29.80 ? 174 LEU A CB  1 
ATOM   1374 C  CG  . LEU A 1 174 ? 14.800  14.390  -8.098  1.00 30.50 ? 174 LEU A CG  1 
ATOM   1375 C  CD1 . LEU A 1 174 ? 15.969  13.861  -8.939  1.00 30.02 ? 174 LEU A CD1 1 
ATOM   1376 C  CD2 . LEU A 1 174 ? 13.917  13.225  -7.614  1.00 30.33 ? 174 LEU A CD2 1 
ATOM   1377 N  N   . GLN A 1 175 ? 14.922  16.918  -3.796  1.00 30.17 ? 175 GLN A N   1 
ATOM   1378 C  CA  . GLN A 1 175 ? 15.691  17.318  -2.620  1.00 31.05 ? 175 GLN A CA  1 
ATOM   1379 C  C   . GLN A 1 175 ? 15.232  16.579  -1.349  1.00 30.67 ? 175 GLN A C   1 
ATOM   1380 O  O   . GLN A 1 175 ? 14.102  16.760  -0.905  1.00 29.71 ? 175 GLN A O   1 
ATOM   1381 C  CB  . GLN A 1 175 ? 15.623  18.840  -2.413  1.00 31.44 ? 175 GLN A CB  1 
ATOM   1382 C  CG  . GLN A 1 175 ? 16.350  19.330  -1.155  1.00 34.67 ? 175 GLN A CG  1 
ATOM   1383 C  CD  . GLN A 1 175 ? 17.845  19.021  -1.166  1.00 38.80 ? 175 GLN A CD  1 
ATOM   1384 O  OE1 . GLN A 1 175 ? 18.557  19.353  -2.124  1.00 41.28 ? 175 GLN A OE1 1 
ATOM   1385 N  NE2 . GLN A 1 175 ? 18.330  18.390  -0.092  1.00 39.96 ? 175 GLN A NE2 1 
ATOM   1386 N  N   . PRO A 1 176 ? 16.112  15.745  -0.766  1.00 31.11 ? 176 PRO A N   1 
ATOM   1387 C  CA  . PRO A 1 176 ? 15.765  15.090  0.503   1.00 31.28 ? 176 PRO A CA  1 
ATOM   1388 C  C   . PRO A 1 176 ? 15.614  16.092  1.634   1.00 31.83 ? 176 PRO A C   1 
ATOM   1389 O  O   . PRO A 1 176 ? 16.345  17.090  1.680   1.00 31.84 ? 176 PRO A O   1 
ATOM   1390 C  CB  . PRO A 1 176 ? 16.954  14.166  0.773   1.00 31.15 ? 176 PRO A CB  1 
ATOM   1391 C  CG  . PRO A 1 176 ? 18.037  14.615  -0.139  1.00 31.56 ? 176 PRO A CG  1 
ATOM   1392 C  CD  . PRO A 1 176 ? 17.402  15.270  -1.305  1.00 30.80 ? 176 PRO A CD  1 
ATOM   1393 N  N   . HIS A 1 177 ? 14.646  15.845  2.518   1.00 32.03 ? 177 HIS A N   1 
ATOM   1394 C  CA  . HIS A 1 177 ? 14.501  16.626  3.743   1.00 32.30 ? 177 HIS A CA  1 
ATOM   1395 C  C   . HIS A 1 177 ? 15.684  16.343  4.659   1.00 32.71 ? 177 HIS A C   1 
ATOM   1396 O  O   . HIS A 1 177 ? 16.224  15.233  4.657   1.00 32.80 ? 177 HIS A O   1 
ATOM   1397 C  CB  . HIS A 1 177 ? 13.182  16.299  4.459   1.00 32.02 ? 177 HIS A CB  1 
ATOM   1398 C  CG  . HIS A 1 177 ? 11.964  16.837  3.770   1.00 31.55 ? 177 HIS A CG  1 
ATOM   1399 N  ND1 . HIS A 1 177 ? 10.697  16.346  4.010   1.00 30.85 ? 177 HIS A ND1 1 
ATOM   1400 C  CD2 . HIS A 1 177 ? 11.817  17.818  2.847   1.00 30.62 ? 177 HIS A CD2 1 
ATOM   1401 C  CE1 . HIS A 1 177 ? 9.823   17.004  3.271   1.00 30.66 ? 177 HIS A CE1 1 
ATOM   1402 N  NE2 . HIS A 1 177 ? 10.476  17.902  2.557   1.00 31.09 ? 177 HIS A NE2 1 
ATOM   1403 N  N   . THR A 1 178 ? 16.094  17.355  5.419   1.00 33.48 ? 178 THR A N   1 
ATOM   1404 C  CA  . THR A 1 178 ? 17.174  17.233  6.404   1.00 33.97 ? 178 THR A CA  1 
ATOM   1405 C  C   . THR A 1 178 ? 16.920  16.041  7.322   1.00 33.71 ? 178 THR A C   1 
ATOM   1406 O  O   . THR A 1 178 ? 15.816  15.893  7.849   1.00 34.30 ? 178 THR A O   1 
ATOM   1407 C  CB  . THR A 1 178 ? 17.275  18.525  7.265   1.00 34.26 ? 178 THR A CB  1 
ATOM   1408 O  OG1 . THR A 1 178 ? 17.345  19.666  6.403   1.00 35.58 ? 178 THR A OG1 1 
ATOM   1409 C  CG2 . THR A 1 178 ? 18.509  18.502  8.178   1.00 35.13 ? 178 THR A CG2 1 
ATOM   1410 N  N   . ASP A 1 179 ? 17.935  15.194  7.485   1.00 33.54 ? 179 ASP A N   1 
ATOM   1411 C  CA  . ASP A 1 179 ? 17.900  14.033  8.391   1.00 33.34 ? 179 ASP A CA  1 
ATOM   1412 C  C   . ASP A 1 179 ? 16.931  12.908  7.992   1.00 32.56 ? 179 ASP A C   1 
ATOM   1413 O  O   . ASP A 1 179 ? 16.783  11.931  8.736   1.00 32.56 ? 179 ASP A O   1 
ATOM   1414 C  CB  . ASP A 1 179 ? 17.654  14.464  9.854   1.00 34.33 ? 179 ASP A CB  1 
ATOM   1415 C  CG  . ASP A 1 179 ? 18.825  15.254  10.445  1.00 36.29 ? 179 ASP A CG  1 
ATOM   1416 O  OD1 . ASP A 1 179 ? 19.985  14.789  10.347  1.00 37.31 ? 179 ASP A OD1 1 
ATOM   1417 O  OD2 . ASP A 1 179 ? 18.573  16.344  11.008  1.00 38.87 ? 179 ASP A OD2 1 
ATOM   1418 N  N   . ALA A 1 180 ? 16.281  13.038  6.831   1.00 31.17 ? 180 ALA A N   1 
ATOM   1419 C  CA  . ALA A 1 180 ? 15.435  11.965  6.309   1.00 29.97 ? 180 ALA A CA  1 
ATOM   1420 C  C   . ALA A 1 180 ? 16.287  10.772  5.882   1.00 29.55 ? 180 ALA A C   1 
ATOM   1421 O  O   . ALA A 1 180 ? 17.358  10.938  5.301   1.00 29.75 ? 180 ALA A O   1 
ATOM   1422 C  CB  . ALA A 1 180 ? 14.573  12.460  5.167   1.00 29.69 ? 180 ALA A CB  1 
ATOM   1423 N  N   . VAL A 1 181 ? 15.822  9.571   6.205   1.00 28.72 ? 181 VAL A N   1 
ATOM   1424 C  CA  . VAL A 1 181 ? 16.563  8.349   5.915   1.00 28.51 ? 181 VAL A CA  1 
ATOM   1425 C  C   . VAL A 1 181 ? 16.293  7.919   4.478   1.00 28.47 ? 181 VAL A C   1 
ATOM   1426 O  O   . VAL A 1 181 ? 15.138  7.754   4.082   1.00 26.25 ? 181 VAL A O   1 
ATOM   1427 C  CB  . VAL A 1 181 ? 16.170  7.191   6.878   1.00 28.69 ? 181 VAL A CB  1 
ATOM   1428 C  CG1 . VAL A 1 181 ? 16.836  5.869   6.463   1.00 28.76 ? 181 VAL A CG1 1 
ATOM   1429 C  CG2 . VAL A 1 181 ? 16.528  7.541   8.327   1.00 28.73 ? 181 VAL A CG2 1 
ATOM   1430 N  N   . GLU A 1 182 ? 17.365  7.745   3.705   1.00 28.64 ? 182 GLU A N   1 
ATOM   1431 C  CA  . GLU A 1 182 ? 17.253  7.114   2.404   1.00 29.84 ? 182 GLU A CA  1 
ATOM   1432 C  C   . GLU A 1 182 ? 17.043  5.614   2.617   1.00 30.35 ? 182 GLU A C   1 
ATOM   1433 O  O   . GLU A 1 182 ? 17.872  4.961   3.252   1.00 30.20 ? 182 GLU A O   1 
ATOM   1434 C  CB  . GLU A 1 182 ? 18.507  7.368   1.566   1.00 29.97 ? 182 GLU A CB  1 
ATOM   1435 C  CG  . GLU A 1 182 ? 18.402  6.806   0.155   1.00 31.53 ? 182 GLU A CG  1 
ATOM   1436 C  CD  . GLU A 1 182 ? 19.619  7.137   -0.689  1.00 34.41 ? 182 GLU A CD  1 
ATOM   1437 O  OE1 . GLU A 1 182 ? 19.747  8.300   -1.126  1.00 35.01 ? 182 GLU A OE1 1 
ATOM   1438 O  OE2 . GLU A 1 182 ? 20.449  6.231   -0.897  1.00 36.06 ? 182 GLU A OE2 1 
ATOM   1439 N  N   . VAL A 1 183 ? 15.935  5.086   2.098   1.00 31.26 ? 183 VAL A N   1 
ATOM   1440 C  CA  . VAL A 1 183 ? 15.603  3.658   2.231   1.00 32.97 ? 183 VAL A CA  1 
ATOM   1441 C  C   . VAL A 1 183 ? 15.906  2.894   0.941   1.00 35.10 ? 183 VAL A C   1 
ATOM   1442 O  O   . VAL A 1 183 ? 15.310  3.152   -0.103  1.00 34.76 ? 183 VAL A O   1 
ATOM   1443 C  CB  . VAL A 1 183 ? 14.117  3.424   2.655   1.00 32.63 ? 183 VAL A CB  1 
ATOM   1444 C  CG1 . VAL A 1 183 ? 13.746  1.933   2.584   1.00 31.87 ? 183 VAL A CG1 1 
ATOM   1445 C  CG2 . VAL A 1 183 ? 13.873  3.959   4.064   1.00 31.77 ? 183 VAL A CG2 1 
ATOM   1446 N  N   . LEU A 1 184 ? 16.837  1.953   1.047   1.00 38.09 ? 184 LEU A N   1 
ATOM   1447 C  CA  . LEU A 1 184 ? 17.256  1.078   -0.052  1.00 41.08 ? 184 LEU A CA  1 
ATOM   1448 C  C   . LEU A 1 184 ? 16.123  0.184   -0.570  1.00 42.61 ? 184 LEU A C   1 
ATOM   1449 O  O   . LEU A 1 184 ? 15.470  -0.527  0.204   1.00 43.27 ? 184 LEU A O   1 
ATOM   1450 C  CB  . LEU A 1 184 ? 18.490  0.248   0.366   1.00 41.54 ? 184 LEU A CB  1 
ATOM   1451 C  CG  . LEU A 1 184 ? 18.658  -0.530  1.701   1.00 43.34 ? 184 LEU A CG  1 
ATOM   1452 C  CD1 . LEU A 1 184 ? 18.110  0.203   2.963   1.00 44.06 ? 184 LEU A CD1 1 
ATOM   1453 C  CD2 . LEU A 1 184 ? 18.118  -1.972  1.620   1.00 44.59 ? 184 LEU A CD2 1 
ATOM   1454 N  N   . GLU A 1 185 ? 15.899  0.245   -1.883  1.00 44.18 ? 185 GLU A N   1 
ATOM   1455 C  CA  . GLU A 1 185 ? 14.797  -0.452  -2.562  1.00 45.25 ? 185 GLU A CA  1 
ATOM   1456 C  C   . GLU A 1 185 ? 14.874  -1.977  -2.400  1.00 45.49 ? 185 GLU A C   1 
ATOM   1457 O  O   . GLU A 1 185 ? 15.754  -2.638  -2.968  1.00 45.64 ? 185 GLU A O   1 
ATOM   1458 C  CB  . GLU A 1 185 ? 14.779  -0.086  -4.059  1.00 45.83 ? 185 GLU A CB  1 
ATOM   1459 C  CG  . GLU A 1 185 ? 14.856  1.428   -4.373  1.00 47.31 ? 185 GLU A CG  1 
ATOM   1460 C  CD  . GLU A 1 185 ? 13.484  2.094   -4.489  1.00 49.41 ? 185 GLU A CD  1 
ATOM   1461 O  OE1 . GLU A 1 185 ? 12.456  1.413   -4.249  1.00 49.39 ? 185 GLU A OE1 1 
ATOM   1462 O  OE2 . GLU A 1 185 ? 13.439  3.303   -4.835  1.00 50.26 ? 185 GLU A OE2 1 
HETATM 1463 ZN ZN  . ZN  B 2 .   ? -0.690  2.924   -4.791  1.00 35.37 ? 350 ZN  A ZN  1 
HETATM 1464 C  C   . UDB C 3 .   ? 3.589   -1.564  -6.241  1.00 28.43 ? 192 UDB A C   1 
HETATM 1465 N  N   . UDB C 3 .   ? 5.622   -2.503  -7.014  1.00 30.14 ? 192 UDB A N   1 
HETATM 1466 O  O   . UDB C 3 .   ? 3.063   -2.671  -6.277  1.00 28.00 ? 192 UDB A O   1 
HETATM 1467 F  F1  . UDB C 3 .   ? 9.632   -7.787  -5.686  1.00 49.91 ? 192 UDB A F1  1 
HETATM 1468 F  F2  . UDB C 3 .   ? 12.159  -3.784  -5.978  1.00 49.40 ? 192 UDB A F2  1 
HETATM 1469 C  CA  . UDB C 3 .   ? 4.807   -1.313  -7.110  1.00 28.96 ? 192 UDB A CA  1 
HETATM 1470 C  CB  . UDB C 3 .   ? 4.470   -1.058  -8.589  1.00 29.11 ? 192 UDB A CB  1 
HETATM 1471 C  CAA . UDB C 3 .   ? 3.632   -2.198  -9.161  1.00 28.60 ? 192 UDB A CAA 1 
HETATM 1472 C  CAC . UDB C 3 .   ? 5.740   -0.952  -9.446  1.00 28.35 ? 192 UDB A CAC 1 
HETATM 1473 C  CAD . UDB C 3 .   ? 3.667   0.224   -8.741  1.00 28.61 ? 192 UDB A CAD 1 
HETATM 1474 C  CAG . UDB C 3 .   ? 6.895   -2.532  -6.658  1.00 31.26 ? 192 UDB A CAG 1 
HETATM 1475 O  OAH . UDB C 3 .   ? 7.522   -1.515  -6.395  1.00 31.19 ? 192 UDB A OAH 1 
HETATM 1476 N  NAI . UDB C 3 .   ? 7.349   -3.778  -6.670  1.00 34.05 ? 192 UDB A NAI 1 
HETATM 1477 C  CAJ . UDB C 3 .   ? 8.586   -4.366  -6.386  1.00 41.31 ? 192 UDB A CAJ 1 
HETATM 1478 C  CAK . UDB C 3 .   ? 8.542   -5.748  -6.175  1.00 43.07 ? 192 UDB A CAK 1 
HETATM 1479 C  CAL . UDB C 3 .   ? 9.698   -6.458  -5.894  1.00 47.12 ? 192 UDB A CAL 1 
HETATM 1480 C  CAM . UDB C 3 .   ? 10.921  -5.789  -5.837  1.00 47.19 ? 192 UDB A CAM 1 
HETATM 1481 C  CAN . UDB C 3 .   ? 10.969  -4.409  -6.050  1.00 47.07 ? 192 UDB A CAN 1 
HETATM 1482 C  CAP . UDB C 3 .   ? 9.801   -3.681  -6.333  1.00 44.31 ? 192 UDB A CAP 1 
HETATM 1483 N  NAS . UDB C 3 .   ? 3.094   -0.611  -5.437  1.00 28.10 ? 192 UDB A NAS 1 
HETATM 1484 C  CAT . UDB C 3 .   ? 1.920   -0.929  -4.630  1.00 26.58 ? 192 UDB A CAT 1 
HETATM 1485 C  CAU . UDB C 3 .   ? 0.714   -0.057  -4.915  1.00 25.53 ? 192 UDB A CAU 1 
HETATM 1486 O  OAV . UDB C 3 .   ? 0.432   0.329   -6.052  1.00 25.23 ? 192 UDB A OAV 1 
HETATM 1487 N  NAW . UDB C 3 .   ? -0.014  0.221   -3.829  1.00 22.55 ? 192 UDB A NAW 1 
HETATM 1488 O  OAX . UDB C 3 .   ? -1.172  0.992   -3.900  1.00 21.01 ? 192 UDB A OAX 1 
HETATM 1489 C  CAY . UDB C 3 .   ? 3.619   0.753   -5.273  1.00 27.98 ? 192 UDB A CAY 1 
HETATM 1490 C  CAZ . UDB C 3 .   ? 4.751   0.757   -4.239  1.00 28.45 ? 192 UDB A CAZ 1 
HETATM 1491 C  CBA . UDB C 3 .   ? 4.250   0.703   -2.800  1.00 28.70 ? 192 UDB A CBA 1 
HETATM 1492 C  CBB . UDB C 3 .   ? 5.260   1.490   -1.963  1.00 30.00 ? 192 UDB A CBB 1 
HETATM 1493 C  CBC . UDB C 3 .   ? 6.090   2.332   -2.928  1.00 28.76 ? 192 UDB A CBC 1 
HETATM 1494 C  CBD . UDB C 3 .   ? 5.577   2.045   -4.336  1.00 28.84 ? 192 UDB A CBD 1 
HETATM 1495 O  O   . HOH D 4 .   ? -3.837  6.241   9.586   1.00 10.31 ? 193 HOH A O   1 
HETATM 1496 O  O   . HOH D 4 .   ? -0.201  6.919   5.797   1.00 18.72 ? 194 HOH A O   1 
HETATM 1497 O  O   . HOH D 4 .   ? 4.353   -11.549 7.650   1.00 22.47 ? 195 HOH A O   1 
HETATM 1498 O  O   . HOH D 4 .   ? -5.996  -10.998 7.954   1.00 15.43 ? 196 HOH A O   1 
HETATM 1499 O  O   . HOH D 4 .   ? -16.342 -6.103  -0.508  1.00 14.08 ? 197 HOH A O   1 
HETATM 1500 O  O   . HOH D 4 .   ? -2.023  -12.944 5.154   1.00 28.10 ? 198 HOH A O   1 
HETATM 1501 O  O   . HOH D 4 .   ? 7.273   -5.669  11.579  1.00 16.16 ? 199 HOH A O   1 
HETATM 1502 O  O   . HOH D 4 .   ? 12.458  10.216  15.109  1.00 12.65 ? 200 HOH A O   1 
HETATM 1503 O  O   . HOH D 4 .   ? -1.198  -10.199 2.031   1.00 21.57 ? 201 HOH A O   1 
HETATM 1504 O  O   . HOH D 4 .   ? 3.350   4.210   -11.227 1.00 28.05 ? 202 HOH A O   1 
HETATM 1505 O  O   . HOH D 4 .   ? 0.449   7.976   -1.069  1.00 16.16 ? 203 HOH A O   1 
HETATM 1506 O  O   . HOH D 4 .   ? 10.325  8.523   -2.455  1.00 15.95 ? 204 HOH A O   1 
HETATM 1507 O  O   . HOH D 4 .   ? -18.734 -2.994  6.908   1.00 24.27 ? 205 HOH A O   1 
HETATM 1508 O  O   . HOH D 4 .   ? -1.483  6.268   -1.941  1.00 15.87 ? 206 HOH A O   1 
HETATM 1509 O  O   . HOH D 4 .   ? -6.774  6.217   -3.304  1.00 18.49 ? 207 HOH A O   1 
HETATM 1510 O  O   . HOH D 4 .   ? 13.638  13.391  8.978   1.00 20.11 ? 208 HOH A O   1 
HETATM 1511 O  O   . HOH D 4 .   ? -5.211  -12.512 -8.960  1.00 25.23 ? 209 HOH A O   1 
HETATM 1512 O  O   . HOH D 4 .   ? 4.769   1.193   19.214  1.00 19.41 ? 210 HOH A O   1 
HETATM 1513 O  O   . HOH D 4 .   ? 3.930   -15.503 -5.894  1.00 19.53 ? 211 HOH A O   1 
HETATM 1514 O  O   . HOH D 4 .   ? 9.732   -3.201  9.882   1.00 18.79 ? 212 HOH A O   1 
HETATM 1515 O  O   . HOH D 4 .   ? -3.799  -4.364  19.161  1.00 23.20 ? 213 HOH A O   1 
HETATM 1516 O  O   . HOH D 4 .   ? 6.089   6.960   -10.516 1.00 22.25 ? 214 HOH A O   1 
HETATM 1517 O  O   . HOH D 4 .   ? -17.538 0.804   -2.764  1.00 22.83 ? 215 HOH A O   1 
HETATM 1518 O  O   . HOH D 4 .   ? -6.713  4.960   8.731   1.00 22.82 ? 216 HOH A O   1 
HETATM 1519 O  O   . HOH D 4 .   ? -4.837  -14.817 -0.884  1.00 18.92 ? 217 HOH A O   1 
HETATM 1520 O  O   . HOH D 4 .   ? 9.123   7.073   -0.456  1.00 17.35 ? 218 HOH A O   1 
HETATM 1521 O  O   . HOH D 4 .   ? 3.120   9.153   4.523   1.00 23.66 ? 219 HOH A O   1 
HETATM 1522 O  O   . HOH D 4 .   ? -12.484 4.939   -1.821  1.00 21.11 ? 220 HOH A O   1 
HETATM 1523 O  O   . HOH D 4 .   ? 14.965  2.769   8.149   1.00 21.04 ? 221 HOH A O   1 
HETATM 1524 O  O   . HOH D 4 .   ? 0.720   12.603  12.547  1.00 31.81 ? 222 HOH A O   1 
HETATM 1525 O  O   . HOH D 4 .   ? -3.438  9.412   4.703   1.00 22.89 ? 223 HOH A O   1 
HETATM 1526 O  O   . HOH D 4 .   ? -8.743  -1.352  14.057  1.00 34.75 ? 224 HOH A O   1 
HETATM 1527 O  O   . HOH D 4 .   ? -17.123 2.170   -5.236  1.00 32.42 ? 225 HOH A O   1 
HETATM 1528 O  O   . HOH D 4 .   ? 13.858  -1.086  5.143   1.00 21.55 ? 226 HOH A O   1 
HETATM 1529 O  O   . HOH D 4 .   ? -2.763  -7.025  19.076  0.50 19.39 ? 227 HOH A O   1 
HETATM 1530 O  O   . HOH D 4 .   ? -7.440  -12.305 -7.183  1.00 16.75 ? 228 HOH A O   1 
HETATM 1531 O  O   . HOH D 4 .   ? -12.602 -2.263  -10.768 1.00 27.23 ? 229 HOH A O   1 
HETATM 1532 O  O   . HOH D 4 .   ? -18.874 -5.552  7.377   1.00 22.20 ? 230 HOH A O   1 
HETATM 1533 O  O   . HOH D 4 .   ? 8.255   -5.386  17.401  1.00 20.21 ? 231 HOH A O   1 
HETATM 1534 O  O   . HOH D 4 .   ? -2.934  -11.399 7.239   1.00 26.53 ? 232 HOH A O   1 
HETATM 1535 O  O   . HOH D 4 .   ? -11.984 -10.564 -21.275 1.00 24.54 ? 233 HOH A O   1 
HETATM 1536 O  O   . HOH D 4 .   ? -14.366 -10.866 10.306  1.00 22.01 ? 234 HOH A O   1 
HETATM 1537 O  O   . HOH D 4 .   ? 13.589  6.663   12.867  1.00 24.16 ? 235 HOH A O   1 
HETATM 1538 O  O   . HOH D 4 .   ? -8.952  9.804   -9.167  1.00 25.36 ? 236 HOH A O   1 
HETATM 1539 O  O   . HOH D 4 .   ? -0.444  6.384   -4.434  1.00 18.65 ? 237 HOH A O   1 
HETATM 1540 O  O   . HOH D 4 .   ? 7.468   14.397  0.299   1.00 23.92 ? 238 HOH A O   1 
HETATM 1541 O  O   . HOH D 4 .   ? -11.740 -1.813  13.705  1.00 21.43 ? 239 HOH A O   1 
HETATM 1542 O  O   . HOH D 4 .   ? 2.050   3.426   19.890  1.00 25.51 ? 240 HOH A O   1 
HETATM 1543 O  O   . HOH D 4 .   ? 3.845   -17.435 -18.437 1.00 30.40 ? 241 HOH A O   1 
HETATM 1544 O  O   . HOH D 4 .   ? 14.272  12.187  15.428  1.00 32.18 ? 242 HOH A O   1 
HETATM 1545 O  O   . HOH D 4 .   ? -6.502  -8.024  -17.661 1.00 34.32 ? 243 HOH A O   1 
HETATM 1546 O  O   . HOH D 4 .   ? -9.843  -5.302  20.923  1.00 32.80 ? 244 HOH A O   1 
HETATM 1547 O  O   . HOH D 4 .   ? -21.466 -5.954  7.646   1.00 30.34 ? 245 HOH A O   1 
HETATM 1548 O  O   . HOH D 4 .   ? -11.297 -14.883 -2.703  1.00 22.14 ? 246 HOH A O   1 
HETATM 1549 O  O   . HOH D 4 .   ? -0.939  -16.050 5.646   0.50 55.71 ? 247 HOH A O   1 
HETATM 1550 O  O   . HOH D 4 .   ? -17.532 -15.616 7.584   1.00 26.38 ? 248 HOH A O   1 
HETATM 1551 O  O   . HOH D 4 .   ? -8.250  -8.749  -20.238 1.00 27.97 ? 249 HOH A O   1 
HETATM 1552 O  O   . HOH D 4 .   ? -8.365  -14.638 -6.742  1.00 27.93 ? 250 HOH A O   1 
HETATM 1553 O  O   . HOH D 4 .   ? -8.863  2.490   9.025   1.00 23.66 ? 251 HOH A O   1 
HETATM 1554 O  O   . HOH D 4 .   ? -13.433 -7.784  15.966  1.00 26.16 ? 252 HOH A O   1 
HETATM 1555 O  O   . HOH D 4 .   ? -9.675  -9.900  -13.932 1.00 30.07 ? 253 HOH A O   1 
HETATM 1556 O  O   . HOH D 4 .   ? 9.605   -7.107  10.790  1.00 20.56 ? 254 HOH A O   1 
HETATM 1557 O  O   . HOH D 4 .   ? -6.130  7.552   8.339   1.00 34.41 ? 255 HOH A O   1 
HETATM 1558 O  O   . HOH D 4 .   ? -17.561 -3.570  13.956  1.00 31.93 ? 256 HOH A O   1 
HETATM 1559 O  O   . HOH D 4 .   ? 14.754  18.581  -7.463  1.00 22.34 ? 257 HOH A O   1 
HETATM 1560 O  O   . HOH D 4 .   ? -16.243 5.069   7.895   1.00 25.87 ? 258 HOH A O   1 
HETATM 1561 O  O   . HOH D 4 .   ? -18.681 -8.247  -4.826  1.00 53.01 ? 259 HOH A O   1 
HETATM 1562 O  O   . HOH D 4 .   ? -16.145 2.470   -12.371 1.00 38.92 ? 260 HOH A O   1 
HETATM 1563 O  O   . HOH D 4 .   ? -20.483 -7.293  1.631   1.00 25.63 ? 261 HOH A O   1 
HETATM 1564 O  O   . HOH D 4 .   ? 7.890   -6.262  14.908  1.00 19.13 ? 262 HOH A O   1 
HETATM 1565 O  O   . HOH D 4 .   ? -0.201  10.877  4.021   1.00 24.88 ? 263 HOH A O   1 
HETATM 1566 O  O   . HOH D 4 .   ? -3.759  7.824   12.041  1.00 26.54 ? 264 HOH A O   1 
HETATM 1567 O  O   . HOH D 4 .   ? -2.075  7.638   7.761   1.00 28.86 ? 265 HOH A O   1 
HETATM 1568 O  O   . HOH D 4 .   ? 10.796  -7.794  3.273   1.00 26.89 ? 266 HOH A O   1 
HETATM 1569 O  O   . HOH D 4 .   ? -15.410 -13.516 11.206  1.00 27.28 ? 267 HOH A O   1 
HETATM 1570 O  O   . HOH D 4 .   ? 9.444   15.803  -3.116  1.00 30.19 ? 268 HOH A O   1 
HETATM 1571 O  O   . HOH D 4 .   ? -10.587 5.757   -0.212  1.00 19.97 ? 269 HOH A O   1 
HETATM 1572 O  O   . HOH D 4 .   ? -18.162 1.937   1.074   1.00 29.57 ? 270 HOH A O   1 
HETATM 1573 O  O   . HOH D 4 .   ? 7.649   12.416  10.293  1.00 25.40 ? 271 HOH A O   1 
HETATM 1574 O  O   . HOH D 4 .   ? 6.537   7.104   -17.265 1.00 33.25 ? 272 HOH A O   1 
HETATM 1575 O  O   . HOH D 4 .   ? -10.444 3.234   -14.232 1.00 33.23 ? 273 HOH A O   1 
HETATM 1576 O  O   . HOH D 4 .   ? 14.424  13.817  12.460  1.00 40.59 ? 274 HOH A O   1 
HETATM 1577 O  O   . HOH D 4 .   ? 5.875   14.192  2.663   1.00 37.91 ? 275 HOH A O   1 
HETATM 1578 O  O   . HOH D 4 .   ? 10.852  -14.964 6.609   1.00 40.53 ? 276 HOH A O   1 
HETATM 1579 O  O   . HOH D 4 .   ? -16.986 6.206   -7.549  1.00 32.98 ? 277 HOH A O   1 
HETATM 1580 O  O   . HOH D 4 .   ? -1.935  -17.776 -1.870  1.00 32.46 ? 278 HOH A O   1 
HETATM 1581 O  O   . HOH D 4 .   ? -0.103  9.420   9.305   1.00 40.86 ? 279 HOH A O   1 
HETATM 1582 O  O   . HOH D 4 .   ? -5.443  -3.816  17.131  1.00 25.77 ? 280 HOH A O   1 
HETATM 1583 O  O   . HOH D 4 .   ? 5.872   -11.933 1.585   1.00 29.29 ? 281 HOH A O   1 
HETATM 1584 O  O   . HOH D 4 .   ? 9.218   -13.975 1.005   1.00 31.18 ? 282 HOH A O   1 
HETATM 1585 O  O   . HOH D 4 .   ? -21.856 -12.880 4.767   1.00 25.75 ? 283 HOH A O   1 
HETATM 1586 O  O   . HOH D 4 .   ? 8.466   0.827   14.321  1.00 27.20 ? 284 HOH A O   1 
HETATM 1587 O  O   . HOH D 4 .   ? 19.822  8.087   4.456   1.00 33.61 ? 285 HOH A O   1 
HETATM 1588 O  O   . HOH D 4 .   ? 13.737  17.974  7.905   1.00 39.86 ? 286 HOH A O   1 
HETATM 1589 O  O   . HOH D 4 .   ? -17.581 4.783   -3.788  1.00 34.90 ? 287 HOH A O   1 
HETATM 1590 O  O   . HOH D 4 .   ? -13.692 -4.908  -7.745  1.00 24.63 ? 288 HOH A O   1 
HETATM 1591 O  O   . HOH D 4 .   ? 9.974   16.561  -0.764  1.00 28.42 ? 289 HOH A O   1 
HETATM 1592 O  O   . HOH D 4 .   ? -1.730  16.166  -6.123  1.00 24.89 ? 290 HOH A O   1 
HETATM 1593 O  O   . HOH D 4 .   ? 5.774   -12.946 -1.720  1.00 39.61 ? 291 HOH A O   1 
HETATM 1594 O  O   . HOH D 4 .   ? -19.035 -13.579 8.355   1.00 41.19 ? 292 HOH A O   1 
HETATM 1595 O  O   . HOH D 4 .   ? 20.870  -13.172 2.811   1.00 41.63 ? 293 HOH A O   1 
HETATM 1596 O  O   . HOH D 4 .   ? -17.723 -0.715  5.235   1.00 30.32 ? 294 HOH A O   1 
HETATM 1597 O  O   . HOH D 4 .   ? -10.209 2.916   11.215  1.00 36.36 ? 295 HOH A O   1 
HETATM 1598 O  O   . HOH D 4 .   ? -16.095 -10.882 -3.212  1.00 36.81 ? 296 HOH A O   1 
HETATM 1599 O  O   . HOH D 4 .   ? 19.139  11.669  2.856   1.00 43.69 ? 297 HOH A O   1 
HETATM 1600 O  O   . HOH D 4 .   ? 16.441  3.692   10.184  1.00 35.79 ? 298 HOH A O   1 
HETATM 1601 O  O   . HOH D 4 .   ? 11.296  -5.016  3.465   1.00 23.63 ? 299 HOH A O   1 
HETATM 1602 O  O   . HOH D 4 .   ? 6.560   3.835   15.969  1.00 39.65 ? 300 HOH A O   1 
HETATM 1603 O  O   . HOH D 4 .   ? 15.162  -1.472  2.758   1.00 56.14 ? 301 HOH A O   1 
HETATM 1604 O  O   . HOH D 4 .   ? -3.687  -12.437 11.289  1.00 27.01 ? 302 HOH A O   1 
HETATM 1605 O  O   . HOH D 4 .   ? 11.026  23.677  -1.753  1.00 45.20 ? 303 HOH A O   1 
HETATM 1606 O  O   . HOH D 4 .   ? 9.991   -5.307  -2.782  1.00 42.19 ? 304 HOH A O   1 
HETATM 1607 O  O   . HOH D 4 .   ? -2.831  2.910   -13.981 1.00 56.24 ? 305 HOH A O   1 
HETATM 1608 O  O   . HOH D 4 .   ? -13.220 9.111   9.609   1.00 63.53 ? 306 HOH A O   1 
HETATM 1609 O  O   . HOH D 4 .   ? 6.842   -18.873 -11.998 1.00 42.12 ? 307 HOH A O   1 
HETATM 1610 O  O   . HOH D 4 .   ? -4.511  2.190   -17.738 1.00 60.62 ? 308 HOH A O   1 
HETATM 1611 O  O   . HOH D 4 .   ? -4.045  -8.019  -16.519 1.00 28.96 ? 309 HOH A O   1 
HETATM 1612 O  O   . HOH D 4 .   ? 12.102  -5.153  7.096   1.00 26.41 ? 310 HOH A O   1 
HETATM 1613 O  O   . HOH D 4 .   ? 16.352  2.303   12.358  1.00 79.48 ? 311 HOH A O   1 
HETATM 1614 O  O   . HOH D 4 .   ? -15.951 -17.499 0.958   1.00 63.51 ? 312 HOH A O   1 
HETATM 1615 O  O   . HOH D 4 .   ? 0.785   6.054   21.227  1.00 19.27 ? 313 HOH A O   1 
# 
